data_4ADQ
#
_entry.id   4ADQ
#
_cell.length_a   234.750
_cell.length_b   234.750
_cell.length_c   96.040
_cell.angle_alpha   90.00
_cell.angle_beta   90.00
_cell.angle_gamma   120.00
#
_symmetry.space_group_name_H-M   'H 3'
#
loop_
_entity.id
_entity.type
_entity.pdbx_description
1 polymer 'SECRETED PROTEIN BARF1'
2 polymer 'MACROPHAGE COLONY-STIMULATING FACTOR 1'
3 branched beta-D-mannopyranose-(1-4)-2-acetamido-2-deoxy-beta-D-glucopyranose-(1-4)-2-acetamido-2-deoxy-beta-D-glucopyranose
4 branched alpha-D-mannopyranose-(1-3)-beta-D-mannopyranose-(1-4)-2-acetamido-2-deoxy-beta-D-glucopyranose-(1-4)-2-acetamido-2-deoxy-beta-D-glucopyranose
#
loop_
_entity_poly.entity_id
_entity_poly.type
_entity_poly.pdbx_seq_one_letter_code
_entity_poly.pdbx_strand_id
1 'polypeptide(L)'
;VTAFLGERVTLTSYWRRVSLGPEIEVSWFKLGPGEEQVLIGRMHHDVIFIEWPFRGFFDIHRSANTFFLVVTAANISHDG
NYLCRMKLGETEVTKQEHLSVVKPLTLSVHSERSQFPDFSVLTVTCTVNAFPHPHVQWLMPEGVEPAPSAANGGVMKEKD
GSLSVAVDLSLPKPWHLPVTCVGKNDKEEAHGVYVSGYLSQKHHHHHH
;
A,B,C,D
2 'polypeptide(L)'
;GSHMKEVSEHCSHMIGNGHLKVLQQLIDSQMETSCQIAFEFVDQEQLDDPVCYLKKAFFLVQDIIDETMRFKDNTPNANA
TERLQELSNNLNSCFTKDYEEQNKACVRTFHETPLQLLEKIKNFFNETKNLLEKDWNIFTKNCNNSFAKCSSR
;
E,F,G,H
#
loop_
_chem_comp.id
_chem_comp.type
_chem_comp.name
_chem_comp.formula
BMA D-saccharide, beta linking beta-D-mannopyranose 'C6 H12 O6'
MAN D-saccharide, alpha linking alpha-D-mannopyranose 'C6 H12 O6'
NAG D-saccharide, beta linking 2-acetamido-2-deoxy-beta-D-glucopyranose 'C8 H15 N O6'
#
# COMPACT_ATOMS: atom_id res chain seq x y z
N VAL A 1 31.22 -19.68 1.23
CA VAL A 1 29.86 -19.63 0.73
C VAL A 1 29.82 -19.52 -0.79
N THR A 2 28.65 -19.74 -1.38
CA THR A 2 28.53 -19.89 -2.82
C THR A 2 27.36 -19.09 -3.40
N ALA A 3 27.51 -18.60 -4.63
CA ALA A 3 26.45 -17.88 -5.32
C ALA A 3 26.63 -17.88 -6.83
N PHE A 4 25.55 -17.66 -7.56
CA PHE A 4 25.57 -17.69 -9.02
C PHE A 4 25.79 -16.32 -9.65
N LEU A 5 26.21 -16.33 -10.92
CA LEU A 5 26.57 -15.11 -11.63
C LEU A 5 25.41 -14.12 -11.70
N GLY A 6 25.67 -12.89 -11.25
CA GLY A 6 24.68 -11.83 -11.28
C GLY A 6 23.89 -11.66 -9.98
N GLU A 7 23.82 -12.71 -9.19
CA GLU A 7 22.99 -12.73 -7.99
C GLU A 7 23.57 -11.84 -6.88
N ARG A 8 22.71 -11.38 -5.99
CA ARG A 8 23.14 -10.63 -4.82
C ARG A 8 23.66 -11.61 -3.76
N VAL A 9 24.81 -11.29 -3.16
CA VAL A 9 25.43 -12.17 -2.18
C VAL A 9 26.00 -11.40 -0.98
N THR A 10 25.98 -12.04 0.18
CA THR A 10 26.42 -11.40 1.41
C THR A 10 27.43 -12.23 2.21
N LEU A 11 28.64 -11.69 2.38
CA LEU A 11 29.63 -12.31 3.26
C LEU A 11 29.51 -11.64 4.62
N THR A 12 29.79 -12.40 5.69
CA THR A 12 29.59 -11.89 7.04
C THR A 12 30.81 -12.00 7.93
N SER A 13 30.87 -11.09 8.91
CA SER A 13 31.88 -11.11 9.96
C SER A 13 31.20 -10.55 11.20
N TYR A 14 31.85 -10.66 12.35
CA TYR A 14 31.24 -10.24 13.60
C TYR A 14 32.26 -9.97 14.68
N TRP A 15 31.83 -9.26 15.73
CA TRP A 15 32.67 -9.06 16.89
C TRP A 15 32.29 -10.07 17.97
N ARG A 16 33.30 -10.74 18.53
CA ARG A 16 33.07 -11.80 19.50
C ARG A 16 32.17 -11.34 20.65
N ARG A 17 32.56 -10.25 21.31
CA ARG A 17 31.75 -9.70 22.39
C ARG A 17 30.51 -9.04 21.82
N VAL A 18 29.34 -9.48 22.27
CA VAL A 18 28.07 -9.03 21.71
C VAL A 18 27.69 -7.60 22.10
N SER A 19 28.35 -7.06 23.13
CA SER A 19 28.04 -5.72 23.63
C SER A 19 28.31 -4.62 22.61
N LEU A 20 29.27 -4.84 21.72
CA LEU A 20 29.79 -3.77 20.86
C LEU A 20 29.43 -3.96 19.38
N GLY A 21 29.14 -2.86 18.70
CA GLY A 21 28.85 -2.91 17.28
C GLY A 21 29.43 -1.73 16.50
N PRO A 22 28.84 -0.53 16.69
CA PRO A 22 29.31 0.68 16.00
C PRO A 22 30.76 1.04 16.35
N GLU A 23 31.17 0.72 17.57
CA GLU A 23 32.48 1.11 18.07
C GLU A 23 33.60 0.48 17.26
N ILE A 24 33.31 -0.67 16.67
CA ILE A 24 34.32 -1.41 15.93
C ILE A 24 34.65 -0.74 14.60
N GLU A 25 35.94 -0.57 14.33
CA GLU A 25 36.38 -0.09 13.03
C GLU A 25 36.53 -1.27 12.08
N VAL A 26 35.52 -1.47 11.23
CA VAL A 26 35.51 -2.57 10.27
C VAL A 26 36.12 -2.12 8.95
N SER A 27 36.81 -3.03 8.28
CA SER A 27 37.38 -2.77 6.97
C SER A 27 37.54 -4.06 6.19
N TRP A 28 36.97 -4.08 4.97
CA TRP A 28 36.98 -5.27 4.13
C TRP A 28 38.03 -5.17 3.02
N PHE A 29 38.52 -6.31 2.58
CA PHE A 29 39.57 -6.35 1.56
C PHE A 29 39.26 -7.47 0.57
N LYS A 30 39.67 -7.30 -0.68
CA LYS A 30 39.53 -8.35 -1.68
C LYS A 30 40.93 -8.95 -1.86
N LEU A 31 41.07 -10.25 -1.62
CA LEU A 31 42.39 -10.90 -1.72
C LEU A 31 42.79 -11.36 -3.10
N GLY A 32 43.58 -10.53 -3.78
CA GLY A 32 44.19 -10.90 -5.05
C GLY A 32 45.28 -11.91 -4.79
N PRO A 33 45.85 -12.50 -5.86
CA PRO A 33 46.88 -13.53 -5.68
C PRO A 33 48.08 -13.04 -4.90
N GLY A 34 48.72 -13.95 -4.18
CA GLY A 34 49.83 -13.61 -3.31
C GLY A 34 49.34 -13.03 -1.99
N GLU A 35 48.11 -13.34 -1.62
CA GLU A 35 47.52 -12.83 -0.39
C GLU A 35 47.59 -11.30 -0.33
N GLU A 36 47.53 -10.68 -1.51
CA GLU A 36 47.54 -9.23 -1.62
C GLU A 36 46.20 -8.69 -1.11
N GLN A 37 46.23 -7.50 -0.54
CA GLN A 37 45.02 -6.91 0.03
C GLN A 37 44.59 -5.62 -0.64
N VAL A 38 43.45 -5.66 -1.32
CA VAL A 38 42.87 -4.48 -1.95
C VAL A 38 41.71 -3.97 -1.11
N LEU A 39 41.82 -2.73 -0.64
CA LEU A 39 40.77 -2.14 0.20
C LEU A 39 39.46 -1.95 -0.56
N ILE A 40 38.40 -2.58 -0.07
CA ILE A 40 37.08 -2.42 -0.65
C ILE A 40 36.34 -1.24 -0.02
N GLY A 41 36.25 -1.23 1.32
CA GLY A 41 35.55 -0.17 2.03
C GLY A 41 35.72 -0.24 3.53
N ARG A 42 35.33 0.83 4.22
CA ARG A 42 35.48 0.93 5.67
C ARG A 42 34.17 1.35 6.35
N MET A 43 34.05 1.04 7.65
CA MET A 43 32.87 1.42 8.42
C MET A 43 33.25 1.72 9.87
N HIS A 44 32.64 2.76 10.44
CA HIS A 44 32.86 3.11 11.85
C HIS A 44 31.74 4.02 12.34
N HIS A 45 31.09 3.62 13.43
CA HIS A 45 29.94 4.35 13.97
C HIS A 45 28.86 4.53 12.90
N ASP A 46 28.64 3.48 12.11
CA ASP A 46 27.64 3.51 11.05
C ASP A 46 27.95 4.56 9.98
N VAL A 47 29.21 4.97 9.91
CA VAL A 47 29.69 5.82 8.82
C VAL A 47 30.43 4.93 7.84
N ILE A 48 29.83 4.73 6.66
CA ILE A 48 30.41 3.83 5.67
C ILE A 48 31.01 4.59 4.50
N PHE A 49 32.10 4.06 3.96
CA PHE A 49 32.74 4.63 2.78
C PHE A 49 33.40 3.54 1.95
N ILE A 50 32.85 3.31 0.76
CA ILE A 50 33.42 2.33 -0.16
C ILE A 50 34.40 3.03 -1.10
N GLU A 51 35.54 2.41 -1.35
CA GLU A 51 36.49 2.96 -2.31
C GLU A 51 35.85 3.00 -3.68
N TRP A 52 36.12 4.06 -4.43
CA TRP A 52 35.42 4.33 -5.67
C TRP A 52 35.45 3.19 -6.69
N PRO A 53 36.59 2.47 -6.78
CA PRO A 53 36.64 1.32 -7.68
C PRO A 53 35.51 0.31 -7.45
N PHE A 54 35.23 0.02 -6.18
CA PHE A 54 34.22 -0.96 -5.84
C PHE A 54 32.84 -0.35 -5.61
N ARG A 55 32.76 0.98 -5.67
CA ARG A 55 31.50 1.67 -5.46
C ARG A 55 30.46 1.13 -6.43
N GLY A 56 29.30 0.76 -5.90
CA GLY A 56 28.21 0.25 -6.72
C GLY A 56 28.22 -1.26 -6.89
N PHE A 57 29.39 -1.89 -6.74
CA PHE A 57 29.48 -3.34 -6.79
C PHE A 57 29.46 -3.93 -5.38
N PHE A 58 30.02 -3.19 -4.43
CA PHE A 58 30.04 -3.62 -3.03
C PHE A 58 29.43 -2.57 -2.12
N ASP A 59 28.88 -3.04 -1.00
CA ASP A 59 28.38 -2.15 0.04
C ASP A 59 28.60 -2.79 1.41
N ILE A 60 28.67 -1.97 2.44
CA ILE A 60 28.81 -2.46 3.80
C ILE A 60 27.66 -1.94 4.66
N HIS A 61 27.08 -2.82 5.47
CA HIS A 61 26.10 -2.41 6.47
C HIS A 61 26.18 -3.31 7.70
N ARG A 62 25.54 -2.88 8.79
CA ARG A 62 25.69 -3.53 10.09
C ARG A 62 24.36 -3.93 10.72
N SER A 63 24.41 -4.94 11.59
CA SER A 63 23.31 -5.27 12.48
C SER A 63 23.85 -5.87 13.77
N ALA A 64 23.74 -5.12 14.86
CA ALA A 64 24.24 -5.56 16.16
C ALA A 64 25.75 -5.79 16.17
N ASN A 65 26.18 -7.01 16.46
CA ASN A 65 27.60 -7.35 16.46
C ASN A 65 28.06 -7.84 15.09
N THR A 66 27.11 -7.97 14.16
CA THR A 66 27.38 -8.54 12.86
C THR A 66 27.69 -7.47 11.82
N PHE A 67 28.62 -7.78 10.91
CA PHE A 67 28.99 -6.87 9.84
C PHE A 67 28.85 -7.60 8.52
N PHE A 68 28.16 -6.97 7.56
CA PHE A 68 27.88 -7.60 6.28
C PHE A 68 28.61 -6.87 5.15
N LEU A 69 29.26 -7.65 4.29
CA LEU A 69 29.78 -7.14 3.02
C LEU A 69 28.86 -7.64 1.91
N VAL A 70 28.14 -6.71 1.28
CA VAL A 70 27.17 -7.10 0.26
C VAL A 70 27.68 -6.85 -1.16
N VAL A 71 27.83 -7.93 -1.92
CA VAL A 71 28.08 -7.83 -3.34
C VAL A 71 26.74 -7.68 -4.07
N THR A 72 26.51 -6.52 -4.67
CA THR A 72 25.21 -6.24 -5.29
C THR A 72 24.92 -7.24 -6.41
N ALA A 73 25.90 -7.48 -7.27
CA ALA A 73 25.79 -8.45 -8.34
C ALA A 73 27.15 -9.09 -8.59
N ALA A 74 27.25 -10.40 -8.41
CA ALA A 74 28.53 -11.09 -8.50
C ALA A 74 28.93 -11.37 -9.95
N ASN A 75 30.17 -11.00 -10.29
CA ASN A 75 30.78 -11.39 -11.56
C ASN A 75 32.05 -12.20 -11.30
N ILE A 76 32.56 -12.87 -12.34
CA ILE A 76 33.60 -13.87 -12.15
C ILE A 76 34.83 -13.32 -11.42
N SER A 77 35.16 -12.06 -11.67
CA SER A 77 36.31 -11.45 -11.02
C SER A 77 36.22 -11.57 -9.50
N HIS A 78 34.99 -11.57 -8.98
CA HIS A 78 34.77 -11.58 -7.54
C HIS A 78 35.13 -12.90 -6.87
N ASP A 79 35.12 -14.00 -7.63
CA ASP A 79 35.48 -15.29 -7.08
C ASP A 79 36.87 -15.23 -6.46
N GLY A 80 36.98 -15.67 -5.21
CA GLY A 80 38.26 -15.63 -4.51
C GLY A 80 38.06 -15.51 -3.01
N ASN A 81 39.08 -14.99 -2.34
CA ASN A 81 39.05 -14.86 -0.88
C ASN A 81 38.89 -13.41 -0.44
N TYR A 82 38.08 -13.20 0.59
CA TYR A 82 37.88 -11.87 1.14
C TYR A 82 38.26 -11.85 2.61
N LEU A 83 38.70 -10.70 3.09
CA LEU A 83 39.22 -10.56 4.44
C LEU A 83 38.57 -9.39 5.16
N CYS A 84 38.10 -9.64 6.38
CA CYS A 84 37.53 -8.60 7.22
C CYS A 84 38.41 -8.31 8.44
N ARG A 85 38.85 -7.06 8.56
CA ARG A 85 39.63 -6.65 9.72
C ARG A 85 38.80 -5.75 10.62
N MET A 86 38.71 -6.14 11.88
CA MET A 86 37.90 -5.43 12.86
C MET A 86 38.79 -4.97 13.99
N LYS A 87 38.74 -3.68 14.30
CA LYS A 87 39.69 -3.11 15.25
C LYS A 87 38.97 -2.34 16.36
N LEU A 88 39.36 -2.62 17.60
CA LEU A 88 38.90 -1.85 18.74
C LEU A 88 40.09 -1.38 19.56
N GLY A 89 40.45 -0.10 19.44
CA GLY A 89 41.58 0.44 20.17
C GLY A 89 42.90 -0.11 19.65
N GLU A 90 43.58 -0.90 20.48
CA GLU A 90 44.83 -1.56 20.09
C GLU A 90 44.59 -2.96 19.54
N THR A 91 43.50 -3.58 19.97
CA THR A 91 43.17 -4.95 19.57
C THR A 91 42.53 -5.01 18.19
N GLU A 92 42.88 -6.03 17.42
CA GLU A 92 42.28 -6.22 16.10
C GLU A 92 42.17 -7.70 15.75
N VAL A 93 41.09 -8.07 15.08
CA VAL A 93 40.87 -9.44 14.65
C VAL A 93 40.69 -9.52 13.14
N THR A 94 41.15 -10.62 12.55
CA THR A 94 41.01 -10.83 11.12
C THR A 94 40.18 -12.09 10.96
N LYS A 95 39.11 -12.00 10.18
CA LYS A 95 38.31 -13.17 9.87
C LYS A 95 38.35 -13.39 8.36
N GLN A 96 38.40 -14.64 7.90
CA GLN A 96 38.46 -14.90 6.47
C GLN A 96 37.28 -15.70 5.91
N GLU A 97 36.81 -15.29 4.73
CA GLU A 97 35.73 -15.96 4.02
C GLU A 97 36.10 -16.19 2.55
N HIS A 98 35.57 -17.27 1.98
CA HIS A 98 35.80 -17.60 0.57
C HIS A 98 34.51 -17.57 -0.23
N LEU A 99 34.43 -16.64 -1.18
CA LEU A 99 33.27 -16.55 -2.06
C LEU A 99 33.54 -17.27 -3.37
N SER A 100 32.77 -18.32 -3.62
CA SER A 100 32.80 -19.01 -4.90
C SER A 100 31.65 -18.53 -5.78
N VAL A 101 31.98 -17.89 -6.89
CA VAL A 101 30.98 -17.54 -7.88
C VAL A 101 30.85 -18.72 -8.84
N VAL A 102 29.65 -18.93 -9.36
CA VAL A 102 29.41 -20.02 -10.28
C VAL A 102 28.61 -19.53 -11.49
N LYS A 103 29.01 -20.00 -12.66
CA LYS A 103 28.24 -19.76 -13.89
C LYS A 103 27.58 -21.05 -14.36
N PRO A 104 26.24 -21.07 -14.38
CA PRO A 104 25.54 -22.28 -14.82
C PRO A 104 26.05 -22.74 -16.18
N LEU A 105 26.46 -24.00 -16.26
CA LEU A 105 27.08 -24.52 -17.45
C LEU A 105 26.16 -24.38 -18.65
N THR A 106 26.76 -24.21 -19.81
CA THR A 106 26.01 -24.11 -21.07
C THR A 106 26.56 -25.15 -22.03
N LEU A 107 25.84 -26.26 -22.15
CA LEU A 107 26.27 -27.34 -23.04
C LEU A 107 25.65 -27.12 -24.42
N SER A 108 26.44 -27.38 -25.45
CA SER A 108 26.01 -27.19 -26.82
C SER A 108 26.61 -28.27 -27.71
N VAL A 109 25.77 -28.84 -28.57
CA VAL A 109 26.21 -29.89 -29.48
C VAL A 109 25.93 -29.47 -30.91
N HIS A 110 26.87 -29.76 -31.81
CA HIS A 110 26.70 -29.43 -33.21
C HIS A 110 27.69 -30.25 -34.06
N SER A 111 27.27 -30.63 -35.27
CA SER A 111 28.06 -31.54 -36.10
C SER A 111 28.42 -30.98 -37.48
N GLU A 112 29.39 -31.63 -38.12
CA GLU A 112 29.77 -31.32 -39.50
C GLU A 112 30.36 -32.54 -40.19
N ARG A 113 30.11 -32.70 -41.49
CA ARG A 113 30.70 -33.81 -42.23
C ARG A 113 31.99 -33.36 -42.92
N SER A 114 32.96 -34.28 -42.97
CA SER A 114 34.25 -34.00 -43.62
C SER A 114 34.05 -33.56 -45.06
N GLN A 115 34.93 -32.69 -45.54
CA GLN A 115 34.87 -32.19 -46.91
C GLN A 115 35.99 -32.81 -47.74
N PHE A 116 36.79 -33.66 -47.11
CA PHE A 116 37.92 -34.30 -47.80
C PHE A 116 38.50 -35.39 -46.91
N PRO A 117 38.89 -36.53 -47.51
CA PRO A 117 38.84 -36.87 -48.93
C PRO A 117 37.44 -37.26 -49.41
N ASP A 118 36.51 -37.44 -48.48
CA ASP A 118 35.13 -37.79 -48.83
C ASP A 118 34.16 -37.14 -47.85
N PHE A 119 32.89 -37.48 -47.98
CA PHE A 119 31.86 -36.94 -47.10
C PHE A 119 31.29 -38.04 -46.21
N SER A 120 32.15 -38.93 -45.75
CA SER A 120 31.73 -40.08 -44.98
C SER A 120 32.00 -39.93 -43.48
N VAL A 121 32.96 -39.09 -43.12
CA VAL A 121 33.32 -38.89 -41.72
C VAL A 121 32.53 -37.75 -41.10
N LEU A 122 31.59 -38.09 -40.23
CA LEU A 122 30.80 -37.08 -39.52
C LEU A 122 31.43 -36.79 -38.16
N THR A 123 31.86 -35.54 -37.96
CA THR A 123 32.44 -35.13 -36.70
C THR A 123 31.46 -34.27 -35.90
N VAL A 124 31.08 -34.76 -34.73
CA VAL A 124 30.21 -34.03 -33.83
C VAL A 124 31.05 -33.29 -32.80
N THR A 125 30.54 -32.15 -32.34
CA THR A 125 31.25 -31.31 -31.38
C THR A 125 30.40 -31.03 -30.16
N CYS A 126 30.99 -31.25 -28.99
CA CYS A 126 30.30 -30.99 -27.74
C CYS A 126 31.03 -29.86 -27.02
N THR A 127 30.27 -28.82 -26.65
CA THR A 127 30.87 -27.62 -26.08
C THR A 127 30.18 -27.22 -24.79
N VAL A 128 30.98 -27.06 -23.74
CA VAL A 128 30.47 -26.61 -22.44
C VAL A 128 31.15 -25.34 -21.99
N ASN A 129 30.35 -24.31 -21.76
CA ASN A 129 30.85 -23.06 -21.20
C ASN A 129 30.33 -22.87 -19.77
N ALA A 130 31.24 -22.93 -18.80
CA ALA A 130 30.87 -22.84 -17.40
C ALA A 130 31.94 -22.16 -16.57
N PHE A 131 31.77 -22.21 -15.24
CA PHE A 131 32.77 -21.74 -14.29
C PHE A 131 32.41 -22.25 -12.90
N PRO A 132 33.42 -22.67 -12.13
CA PRO A 132 34.86 -22.51 -12.37
C PRO A 132 35.53 -23.69 -13.07
N HIS A 133 34.88 -24.85 -13.11
CA HIS A 133 35.53 -26.04 -13.66
C HIS A 133 34.64 -26.79 -14.65
N PRO A 134 34.61 -26.33 -15.92
CA PRO A 134 33.88 -27.01 -16.98
C PRO A 134 34.57 -28.30 -17.41
N HIS A 135 33.80 -29.29 -17.86
CA HIS A 135 34.40 -30.56 -18.30
C HIS A 135 33.51 -31.26 -19.32
N VAL A 136 34.12 -31.67 -20.43
CA VAL A 136 33.38 -32.38 -21.48
C VAL A 136 34.08 -33.70 -21.78
N GLN A 137 33.29 -34.74 -22.05
CA GLN A 137 33.84 -36.04 -22.39
C GLN A 137 32.83 -36.84 -23.22
N TRP A 138 33.29 -37.47 -24.29
CA TRP A 138 32.40 -38.31 -25.09
C TRP A 138 32.31 -39.73 -24.54
N LEU A 139 31.11 -40.30 -24.57
CA LEU A 139 30.88 -41.64 -24.04
C LEU A 139 30.98 -42.77 -25.07
N MET A 140 31.51 -43.90 -24.65
CA MET A 140 31.59 -45.09 -25.50
C MET A 140 30.93 -46.27 -24.79
N VAL A 155 41.08 -25.34 -23.79
CA VAL A 155 40.33 -24.45 -22.92
C VAL A 155 40.52 -22.99 -23.32
N MET A 156 39.42 -22.30 -23.58
CA MET A 156 39.46 -20.89 -23.94
C MET A 156 38.79 -20.07 -22.84
N LYS A 157 39.28 -18.85 -22.64
CA LYS A 157 38.68 -17.93 -21.68
C LYS A 157 37.82 -16.88 -22.38
N GLU A 158 36.60 -16.70 -21.89
CA GLU A 158 35.65 -15.77 -22.50
C GLU A 158 35.82 -14.37 -21.92
N LYS A 159 35.20 -13.40 -22.58
CA LYS A 159 35.27 -12.01 -22.12
C LYS A 159 34.53 -11.80 -20.79
N ASP A 160 33.50 -12.60 -20.55
CA ASP A 160 32.77 -12.54 -19.28
C ASP A 160 33.60 -13.12 -18.13
N GLY A 161 34.72 -13.76 -18.47
CA GLY A 161 35.61 -14.33 -17.48
C GLY A 161 35.38 -15.81 -17.23
N SER A 162 34.38 -16.38 -17.90
CA SER A 162 34.08 -17.80 -17.77
C SER A 162 35.05 -18.63 -18.61
N LEU A 163 34.90 -19.95 -18.57
CA LEU A 163 35.76 -20.84 -19.33
C LEU A 163 34.97 -21.75 -20.26
N SER A 164 35.37 -21.75 -21.53
CA SER A 164 34.77 -22.63 -22.53
C SER A 164 35.74 -23.76 -22.89
N VAL A 165 35.21 -24.97 -22.96
CA VAL A 165 35.98 -26.15 -23.36
C VAL A 165 35.12 -27.04 -24.25
N ALA A 166 35.75 -27.69 -25.22
CA ALA A 166 35.02 -28.47 -26.21
C ALA A 166 35.81 -29.69 -26.64
N VAL A 167 35.09 -30.74 -27.02
CA VAL A 167 35.72 -31.97 -27.49
C VAL A 167 35.03 -32.46 -28.76
N ASP A 168 35.82 -33.05 -29.64
CA ASP A 168 35.33 -33.48 -30.95
C ASP A 168 35.41 -35.00 -31.07
N LEU A 169 34.46 -35.58 -31.81
CA LEU A 169 34.42 -37.01 -32.02
C LEU A 169 34.18 -37.33 -33.49
N SER A 170 35.03 -38.16 -34.07
CA SER A 170 34.89 -38.53 -35.48
C SER A 170 34.17 -39.86 -35.63
N LEU A 171 33.22 -39.92 -36.56
CA LEU A 171 32.45 -41.13 -36.81
C LEU A 171 32.49 -41.53 -38.29
N PRO A 172 33.23 -42.59 -38.62
CA PRO A 172 33.23 -43.15 -39.98
C PRO A 172 31.95 -43.92 -40.30
N LYS A 173 31.53 -43.90 -41.56
CA LYS A 173 30.34 -44.64 -41.98
C LYS A 173 30.58 -46.14 -41.84
N PRO A 174 29.57 -46.87 -41.32
CA PRO A 174 28.25 -46.37 -40.93
C PRO A 174 28.30 -45.61 -39.61
N TRP A 175 27.54 -44.53 -39.51
CA TRP A 175 27.52 -43.71 -38.30
C TRP A 175 26.80 -44.45 -37.18
N HIS A 176 27.54 -44.75 -36.12
CA HIS A 176 27.02 -45.49 -34.98
C HIS A 176 26.22 -44.59 -34.03
N LEU A 177 25.12 -44.07 -34.53
CA LEU A 177 24.26 -43.21 -33.73
C LEU A 177 23.23 -44.06 -32.98
N PRO A 178 22.66 -43.51 -31.90
CA PRO A 178 22.95 -42.19 -31.32
C PRO A 178 24.30 -42.13 -30.60
N VAL A 179 24.79 -40.91 -30.37
CA VAL A 179 26.02 -40.71 -29.61
C VAL A 179 25.82 -39.66 -28.52
N THR A 180 26.44 -39.87 -27.36
CA THR A 180 26.18 -39.04 -26.19
C THR A 180 27.46 -38.43 -25.60
N CYS A 181 27.39 -37.14 -25.25
CA CYS A 181 28.48 -36.47 -24.55
C CYS A 181 28.04 -35.97 -23.18
N VAL A 182 28.90 -36.14 -22.19
CA VAL A 182 28.62 -35.67 -20.83
C VAL A 182 29.39 -34.40 -20.54
N GLY A 183 28.66 -33.34 -20.21
CA GLY A 183 29.25 -32.11 -19.75
C GLY A 183 28.90 -31.89 -18.29
N LYS A 184 29.80 -31.26 -17.54
CA LYS A 184 29.54 -31.02 -16.13
C LYS A 184 30.41 -29.91 -15.57
N ASN A 185 29.90 -29.25 -14.52
CA ASN A 185 30.61 -28.19 -13.84
C ASN A 185 30.74 -28.55 -12.37
N ASP A 186 31.83 -29.23 -12.01
CA ASP A 186 31.96 -29.83 -10.69
C ASP A 186 30.79 -30.76 -10.41
N LYS A 187 29.85 -30.28 -9.58
CA LYS A 187 28.74 -31.12 -9.14
C LYS A 187 27.53 -31.00 -10.08
N GLU A 188 27.44 -29.87 -10.77
CA GLU A 188 26.44 -29.68 -11.83
C GLU A 188 26.76 -30.63 -12.99
N GLU A 189 25.72 -31.09 -13.69
CA GLU A 189 25.90 -32.02 -14.79
C GLU A 189 24.75 -31.98 -15.81
N ALA A 190 25.08 -32.24 -17.08
CA ALA A 190 24.09 -32.24 -18.15
C ALA A 190 24.59 -33.07 -19.34
N HIS A 191 23.67 -33.59 -20.15
CA HIS A 191 24.01 -34.47 -21.25
C HIS A 191 23.55 -33.95 -22.61
N GLY A 192 24.28 -34.33 -23.66
CA GLY A 192 23.89 -34.04 -25.02
C GLY A 192 23.96 -35.28 -25.90
N VAL A 193 22.93 -35.50 -26.71
CA VAL A 193 22.90 -36.68 -27.59
C VAL A 193 22.57 -36.32 -29.03
N TYR A 194 23.50 -36.60 -29.94
CA TYR A 194 23.22 -36.47 -31.36
C TYR A 194 22.54 -37.75 -31.84
N VAL A 195 21.34 -37.61 -32.39
CA VAL A 195 20.52 -38.76 -32.73
C VAL A 195 20.62 -39.14 -34.20
N SER A 196 20.39 -38.18 -35.09
CA SER A 196 20.38 -38.46 -36.51
C SER A 196 20.86 -37.26 -37.33
N GLY A 197 21.51 -37.56 -38.46
CA GLY A 197 21.91 -36.54 -39.41
C GLY A 197 20.76 -36.20 -40.33
N TYR A 198 21.00 -35.26 -41.25
CA TYR A 198 19.97 -34.84 -42.19
C TYR A 198 19.75 -35.94 -43.23
N LEU A 199 20.80 -36.72 -43.48
CA LEU A 199 20.81 -37.68 -44.58
C LEU A 199 21.05 -39.10 -44.06
N VAL B 1 -28.15 22.21 -10.04
CA VAL B 1 -26.78 22.20 -9.51
C VAL B 1 -25.79 22.76 -10.52
N THR B 2 -24.58 23.06 -10.05
CA THR B 2 -23.60 23.79 -10.83
C THR B 2 -22.21 23.18 -10.77
N ALA B 3 -21.47 23.33 -11.86
CA ALA B 3 -20.10 22.84 -11.93
C ALA B 3 -19.32 23.57 -13.02
N PHE B 4 -17.99 23.55 -12.90
CA PHE B 4 -17.12 24.26 -13.83
C PHE B 4 -16.65 23.36 -14.97
N LEU B 5 -16.20 23.99 -16.04
CA LEU B 5 -15.81 23.30 -17.26
C LEU B 5 -14.73 22.26 -16.99
N GLY B 6 -14.99 21.01 -17.38
CA GLY B 6 -14.06 19.92 -17.22
C GLY B 6 -14.26 19.08 -15.97
N GLU B 7 -14.88 19.65 -14.95
CA GLU B 7 -15.00 18.99 -13.65
C GLU B 7 -15.99 17.83 -13.70
N ARG B 8 -15.81 16.87 -12.79
CA ARG B 8 -16.75 15.76 -12.65
C ARG B 8 -17.98 16.24 -11.86
N VAL B 9 -19.16 15.88 -12.33
CA VAL B 9 -20.40 16.32 -11.68
C VAL B 9 -21.44 15.21 -11.62
N THR B 10 -22.26 15.22 -10.57
CA THR B 10 -23.24 14.17 -10.37
C THR B 10 -24.65 14.72 -10.10
N LEU B 11 -25.57 14.38 -11.00
CA LEU B 11 -27.00 14.68 -10.81
C LEU B 11 -27.64 13.45 -10.18
N THR B 12 -28.66 13.67 -9.35
CA THR B 12 -29.26 12.56 -8.61
C THR B 12 -30.77 12.40 -8.75
N SER B 13 -31.21 11.15 -8.57
CA SER B 13 -32.62 10.80 -8.51
C SER B 13 -32.77 9.64 -7.54
N TYR B 14 -34.01 9.30 -7.19
CA TYR B 14 -34.24 8.26 -6.19
C TYR B 14 -35.65 7.68 -6.29
N TRP B 15 -35.84 6.52 -5.69
CA TRP B 15 -37.17 5.92 -5.56
C TRP B 15 -37.76 6.23 -4.18
N ARG B 16 -39.01 6.68 -4.17
CA ARG B 16 -39.67 7.09 -2.94
C ARG B 16 -39.58 6.02 -1.85
N ARG B 17 -40.03 4.80 -2.17
CA ARG B 17 -39.95 3.69 -1.24
C ARG B 17 -38.52 3.21 -1.08
N VAL B 18 -38.02 3.20 0.16
CA VAL B 18 -36.62 2.89 0.42
C VAL B 18 -36.32 1.39 0.25
N SER B 19 -37.36 0.57 0.25
CA SER B 19 -37.19 -0.88 0.16
C SER B 19 -36.53 -1.32 -1.16
N LEU B 20 -36.75 -0.55 -2.23
CA LEU B 20 -36.40 -0.99 -3.58
C LEU B 20 -35.25 -0.20 -4.20
N GLY B 21 -34.40 -0.88 -4.96
CA GLY B 21 -33.30 -0.22 -5.66
C GLY B 21 -33.04 -0.79 -7.04
N PRO B 22 -32.48 -2.01 -7.11
CA PRO B 22 -32.18 -2.67 -8.38
C PRO B 22 -33.43 -2.91 -9.24
N GLU B 23 -34.55 -3.13 -8.56
CA GLU B 23 -35.80 -3.49 -9.22
C GLU B 23 -36.27 -2.39 -10.17
N ILE B 24 -35.88 -1.16 -9.87
CA ILE B 24 -36.33 0.00 -10.63
C ILE B 24 -35.66 0.04 -12.00
N GLU B 25 -36.44 0.21 -13.06
CA GLU B 25 -35.87 0.44 -14.38
C GLU B 25 -35.58 1.93 -14.55
N VAL B 26 -34.32 2.31 -14.34
CA VAL B 26 -33.92 3.71 -14.46
C VAL B 26 -33.44 4.03 -15.88
N SER B 27 -33.73 5.24 -16.32
CA SER B 27 -33.29 5.72 -17.63
C SER B 27 -33.15 7.24 -17.65
N TRP B 28 -31.97 7.72 -18.05
CA TRP B 28 -31.69 9.16 -18.06
C TRP B 28 -31.78 9.76 -19.46
N PHE B 29 -32.10 11.04 -19.53
CA PHE B 29 -32.31 11.74 -20.80
C PHE B 29 -31.73 13.16 -20.80
N LYS B 30 -31.33 13.59 -22.00
CA LYS B 30 -30.87 14.95 -22.24
C LYS B 30 -31.96 15.75 -22.92
N LEU B 31 -32.39 16.84 -22.27
CA LEU B 31 -33.46 17.67 -22.80
C LEU B 31 -32.92 18.72 -23.76
N GLY B 32 -32.98 18.42 -25.05
CA GLY B 32 -32.68 19.39 -26.07
C GLY B 32 -33.80 20.40 -26.10
N PRO B 33 -33.63 21.49 -26.87
CA PRO B 33 -34.67 22.52 -26.89
C PRO B 33 -36.01 21.95 -27.36
N GLY B 34 -37.11 22.53 -26.87
CA GLY B 34 -38.43 22.02 -27.15
C GLY B 34 -38.78 20.80 -26.29
N GLU B 35 -38.13 20.68 -25.15
CA GLU B 35 -38.36 19.56 -24.24
C GLU B 35 -38.17 18.21 -24.92
N GLU B 36 -37.30 18.16 -25.92
CA GLU B 36 -37.00 16.93 -26.64
C GLU B 36 -36.19 16.00 -25.72
N GLN B 37 -36.35 14.70 -25.91
CA GLN B 37 -35.68 13.73 -25.04
C GLN B 37 -34.70 12.82 -25.78
N VAL B 38 -33.41 12.99 -25.47
CA VAL B 38 -32.36 12.15 -26.02
C VAL B 38 -31.90 11.15 -24.97
N LEU B 39 -32.03 9.86 -25.27
CA LEU B 39 -31.66 8.80 -24.34
C LEU B 39 -30.15 8.77 -24.08
N ILE B 40 -29.78 8.92 -22.82
CA ILE B 40 -28.37 8.84 -22.41
C ILE B 40 -27.98 7.40 -22.08
N GLY B 41 -28.73 6.76 -21.18
CA GLY B 41 -28.43 5.41 -20.77
C GLY B 41 -29.51 4.80 -19.87
N ARG B 42 -29.43 3.49 -19.67
CA ARG B 42 -30.43 2.77 -18.89
C ARG B 42 -29.79 1.88 -17.82
N MET B 43 -30.58 1.55 -16.79
CA MET B 43 -30.12 0.69 -15.71
C MET B 43 -31.25 -0.18 -15.18
N HIS B 44 -30.94 -1.44 -14.88
CA HIS B 44 -31.89 -2.36 -14.30
C HIS B 44 -31.17 -3.55 -13.65
N HIS B 45 -31.45 -3.79 -12.38
CA HIS B 45 -30.77 -4.85 -11.64
C HIS B 45 -29.26 -4.69 -11.73
N ASP B 46 -28.79 -3.44 -11.64
CA ASP B 46 -27.36 -3.14 -11.72
C ASP B 46 -26.75 -3.52 -13.06
N VAL B 47 -27.59 -3.66 -14.08
CA VAL B 47 -27.11 -3.81 -15.45
C VAL B 47 -27.22 -2.46 -16.15
N ILE B 48 -26.08 -1.84 -16.42
CA ILE B 48 -26.07 -0.50 -17.00
C ILE B 48 -25.64 -0.54 -18.47
N PHE B 49 -26.23 0.34 -19.25
CA PHE B 49 -25.86 0.48 -20.66
C PHE B 49 -26.05 1.91 -21.12
N ILE B 50 -24.94 2.57 -21.43
CA ILE B 50 -24.98 3.93 -21.93
C ILE B 50 -25.01 3.88 -23.46
N GLU B 51 -25.84 4.71 -24.06
CA GLU B 51 -25.87 4.80 -25.52
C GLU B 51 -24.52 5.29 -26.03
N TRP B 52 -24.07 4.74 -27.15
CA TRP B 52 -22.72 4.96 -27.64
C TRP B 52 -22.33 6.43 -27.80
N PRO B 53 -23.26 7.28 -28.25
CA PRO B 53 -22.97 8.70 -28.37
C PRO B 53 -22.45 9.31 -27.06
N PHE B 54 -23.06 8.94 -25.95
CA PHE B 54 -22.70 9.50 -24.65
C PHE B 54 -21.68 8.65 -23.92
N ARG B 55 -21.34 7.51 -24.49
CA ARG B 55 -20.36 6.60 -23.89
C ARG B 55 -19.06 7.33 -23.60
N GLY B 56 -18.57 7.22 -22.38
CA GLY B 56 -17.33 7.85 -21.98
C GLY B 56 -17.50 9.25 -21.40
N PHE B 57 -18.60 9.91 -21.76
CA PHE B 57 -18.91 11.22 -21.19
C PHE B 57 -19.89 11.08 -20.02
N PHE B 58 -20.78 10.10 -20.11
CA PHE B 58 -21.75 9.85 -19.04
C PHE B 58 -21.68 8.42 -18.52
N ASP B 59 -22.05 8.25 -17.25
CA ASP B 59 -22.18 6.92 -16.66
C ASP B 59 -23.31 6.90 -15.63
N ILE B 60 -23.87 5.73 -15.37
CA ILE B 60 -24.90 5.58 -14.36
C ILE B 60 -24.47 4.56 -13.32
N HIS B 61 -24.69 4.87 -12.05
CA HIS B 61 -24.48 3.89 -11.00
C HIS B 61 -25.45 4.11 -9.85
N ARG B 62 -25.56 3.12 -8.97
CA ARG B 62 -26.59 3.10 -7.94
C ARG B 62 -26.04 2.90 -6.54
N SER B 63 -26.80 3.38 -5.56
CA SER B 63 -26.57 3.04 -4.16
C SER B 63 -27.90 3.04 -3.41
N ALA B 64 -28.38 1.86 -3.03
CA ALA B 64 -29.65 1.74 -2.33
C ALA B 64 -30.83 2.23 -3.17
N ASN B 65 -31.55 3.23 -2.69
CA ASN B 65 -32.68 3.79 -3.43
C ASN B 65 -32.28 4.96 -4.33
N THR B 66 -31.01 5.34 -4.26
CA THR B 66 -30.54 6.52 -4.98
C THR B 66 -29.92 6.13 -6.32
N PHE B 67 -30.13 6.96 -7.32
CA PHE B 67 -29.57 6.75 -8.65
C PHE B 67 -28.77 7.97 -9.07
N PHE B 68 -27.55 7.75 -9.53
CA PHE B 68 -26.67 8.85 -9.89
C PHE B 68 -26.38 8.88 -11.38
N LEU B 69 -26.50 10.07 -11.98
CA LEU B 69 -25.99 10.29 -13.32
C LEU B 69 -24.71 11.10 -13.19
N VAL B 70 -23.58 10.48 -13.50
CA VAL B 70 -22.28 11.13 -13.34
C VAL B 70 -21.73 11.56 -14.70
N VAL B 71 -21.56 12.86 -14.88
CA VAL B 71 -20.83 13.39 -16.04
C VAL B 71 -19.34 13.38 -15.72
N THR B 72 -18.57 12.56 -16.42
CA THR B 72 -17.15 12.40 -16.11
C THR B 72 -16.41 13.73 -16.27
N ALA B 73 -16.68 14.44 -17.35
CA ALA B 73 -16.09 15.76 -17.57
C ALA B 73 -17.10 16.62 -18.32
N ALA B 74 -17.51 17.71 -17.70
CA ALA B 74 -18.56 18.57 -18.24
C ALA B 74 -18.02 19.51 -19.31
N ASN B 75 -18.69 19.54 -20.46
CA ASN B 75 -18.43 20.56 -21.47
C ASN B 75 -19.69 21.37 -21.75
N ILE B 76 -19.54 22.50 -22.43
CA ILE B 76 -20.62 23.49 -22.51
C ILE B 76 -21.91 22.88 -23.05
N SER B 77 -21.78 21.94 -23.98
CA SER B 77 -22.95 21.30 -24.56
C SER B 77 -23.84 20.71 -23.47
N HIS B 78 -23.22 20.29 -22.38
CA HIS B 78 -23.93 19.62 -21.30
C HIS B 78 -24.86 20.54 -20.51
N ASP B 79 -24.58 21.83 -20.52
CA ASP B 79 -25.43 22.79 -19.81
C ASP B 79 -26.87 22.67 -20.32
N GLY B 80 -27.81 22.51 -19.40
CA GLY B 80 -29.21 22.35 -19.75
C GLY B 80 -29.99 21.55 -18.74
N ASN B 81 -31.09 20.96 -19.18
CA ASN B 81 -31.97 20.18 -18.31
C ASN B 81 -31.86 18.69 -18.58
N TYR B 82 -31.85 17.91 -17.51
CA TYR B 82 -31.81 16.46 -17.63
C TYR B 82 -33.01 15.82 -16.94
N LEU B 83 -33.42 14.66 -17.44
CA LEU B 83 -34.63 14.01 -16.95
C LEU B 83 -34.35 12.55 -16.61
N CYS B 84 -34.80 12.14 -15.43
CA CYS B 84 -34.68 10.76 -14.97
C CYS B 84 -36.04 10.10 -14.89
N ARG B 85 -36.22 9.02 -15.63
CA ARG B 85 -37.45 8.24 -15.59
C ARG B 85 -37.24 6.91 -14.88
N MET B 86 -38.03 6.66 -13.84
CA MET B 86 -37.88 5.46 -13.02
C MET B 86 -39.19 4.67 -13.04
N LYS B 87 -39.11 3.38 -13.39
CA LYS B 87 -40.31 2.58 -13.63
C LYS B 87 -40.36 1.25 -12.88
N LEU B 88 -41.50 0.97 -12.25
CA LEU B 88 -41.76 -0.34 -11.66
C LEU B 88 -43.10 -0.87 -12.15
N GLY B 89 -43.05 -1.83 -13.08
CA GLY B 89 -44.26 -2.39 -13.62
C GLY B 89 -45.03 -1.39 -14.46
N GLU B 90 -46.20 -1.01 -13.96
CA GLU B 90 -47.02 0.00 -14.62
C GLU B 90 -46.72 1.41 -14.10
N THR B 91 -46.26 1.50 -12.86
CA THR B 91 -45.98 2.79 -12.25
C THR B 91 -44.64 3.37 -12.67
N GLU B 92 -44.61 4.68 -12.90
CA GLU B 92 -43.38 5.37 -13.24
C GLU B 92 -43.37 6.79 -12.70
N VAL B 93 -42.20 7.26 -12.27
CA VAL B 93 -42.05 8.62 -11.77
C VAL B 93 -41.00 9.36 -12.57
N THR B 94 -41.21 10.67 -12.75
CA THR B 94 -40.24 11.48 -13.48
C THR B 94 -39.67 12.59 -12.60
N LYS B 95 -38.35 12.66 -12.55
CA LYS B 95 -37.66 13.74 -11.86
C LYS B 95 -36.81 14.53 -12.85
N GLN B 96 -36.75 15.84 -12.64
CA GLN B 96 -36.01 16.73 -13.53
C GLN B 96 -34.90 17.43 -12.76
N GLU B 97 -33.73 17.54 -13.38
CA GLU B 97 -32.60 18.23 -12.79
C GLU B 97 -32.00 19.21 -13.79
N HIS B 98 -31.47 20.33 -13.30
CA HIS B 98 -30.84 21.32 -14.15
C HIS B 98 -29.36 21.46 -13.86
N LEU B 99 -28.54 21.10 -14.84
CA LEU B 99 -27.09 21.23 -14.73
C LEU B 99 -26.60 22.53 -15.34
N SER B 100 -26.02 23.39 -14.52
CA SER B 100 -25.37 24.59 -15.02
C SER B 100 -23.87 24.40 -15.12
N VAL B 101 -23.36 24.42 -16.35
CA VAL B 101 -21.93 24.43 -16.58
C VAL B 101 -21.46 25.87 -16.58
N VAL B 102 -20.24 26.11 -16.10
CA VAL B 102 -19.68 27.45 -16.08
C VAL B 102 -18.26 27.42 -16.61
N LYS B 103 -17.92 28.42 -17.43
CA LYS B 103 -16.54 28.62 -17.87
C LYS B 103 -15.94 29.85 -17.21
N PRO B 104 -14.89 29.66 -16.41
CA PRO B 104 -14.26 30.80 -15.75
C PRO B 104 -13.89 31.88 -16.76
N LEU B 105 -14.35 33.10 -16.52
CA LEU B 105 -14.17 34.17 -17.49
C LEU B 105 -12.69 34.41 -17.77
N THR B 106 -12.40 34.84 -19.00
CA THR B 106 -11.05 35.17 -19.39
C THR B 106 -11.02 36.59 -19.94
N LEU B 107 -10.58 37.52 -19.11
CA LEU B 107 -10.50 38.93 -19.50
C LEU B 107 -9.13 39.23 -20.10
N SER B 108 -9.11 40.01 -21.17
CA SER B 108 -7.86 40.36 -21.84
C SER B 108 -7.88 41.78 -22.38
N VAL B 109 -6.80 42.52 -22.14
CA VAL B 109 -6.69 43.90 -22.60
C VAL B 109 -5.45 44.10 -23.47
N HIS B 110 -5.59 44.88 -24.54
CA HIS B 110 -4.47 45.20 -25.43
C HIS B 110 -4.85 46.42 -26.27
N SER B 111 -3.88 47.25 -26.60
CA SER B 111 -4.17 48.52 -27.26
C SER B 111 -3.48 48.68 -28.61
N GLU B 112 -3.95 49.65 -29.38
CA GLU B 112 -3.33 50.02 -30.65
C GLU B 112 -3.61 51.49 -30.97
N ARG B 113 -2.64 52.16 -31.59
CA ARG B 113 -2.83 53.55 -32.00
C ARG B 113 -3.30 53.67 -33.45
N SER B 114 -4.16 54.65 -33.71
CA SER B 114 -4.67 54.89 -35.05
C SER B 114 -3.53 55.11 -36.04
N GLN B 115 -3.74 54.68 -37.28
CA GLN B 115 -2.75 54.84 -38.34
C GLN B 115 -3.19 55.92 -39.32
N PHE B 116 -4.36 56.51 -39.08
CA PHE B 116 -4.90 57.55 -39.94
C PHE B 116 -6.11 58.20 -39.28
N PRO B 117 -6.24 59.53 -39.41
CA PRO B 117 -5.36 60.45 -40.15
C PRO B 117 -4.07 60.78 -39.39
N ASP B 118 -3.99 60.37 -38.12
CA ASP B 118 -2.79 60.60 -37.32
C ASP B 118 -2.57 59.46 -36.35
N PHE B 119 -1.57 59.61 -35.48
CA PHE B 119 -1.26 58.58 -34.49
C PHE B 119 -1.56 59.13 -33.09
N SER B 120 -2.66 59.87 -32.98
CA SER B 120 -3.01 60.53 -31.73
C SER B 120 -4.13 59.79 -31.00
N VAL B 121 -4.93 59.03 -31.73
CA VAL B 121 -6.04 58.31 -31.14
C VAL B 121 -5.65 56.90 -30.72
N LEU B 122 -5.54 56.70 -29.41
CA LEU B 122 -5.21 55.39 -28.86
C LEU B 122 -6.49 54.63 -28.53
N THR B 123 -6.70 53.51 -29.20
CA THR B 123 -7.87 52.68 -28.95
C THR B 123 -7.52 51.41 -28.18
N VAL B 124 -8.09 51.28 -26.98
CA VAL B 124 -7.90 50.09 -26.16
C VAL B 124 -9.05 49.12 -26.35
N THR B 125 -8.77 47.84 -26.21
CA THR B 125 -9.78 46.80 -26.42
C THR B 125 -9.85 45.88 -25.21
N CYS B 126 -11.06 45.67 -24.70
CA CYS B 126 -11.26 44.78 -23.56
C CYS B 126 -12.09 43.58 -24.02
N THR B 127 -11.59 42.38 -23.77
CA THR B 127 -12.22 41.15 -24.27
C THR B 127 -12.42 40.13 -23.17
N VAL B 128 -13.66 39.66 -23.02
CA VAL B 128 -13.99 38.62 -22.04
C VAL B 128 -14.60 37.38 -22.68
N ASN B 129 -13.97 36.23 -22.46
CA ASN B 129 -14.50 34.95 -22.89
C ASN B 129 -14.96 34.13 -21.70
N ALA B 130 -16.27 33.94 -21.59
CA ALA B 130 -16.84 33.21 -20.45
C ALA B 130 -18.08 32.43 -20.85
N PHE B 131 -18.78 31.90 -19.85
CA PHE B 131 -20.05 31.25 -20.04
C PHE B 131 -20.72 31.10 -18.68
N PRO B 132 -22.03 31.31 -18.59
CA PRO B 132 -22.99 31.50 -19.69
C PRO B 132 -23.25 32.96 -20.07
N HIS B 133 -22.90 33.90 -19.22
CA HIS B 133 -23.24 35.31 -19.47
C HIS B 133 -22.04 36.22 -19.29
N PRO B 134 -21.18 36.33 -20.32
CA PRO B 134 -20.05 37.25 -20.28
C PRO B 134 -20.53 38.69 -20.43
N HIS B 135 -19.80 39.62 -19.83
CA HIS B 135 -20.17 41.04 -19.92
C HIS B 135 -18.93 41.93 -19.75
N VAL B 136 -18.78 42.88 -20.66
CA VAL B 136 -17.65 43.79 -20.61
C VAL B 136 -18.18 45.21 -20.60
N GLN B 137 -17.52 46.09 -19.86
CA GLN B 137 -17.92 47.48 -19.79
C GLN B 137 -16.74 48.36 -19.44
N TRP B 138 -16.63 49.45 -20.18
CA TRP B 138 -15.61 50.47 -19.96
C TRP B 138 -16.15 51.47 -18.94
N LEU B 139 -15.29 51.97 -18.07
CA LEU B 139 -15.71 52.88 -17.02
C LEU B 139 -15.61 54.30 -17.53
N MET B 140 -16.54 55.14 -17.09
CA MET B 140 -16.55 56.53 -17.49
C MET B 140 -16.51 57.47 -16.29
N VAL B 155 -21.15 39.97 -30.23
CA VAL B 155 -21.03 38.70 -29.51
C VAL B 155 -20.74 37.54 -30.46
N MET B 156 -19.64 36.84 -30.21
CA MET B 156 -19.26 35.68 -31.00
C MET B 156 -19.33 34.40 -30.18
N LYS B 157 -19.66 33.29 -30.85
CA LYS B 157 -19.68 31.99 -30.19
C LYS B 157 -18.41 31.21 -30.56
N GLU B 158 -17.74 30.67 -29.55
CA GLU B 158 -16.49 29.95 -29.77
C GLU B 158 -16.72 28.47 -30.06
N LYS B 159 -15.67 27.80 -30.53
CA LYS B 159 -15.73 26.39 -30.85
C LYS B 159 -15.90 25.54 -29.60
N ASP B 160 -15.41 26.04 -28.46
CA ASP B 160 -15.58 25.36 -27.19
C ASP B 160 -17.03 25.43 -26.70
N GLY B 161 -17.83 26.25 -27.38
CA GLY B 161 -19.23 26.40 -27.04
C GLY B 161 -19.42 27.60 -26.12
N SER B 162 -18.31 28.24 -25.76
CA SER B 162 -18.34 29.41 -24.90
C SER B 162 -18.72 30.64 -25.72
N LEU B 163 -18.82 31.78 -25.03
CA LEU B 163 -19.16 33.04 -25.68
C LEU B 163 -18.10 34.10 -25.42
N SER B 164 -17.59 34.70 -26.49
CA SER B 164 -16.64 35.80 -26.38
C SER B 164 -17.31 37.12 -26.74
N VAL B 165 -17.06 38.15 -25.93
CA VAL B 165 -17.58 39.47 -26.22
C VAL B 165 -16.55 40.54 -25.87
N ALA B 166 -16.50 41.60 -26.68
CA ALA B 166 -15.46 42.63 -26.53
C ALA B 166 -15.98 44.02 -26.86
N VAL B 167 -15.39 45.03 -26.22
CA VAL B 167 -15.76 46.43 -26.47
C VAL B 167 -14.51 47.28 -26.63
N ASP B 168 -14.61 48.30 -27.47
CA ASP B 168 -13.46 49.15 -27.79
C ASP B 168 -13.71 50.58 -27.30
N LEU B 169 -12.63 51.25 -26.92
CA LEU B 169 -12.70 52.62 -26.43
C LEU B 169 -11.64 53.48 -27.08
N SER B 170 -12.07 54.62 -27.63
CA SER B 170 -11.16 55.54 -28.31
C SER B 170 -10.75 56.68 -27.38
N LEU B 171 -9.46 57.00 -27.37
CA LEU B 171 -8.92 58.06 -26.54
C LEU B 171 -8.10 59.06 -27.37
N PRO B 172 -8.64 60.27 -27.58
CA PRO B 172 -7.87 61.32 -28.25
C PRO B 172 -6.79 61.90 -27.33
N LYS B 173 -5.67 62.33 -27.91
CA LYS B 173 -4.59 62.93 -27.13
C LYS B 173 -5.07 64.26 -26.54
N PRO B 174 -4.74 64.53 -25.27
CA PRO B 174 -3.91 63.72 -24.36
C PRO B 174 -4.67 62.52 -23.83
N TRP B 175 -3.96 61.40 -23.73
CA TRP B 175 -4.55 60.16 -23.24
C TRP B 175 -4.84 60.23 -21.75
N HIS B 176 -6.12 60.14 -21.41
CA HIS B 176 -6.56 60.24 -20.02
C HIS B 176 -6.39 58.92 -19.28
N LEU B 177 -5.14 58.49 -19.13
CA LEU B 177 -4.83 57.25 -18.42
C LEU B 177 -4.68 57.52 -16.92
N PRO B 178 -4.82 56.47 -16.10
CA PRO B 178 -5.16 55.09 -16.47
C PRO B 178 -6.62 54.95 -16.87
N VAL B 179 -6.95 53.86 -17.55
CA VAL B 179 -8.34 53.55 -17.91
C VAL B 179 -8.69 52.12 -17.52
N THR B 180 -9.92 51.92 -17.06
CA THR B 180 -10.32 50.65 -16.49
C THR B 180 -11.56 50.07 -17.17
N CYS B 181 -11.52 48.76 -17.46
CA CYS B 181 -12.69 48.05 -17.97
C CYS B 181 -13.10 46.96 -17.00
N VAL B 182 -14.40 46.81 -16.78
CA VAL B 182 -14.94 45.78 -15.90
C VAL B 182 -15.50 44.63 -16.72
N GLY B 183 -14.97 43.44 -16.50
CA GLY B 183 -15.52 42.23 -17.10
C GLY B 183 -16.12 41.37 -16.01
N LYS B 184 -17.17 40.63 -16.35
CA LYS B 184 -17.82 39.77 -15.36
C LYS B 184 -18.66 38.67 -15.97
N ASN B 185 -18.79 37.58 -15.24
CA ASN B 185 -19.62 36.45 -15.63
C ASN B 185 -20.67 36.20 -14.56
N ASP B 186 -21.82 36.84 -14.73
CA ASP B 186 -22.84 36.89 -13.68
C ASP B 186 -22.27 37.45 -12.39
N LYS B 187 -22.02 36.57 -11.42
CA LYS B 187 -21.57 36.99 -10.09
C LYS B 187 -20.05 37.06 -10.04
N GLU B 188 -19.39 36.28 -10.88
CA GLU B 188 -17.94 36.38 -11.04
C GLU B 188 -17.62 37.74 -11.64
N GLU B 189 -16.47 38.30 -11.26
CA GLU B 189 -16.08 39.62 -11.76
C GLU B 189 -14.56 39.83 -11.72
N ALA B 190 -14.05 40.60 -12.66
CA ALA B 190 -12.62 40.90 -12.74
C ALA B 190 -12.38 42.19 -13.52
N HIS B 191 -11.24 42.85 -13.26
CA HIS B 191 -10.96 44.14 -13.87
C HIS B 191 -9.64 44.14 -14.66
N GLY B 192 -9.59 45.00 -15.67
CA GLY B 192 -8.38 45.24 -16.44
C GLY B 192 -8.11 46.72 -16.54
N VAL B 193 -6.87 47.13 -16.32
CA VAL B 193 -6.51 48.54 -16.38
C VAL B 193 -5.29 48.82 -17.25
N TYR B 194 -5.49 49.61 -18.31
CA TYR B 194 -4.37 50.09 -19.10
C TYR B 194 -3.79 51.33 -18.43
N VAL B 195 -2.52 51.26 -18.09
CA VAL B 195 -1.88 52.31 -17.30
C VAL B 195 -1.08 53.28 -18.14
N SER B 196 -0.20 52.75 -18.98
CA SER B 196 0.69 53.58 -19.78
C SER B 196 1.05 52.95 -21.12
N GLY B 197 1.24 53.82 -22.11
CA GLY B 197 1.71 53.43 -23.42
C GLY B 197 3.22 53.28 -23.38
N TYR B 198 3.82 52.92 -24.51
CA TYR B 198 5.26 52.74 -24.56
C TYR B 198 5.98 54.08 -24.52
N LEU B 199 5.33 55.13 -24.99
CA LEU B 199 5.99 56.42 -25.18
C LEU B 199 5.26 57.51 -24.41
N VAL C 1 -11.75 -11.45 -13.51
CA VAL C 1 -13.04 -11.32 -14.20
C VAL C 1 -12.86 -11.09 -15.70
N THR C 2 -13.95 -11.25 -16.44
CA THR C 2 -13.89 -11.27 -17.91
C THR C 2 -14.97 -10.41 -18.53
N ALA C 3 -14.66 -9.81 -19.69
CA ALA C 3 -15.64 -9.01 -20.41
C ALA C 3 -15.29 -8.88 -21.90
N PHE C 4 -16.28 -8.56 -22.72
CA PHE C 4 -16.10 -8.47 -24.17
C PHE C 4 -15.82 -7.05 -24.65
N LEU C 5 -15.26 -6.95 -25.84
CA LEU C 5 -14.82 -5.68 -26.41
C LEU C 5 -15.96 -4.66 -26.51
N GLY C 6 -15.75 -3.49 -25.93
CA GLY C 6 -16.74 -2.42 -25.97
C GLY C 6 -17.67 -2.35 -24.79
N GLU C 7 -17.86 -3.47 -24.10
CA GLU C 7 -18.84 -3.56 -23.02
C GLU C 7 -18.42 -2.79 -21.76
N ARG C 8 -19.41 -2.41 -20.97
CA ARG C 8 -19.16 -1.76 -19.69
C ARG C 8 -18.79 -2.84 -18.68
N VAL C 9 -17.75 -2.60 -17.89
CA VAL C 9 -17.29 -3.60 -16.92
C VAL C 9 -16.90 -2.97 -15.59
N THR C 10 -17.09 -3.72 -14.50
CA THR C 10 -16.84 -3.19 -13.16
C THR C 10 -15.97 -4.09 -12.28
N LEU C 11 -14.80 -3.60 -11.88
CA LEU C 11 -13.98 -4.29 -10.89
C LEU C 11 -14.34 -3.71 -9.52
N THR C 12 -14.27 -4.52 -8.47
CA THR C 12 -14.70 -4.08 -7.15
C THR C 12 -13.65 -4.26 -6.06
N SER C 13 -13.75 -3.42 -5.05
CA SER C 13 -12.92 -3.53 -3.86
C SER C 13 -13.76 -3.02 -2.68
N TYR C 14 -13.30 -3.22 -1.45
CA TYR C 14 -14.09 -2.85 -0.28
C TYR C 14 -13.25 -2.68 0.98
N TRP C 15 -13.82 -2.01 1.99
CA TRP C 15 -13.17 -1.92 3.30
C TRP C 15 -13.77 -2.98 4.24
N ARG C 16 -12.91 -3.72 4.91
CA ARG C 16 -13.37 -4.80 5.78
C ARG C 16 -14.42 -4.31 6.77
N ARG C 17 -14.11 -3.25 7.52
CA ARG C 17 -15.07 -2.69 8.46
C ARG C 17 -16.18 -1.96 7.71
N VAL C 18 -17.42 -2.39 7.97
CA VAL C 18 -18.58 -1.88 7.24
C VAL C 18 -18.97 -0.46 7.64
N SER C 19 -18.48 0.00 8.79
CA SER C 19 -18.84 1.31 9.32
C SER C 19 -18.36 2.46 8.44
N LEU C 20 -17.27 2.26 7.71
CA LEU C 20 -16.59 3.35 7.03
C LEU C 20 -16.70 3.25 5.51
N GLY C 21 -16.85 4.40 4.86
CA GLY C 21 -16.91 4.45 3.41
C GLY C 21 -16.19 5.65 2.81
N PRO C 22 -16.76 6.86 2.98
CA PRO C 22 -16.15 8.09 2.46
C PRO C 22 -14.79 8.38 3.04
N GLU C 23 -14.57 8.00 4.30
CA GLU C 23 -13.34 8.31 5.01
C GLU C 23 -12.12 7.69 4.32
N ILE C 24 -12.35 6.58 3.63
CA ILE C 24 -11.28 5.82 3.00
C ILE C 24 -10.72 6.55 1.77
N GLU C 25 -9.39 6.68 1.72
CA GLU C 25 -8.72 7.20 0.54
C GLU C 25 -8.49 6.08 -0.47
N VAL C 26 -9.37 5.99 -1.47
CA VAL C 26 -9.25 4.95 -2.49
C VAL C 26 -8.42 5.45 -3.66
N SER C 27 -7.64 4.54 -4.26
CA SER C 27 -6.86 4.88 -5.44
C SER C 27 -6.60 3.63 -6.29
N TRP C 28 -6.96 3.69 -7.57
CA TRP C 28 -6.82 2.56 -8.47
C TRP C 28 -5.62 2.71 -9.40
N PHE C 29 -5.05 1.59 -9.82
CA PHE C 29 -3.85 1.61 -10.66
C PHE C 29 -3.94 0.55 -11.76
N LYS C 30 -3.32 0.81 -12.90
CA LYS C 30 -3.22 -0.17 -13.97
C LYS C 30 -1.79 -0.71 -13.93
N LEU C 31 -1.64 -2.02 -13.76
CA LEU C 31 -0.31 -2.60 -13.67
C LEU C 31 0.27 -2.93 -15.03
N GLY C 32 1.10 -2.02 -15.55
CA GLY C 32 1.87 -2.28 -16.74
C GLY C 32 2.97 -3.27 -16.46
N PRO C 33 3.66 -3.74 -17.50
CA PRO C 33 4.73 -4.74 -17.37
C PRO C 33 5.88 -4.24 -16.49
N GLY C 34 6.55 -5.15 -15.81
CA GLY C 34 7.59 -4.79 -14.85
C GLY C 34 7.00 -4.34 -13.53
N GLU C 35 5.78 -4.79 -13.26
CA GLU C 35 5.06 -4.44 -12.04
C GLU C 35 4.96 -2.92 -11.86
N GLU C 36 4.94 -2.20 -12.99
CA GLU C 36 4.80 -0.75 -12.97
C GLU C 36 3.38 -0.37 -12.56
N GLN C 37 3.24 0.77 -11.88
CA GLN C 37 1.94 1.23 -11.39
C GLN C 37 1.57 2.57 -12.04
N VAL C 38 0.53 2.56 -12.86
CA VAL C 38 0.03 3.79 -13.48
C VAL C 38 -1.25 4.23 -12.79
N LEU C 39 -1.23 5.44 -12.23
CA LEU C 39 -2.38 5.96 -11.52
C LEU C 39 -3.57 6.21 -12.46
N ILE C 40 -4.70 5.56 -12.18
CA ILE C 40 -5.91 5.77 -12.94
C ILE C 40 -6.73 6.92 -12.35
N GLY C 41 -7.05 6.83 -11.06
CA GLY C 41 -7.83 7.86 -10.39
C GLY C 41 -7.92 7.69 -8.88
N ARG C 42 -8.41 8.73 -8.21
CA ARG C 42 -8.50 8.74 -6.74
C ARG C 42 -9.89 9.15 -6.25
N MET C 43 -10.21 8.77 -5.01
CA MET C 43 -11.48 9.13 -4.39
C MET C 43 -11.32 9.34 -2.89
N HIS C 44 -11.99 10.35 -2.36
CA HIS C 44 -11.99 10.61 -0.93
C HIS C 44 -13.15 11.53 -0.53
N HIS C 45 -13.95 11.08 0.42
CA HIS C 45 -15.14 11.82 0.84
C HIS C 45 -16.04 12.13 -0.36
N ASP C 46 -16.18 11.13 -1.23
CA ASP C 46 -17.01 11.27 -2.43
C ASP C 46 -16.50 12.36 -3.37
N VAL C 47 -15.23 12.73 -3.23
CA VAL C 47 -14.57 13.60 -4.19
C VAL C 47 -13.71 12.74 -5.11
N ILE C 48 -14.12 12.62 -6.37
CA ILE C 48 -13.42 11.75 -7.31
C ILE C 48 -12.63 12.57 -8.32
N PHE C 49 -11.48 12.04 -8.72
CA PHE C 49 -10.66 12.67 -9.74
C PHE C 49 -9.89 11.62 -10.54
N ILE C 50 -10.25 11.48 -11.81
CA ILE C 50 -9.55 10.56 -12.69
C ILE C 50 -8.45 11.32 -13.41
N GLU C 51 -7.27 10.72 -13.51
CA GLU C 51 -6.18 11.33 -14.26
C GLU C 51 -6.60 11.48 -15.71
N TRP C 52 -6.21 12.59 -16.33
CA TRP C 52 -6.70 12.97 -17.65
C TRP C 52 -6.50 11.88 -18.70
N PRO C 53 -5.38 11.15 -18.65
CA PRO C 53 -5.19 10.06 -19.61
C PRO C 53 -6.37 9.07 -19.62
N PHE C 54 -6.86 8.69 -18.44
CA PHE C 54 -7.93 7.71 -18.33
C PHE C 54 -9.31 8.35 -18.27
N ARG C 55 -9.37 9.68 -18.23
CA ARG C 55 -10.64 10.39 -18.16
C ARG C 55 -11.54 9.97 -19.31
N GLY C 56 -12.78 9.59 -18.99
CA GLY C 56 -13.73 9.19 -20.00
C GLY C 56 -13.72 7.70 -20.30
N PHE C 57 -12.59 7.04 -20.03
CA PHE C 57 -12.51 5.59 -20.20
C PHE C 57 -12.74 4.88 -18.87
N PHE C 58 -12.31 5.51 -17.79
CA PHE C 58 -12.49 4.95 -16.45
C PHE C 58 -13.23 5.94 -15.54
N ASP C 59 -13.95 5.40 -14.56
CA ASP C 59 -14.57 6.21 -13.53
C ASP C 59 -14.57 5.45 -12.22
N ILE C 60 -14.65 6.18 -11.11
CA ILE C 60 -14.74 5.57 -9.80
C ILE C 60 -15.99 6.06 -9.09
N HIS C 61 -16.71 5.15 -8.45
CA HIS C 61 -17.82 5.53 -7.59
C HIS C 61 -17.96 4.54 -6.44
N ARG C 62 -18.73 4.91 -5.43
CA ARG C 62 -18.80 4.16 -4.19
C ARG C 62 -20.24 3.81 -3.79
N SER C 63 -20.39 2.75 -3.00
CA SER C 63 -21.66 2.45 -2.33
C SER C 63 -21.37 1.76 -1.00
N ALA C 64 -21.62 2.47 0.10
CA ALA C 64 -21.37 1.95 1.44
C ALA C 64 -19.89 1.66 1.66
N ASN C 65 -19.54 0.41 1.95
CA ASN C 65 -18.14 0.03 2.15
C ASN C 65 -17.47 -0.42 0.85
N THR C 66 -18.24 -0.47 -0.24
CA THR C 66 -17.76 -0.99 -1.51
C THR C 66 -17.24 0.09 -2.46
N PHE C 67 -16.19 -0.23 -3.21
CA PHE C 67 -15.61 0.71 -4.18
C PHE C 67 -15.57 0.06 -5.55
N PHE C 68 -16.08 0.76 -6.56
CA PHE C 68 -16.16 0.22 -7.90
C PHE C 68 -15.25 1.00 -8.86
N LEU C 69 -14.48 0.27 -9.66
CA LEU C 69 -13.77 0.88 -10.79
C LEU C 69 -14.48 0.51 -12.08
N VAL C 70 -15.09 1.49 -12.74
CA VAL C 70 -15.87 1.24 -13.94
C VAL C 70 -15.15 1.64 -15.22
N VAL C 71 -14.87 0.66 -16.07
CA VAL C 71 -14.41 0.91 -17.43
C VAL C 71 -15.65 1.14 -18.29
N THR C 72 -15.81 2.36 -18.79
CA THR C 72 -17.01 2.73 -19.53
C THR C 72 -17.14 1.84 -20.76
N ALA C 73 -16.02 1.66 -21.47
CA ALA C 73 -15.97 0.78 -22.62
C ALA C 73 -14.58 0.15 -22.68
N ALA C 74 -14.55 -1.18 -22.59
CA ALA C 74 -13.29 -1.90 -22.51
C ALA C 74 -12.67 -2.05 -23.90
N ASN C 75 -11.40 -1.69 -24.00
CA ASN C 75 -10.62 -1.99 -25.18
C ASN C 75 -9.43 -2.87 -24.86
N ILE C 76 -8.82 -3.44 -25.89
CA ILE C 76 -7.82 -4.51 -25.71
C ILE C 76 -6.69 -4.07 -24.79
N SER C 77 -6.30 -2.80 -24.88
CA SER C 77 -5.23 -2.26 -24.06
C SER C 77 -5.48 -2.48 -22.57
N HIS C 78 -6.75 -2.51 -22.19
CA HIS C 78 -7.14 -2.62 -20.78
C HIS C 78 -6.85 -4.00 -20.19
N ASP C 79 -6.76 -5.02 -21.04
CA ASP C 79 -6.46 -6.36 -20.55
C ASP C 79 -5.16 -6.34 -19.75
N GLY C 80 -5.23 -6.90 -18.54
CA GLY C 80 -4.08 -6.93 -17.65
C GLY C 80 -4.52 -6.94 -16.19
N ASN C 81 -3.63 -6.49 -15.31
CA ASN C 81 -3.90 -6.50 -13.88
C ASN C 81 -4.15 -5.09 -13.35
N TYR C 82 -5.13 -4.97 -12.45
CA TYR C 82 -5.43 -3.68 -11.83
C TYR C 82 -5.32 -3.78 -10.31
N LEU C 83 -4.98 -2.66 -9.68
CA LEU C 83 -4.71 -2.64 -8.26
C LEU C 83 -5.49 -1.53 -7.56
N CYS C 84 -6.17 -1.89 -6.46
CA CYS C 84 -6.89 -0.91 -5.66
C CYS C 84 -6.20 -0.76 -4.31
N ARG C 85 -5.76 0.47 -4.02
CA ARG C 85 -5.17 0.76 -2.73
C ARG C 85 -6.11 1.64 -1.91
N MET C 86 -6.45 1.17 -0.72
CA MET C 86 -7.40 1.86 0.15
C MET C 86 -6.72 2.20 1.48
N LYS C 87 -6.78 3.45 1.87
CA LYS C 87 -6.01 3.95 3.01
C LYS C 87 -6.86 4.68 4.06
N LEU C 88 -6.65 4.33 5.32
CA LEU C 88 -7.24 5.06 6.44
C LEU C 88 -6.16 5.44 7.44
N GLY C 89 -5.77 6.71 7.42
CA GLY C 89 -4.73 7.22 8.31
C GLY C 89 -3.38 6.66 7.92
N GLU C 90 -2.78 5.85 8.80
CA GLU C 90 -1.50 5.21 8.46
C GLU C 90 -1.72 3.84 7.84
N THR C 91 -2.82 3.18 8.18
CA THR C 91 -3.09 1.84 7.66
C THR C 91 -3.66 1.88 6.25
N GLU C 92 -3.22 0.96 5.41
CA GLU C 92 -3.72 0.85 4.04
C GLU C 92 -3.72 -0.61 3.60
N VAL C 93 -4.71 -0.98 2.79
CA VAL C 93 -4.84 -2.34 2.27
C VAL C 93 -4.83 -2.35 0.75
N THR C 94 -4.26 -3.41 0.19
CA THR C 94 -4.18 -3.58 -1.26
C THR C 94 -4.93 -4.81 -1.77
N LYS C 95 -5.79 -4.58 -2.74
CA LYS C 95 -6.52 -5.65 -3.43
C LYS C 95 -6.15 -5.67 -4.91
N GLN C 96 -6.06 -6.86 -5.48
CA GLN C 96 -5.68 -7.02 -6.88
C GLN C 96 -6.79 -7.70 -7.68
N GLU C 97 -7.04 -7.21 -8.89
CA GLU C 97 -8.04 -7.80 -9.77
C GLU C 97 -7.45 -7.98 -11.17
N HIS C 98 -7.90 -9.02 -11.87
CA HIS C 98 -7.42 -9.26 -13.24
C HIS C 98 -8.56 -9.15 -14.24
N LEU C 99 -8.48 -8.16 -15.11
CA LEU C 99 -9.48 -7.98 -16.16
C LEU C 99 -9.00 -8.61 -17.47
N SER C 100 -9.72 -9.63 -17.92
CA SER C 100 -9.49 -10.22 -19.24
C SER C 100 -10.48 -9.67 -20.25
N VAL C 101 -9.98 -8.95 -21.25
CA VAL C 101 -10.82 -8.53 -22.36
C VAL C 101 -10.83 -9.61 -23.42
N VAL C 102 -11.95 -9.75 -24.11
CA VAL C 102 -12.09 -10.73 -25.18
C VAL C 102 -12.74 -10.12 -26.41
N LYS C 103 -12.23 -10.47 -27.59
CA LYS C 103 -12.89 -10.09 -28.83
C LYS C 103 -13.50 -11.31 -29.48
N PRO C 104 -14.84 -11.31 -29.61
CA PRO C 104 -15.52 -12.45 -30.23
C PRO C 104 -14.88 -12.76 -31.57
N LEU C 105 -14.46 -13.99 -31.78
CA LEU C 105 -13.73 -14.34 -32.99
C LEU C 105 -14.58 -14.02 -34.20
N THR C 106 -13.90 -13.68 -35.30
CA THR C 106 -14.57 -13.41 -36.55
C THR C 106 -13.94 -14.32 -37.60
N LEU C 107 -14.62 -15.41 -37.91
CA LEU C 107 -14.13 -16.36 -38.90
C LEU C 107 -14.67 -15.98 -40.26
N SER C 108 -13.82 -16.07 -41.28
CA SER C 108 -14.23 -15.71 -42.64
C SER C 108 -13.58 -16.65 -43.65
N VAL C 109 -14.37 -17.13 -44.59
CA VAL C 109 -13.90 -18.04 -45.62
C VAL C 109 -14.20 -17.46 -47.00
N HIS C 110 -13.26 -17.62 -47.92
CA HIS C 110 -13.43 -17.13 -49.28
C HIS C 110 -12.42 -17.81 -50.20
N SER C 111 -12.83 -18.05 -51.44
CA SER C 111 -12.01 -18.83 -52.37
C SER C 111 -11.66 -18.07 -53.66
N GLU C 112 -10.68 -18.60 -54.38
CA GLU C 112 -10.31 -18.09 -55.69
C GLU C 112 -9.67 -19.19 -56.52
N ARG C 113 -9.93 -19.19 -57.82
CA ARG C 113 -9.32 -20.16 -58.72
C ARG C 113 -8.07 -19.62 -59.40
N SER C 114 -7.09 -20.50 -59.60
CA SER C 114 -5.84 -20.16 -60.26
C SER C 114 -6.11 -19.54 -61.62
N GLN C 115 -5.26 -18.60 -62.03
CA GLN C 115 -5.40 -17.95 -63.33
C GLN C 115 -4.35 -18.42 -64.34
N PHE C 116 -3.49 -19.33 -63.89
CA PHE C 116 -2.42 -19.86 -64.75
C PHE C 116 -1.76 -21.05 -64.05
N PRO C 117 -1.41 -22.09 -64.80
CA PRO C 117 -1.58 -22.26 -66.25
C PRO C 117 -3.01 -22.62 -66.66
N ASP C 118 -3.86 -22.92 -65.68
CA ASP C 118 -5.25 -23.24 -65.96
C ASP C 118 -6.16 -22.73 -64.84
N PHE C 119 -7.44 -23.07 -64.93
CA PHE C 119 -8.42 -22.66 -63.93
C PHE C 119 -8.93 -23.87 -63.17
N SER C 120 -8.03 -24.79 -62.87
CA SER C 120 -8.40 -26.06 -62.24
C SER C 120 -8.06 -26.08 -60.75
N VAL C 121 -7.10 -25.27 -60.32
CA VAL C 121 -6.69 -25.26 -58.93
C VAL C 121 -7.47 -24.22 -58.12
N LEU C 122 -8.39 -24.70 -57.30
CA LEU C 122 -9.18 -23.83 -56.42
C LEU C 122 -8.52 -23.72 -55.04
N THR C 123 -8.12 -22.51 -54.68
CA THR C 123 -7.52 -22.26 -53.37
C THR C 123 -8.50 -21.53 -52.44
N VAL C 124 -8.86 -22.17 -51.34
CA VAL C 124 -9.74 -21.54 -50.35
C VAL C 124 -8.93 -20.90 -49.21
N THR C 125 -9.47 -19.84 -48.63
CA THR C 125 -8.80 -19.10 -47.58
C THR C 125 -9.70 -18.99 -46.35
N CYS C 126 -9.15 -19.36 -45.20
CA CYS C 126 -9.89 -19.27 -43.93
C CYS C 126 -9.20 -18.24 -43.04
N THR C 127 -9.96 -17.26 -42.55
CA THR C 127 -9.39 -16.15 -41.78
C THR C 127 -10.12 -15.93 -40.47
N VAL C 128 -9.37 -15.92 -39.37
CA VAL C 128 -9.96 -15.65 -38.04
C VAL C 128 -9.32 -14.45 -37.36
N ASN C 129 -10.16 -13.46 -37.03
CA ASN C 129 -9.73 -12.30 -36.25
C ASN C 129 -10.35 -12.33 -34.85
N ALA C 130 -9.51 -12.51 -33.84
CA ALA C 130 -10.01 -12.62 -32.46
C ALA C 130 -9.03 -12.05 -31.45
N PHE C 131 -9.32 -12.28 -30.18
CA PHE C 131 -8.42 -11.92 -29.08
C PHE C 131 -8.88 -12.64 -27.82
N PRO C 132 -7.94 -13.15 -27.01
CA PRO C 132 -6.49 -12.96 -27.10
C PRO C 132 -5.74 -14.04 -27.89
N HIS C 133 -6.36 -15.19 -28.13
CA HIS C 133 -5.65 -16.30 -28.77
C HIS C 133 -6.43 -16.92 -29.93
N PRO C 134 -6.36 -16.30 -31.11
CA PRO C 134 -6.99 -16.84 -32.33
C PRO C 134 -6.24 -18.05 -32.86
N HIS C 135 -6.95 -18.98 -33.51
CA HIS C 135 -6.32 -20.17 -34.07
C HIS C 135 -7.15 -20.70 -35.25
N VAL C 136 -6.48 -20.95 -36.36
CA VAL C 136 -7.14 -21.47 -37.56
C VAL C 136 -6.48 -22.76 -38.01
N GLN C 137 -7.29 -23.70 -38.50
CA GLN C 137 -6.76 -24.96 -38.99
C GLN C 137 -7.66 -25.62 -40.03
N TRP C 138 -7.06 -26.10 -41.12
CA TRP C 138 -7.79 -26.83 -42.14
C TRP C 138 -7.85 -28.31 -41.76
N LEU C 139 -8.98 -28.94 -42.02
CA LEU C 139 -9.20 -30.34 -41.67
C LEU C 139 -8.84 -31.29 -42.81
N MET C 140 -8.31 -32.45 -42.46
CA MET C 140 -7.96 -33.48 -43.44
C MET C 140 -8.68 -34.78 -43.11
N VAL C 155 0.75 -14.07 -38.82
CA VAL C 155 -0.06 -13.40 -37.81
C VAL C 155 0.09 -11.88 -37.88
N MET C 156 -1.02 -11.18 -38.04
CA MET C 156 -1.03 -9.72 -38.09
C MET C 156 -1.76 -9.10 -36.91
N LYS C 157 -1.29 -7.93 -36.48
CA LYS C 157 -1.93 -7.18 -35.41
C LYS C 157 -2.76 -6.04 -36.01
N GLU C 158 -4.02 -5.92 -35.59
CA GLU C 158 -4.91 -4.90 -36.13
C GLU C 158 -4.80 -3.59 -35.36
N LYS C 159 -5.35 -2.52 -35.92
CA LYS C 159 -5.32 -1.22 -35.28
C LYS C 159 -6.18 -1.20 -34.01
N ASP C 160 -7.23 -2.02 -34.00
CA ASP C 160 -8.08 -2.14 -32.81
C ASP C 160 -7.33 -2.90 -31.70
N GLY C 161 -6.18 -3.48 -32.04
CA GLY C 161 -5.37 -4.20 -31.08
C GLY C 161 -5.60 -5.70 -31.06
N SER C 162 -6.54 -6.18 -31.86
CA SER C 162 -6.83 -7.61 -31.93
C SER C 162 -5.79 -8.31 -32.80
N LEU C 163 -5.92 -9.63 -32.93
CA LEU C 163 -4.99 -10.40 -33.75
C LEU C 163 -5.70 -11.21 -34.84
N SER C 164 -5.24 -11.03 -36.07
CA SER C 164 -5.75 -11.78 -37.22
C SER C 164 -4.75 -12.80 -37.72
N VAL C 165 -5.22 -14.01 -37.98
CA VAL C 165 -4.38 -15.06 -38.53
C VAL C 165 -5.17 -15.86 -39.58
N ALA C 166 -4.49 -16.31 -40.63
CA ALA C 166 -5.16 -16.97 -41.75
C ALA C 166 -4.33 -18.08 -42.39
N VAL C 167 -5.03 -19.07 -42.95
CA VAL C 167 -4.40 -20.21 -43.62
C VAL C 167 -5.06 -20.50 -44.96
N ASP C 168 -4.26 -20.96 -45.92
CA ASP C 168 -4.74 -21.21 -47.28
C ASP C 168 -4.63 -22.69 -47.63
N LEU C 169 -5.56 -23.17 -48.45
CA LEU C 169 -5.58 -24.56 -48.87
C LEU C 169 -5.80 -24.68 -50.38
N SER C 170 -4.92 -25.41 -51.06
CA SER C 170 -5.03 -25.59 -52.51
C SER C 170 -5.72 -26.91 -52.84
N LEU C 171 -6.66 -26.87 -53.77
CA LEU C 171 -7.39 -28.07 -54.18
C LEU C 171 -7.34 -28.27 -55.69
N PRO C 172 -6.57 -29.27 -56.15
CA PRO C 172 -6.55 -29.65 -57.57
C PRO C 172 -7.81 -30.38 -58.00
N LYS C 173 -8.21 -30.21 -59.25
CA LYS C 173 -9.37 -30.89 -59.79
C LYS C 173 -9.13 -32.40 -59.83
N PRO C 174 -10.13 -33.20 -59.44
CA PRO C 174 -11.48 -32.78 -59.02
C PRO C 174 -11.48 -32.20 -57.61
N TRP C 175 -12.27 -31.15 -57.41
CA TRP C 175 -12.34 -30.51 -56.10
C TRP C 175 -13.06 -31.43 -55.12
N HIS C 176 -12.35 -31.88 -54.09
CA HIS C 176 -12.89 -32.79 -53.11
C HIS C 176 -13.71 -32.06 -52.06
N LEU C 177 -14.81 -31.47 -52.50
CA LEU C 177 -15.71 -30.74 -51.60
C LEU C 177 -16.74 -31.68 -51.00
N PRO C 178 -17.35 -31.28 -49.87
CA PRO C 178 -17.07 -30.05 -49.12
C PRO C 178 -15.74 -30.07 -48.37
N VAL C 179 -15.25 -28.90 -47.98
CA VAL C 179 -14.03 -28.79 -47.18
C VAL C 179 -14.30 -27.88 -45.98
N THR C 180 -13.72 -28.23 -44.83
CA THR C 180 -14.02 -27.53 -43.58
C THR C 180 -12.77 -27.01 -42.86
N CYS C 181 -12.86 -25.77 -42.37
CA CYS C 181 -11.80 -25.20 -41.54
C CYS C 181 -12.31 -24.87 -40.14
N VAL C 182 -11.50 -25.17 -39.13
CA VAL C 182 -11.85 -24.89 -37.74
C VAL C 182 -11.12 -23.66 -37.22
N GLY C 183 -11.90 -22.67 -36.79
CA GLY C 183 -11.36 -21.49 -36.12
C GLY C 183 -11.79 -21.48 -34.68
N LYS C 184 -10.96 -20.94 -33.80
CA LYS C 184 -11.29 -20.89 -32.38
C LYS C 184 -10.50 -19.85 -31.60
N ASN C 185 -11.11 -19.37 -30.52
CA ASN C 185 -10.48 -18.42 -29.62
C ASN C 185 -10.45 -18.98 -28.20
N ASP C 186 -9.37 -19.67 -27.87
CA ASP C 186 -9.32 -20.44 -26.63
C ASP C 186 -10.50 -21.42 -26.56
N LYS C 187 -11.50 -21.08 -25.76
CA LYS C 187 -12.62 -21.97 -25.52
C LYS C 187 -13.74 -21.74 -26.52
N GLU C 188 -13.82 -20.51 -27.04
CA GLU C 188 -14.74 -20.20 -28.13
C GLU C 188 -14.32 -20.95 -29.39
N GLU C 189 -15.30 -21.33 -30.22
CA GLU C 189 -15.00 -22.09 -31.43
C GLU C 189 -16.07 -21.94 -32.50
N ALA C 190 -15.67 -22.00 -33.77
CA ALA C 190 -16.60 -21.89 -34.88
C ALA C 190 -16.02 -22.51 -36.15
N HIS C 191 -16.89 -22.92 -37.07
CA HIS C 191 -16.46 -23.63 -38.27
C HIS C 191 -16.90 -22.92 -39.55
N GLY C 192 -16.13 -23.12 -40.60
CA GLY C 192 -16.48 -22.65 -41.92
C GLY C 192 -16.32 -23.79 -42.90
N VAL C 193 -17.31 -23.97 -43.76
CA VAL C 193 -17.28 -25.05 -44.74
C VAL C 193 -17.59 -24.54 -46.14
N TYR C 194 -16.64 -24.68 -47.06
CA TYR C 194 -16.89 -24.39 -48.46
C TYR C 194 -17.55 -25.58 -49.11
N VAL C 195 -18.74 -25.38 -49.67
CA VAL C 195 -19.54 -26.49 -50.17
C VAL C 195 -19.40 -26.66 -51.67
N SER C 196 -19.63 -25.60 -52.43
CA SER C 196 -19.58 -25.70 -53.89
C SER C 196 -19.13 -24.42 -54.58
N GLY C 197 -18.44 -24.58 -55.71
CA GLY C 197 -18.06 -23.46 -56.55
C GLY C 197 -19.19 -23.08 -57.49
N TYR C 198 -18.96 -22.06 -58.31
CA TYR C 198 -19.96 -21.61 -59.26
C TYR C 198 -20.09 -22.55 -60.46
N LEU C 199 -19.01 -23.25 -60.78
CA LEU C 199 -18.94 -24.02 -62.03
C LEU C 199 -18.66 -25.51 -61.89
N SER C 200 -19.25 -26.28 -62.80
CA SER C 200 -19.11 -27.73 -62.82
C SER C 200 -19.66 -28.39 -61.58
N VAL D 1 15.47 14.24 3.67
CA VAL D 1 16.90 14.27 3.98
C VAL D 1 17.70 14.83 2.82
N THR D 2 18.96 15.16 3.09
CA THR D 2 19.78 15.88 2.13
C THR D 2 21.14 15.21 2.05
N ALA D 3 21.75 15.24 0.88
CA ALA D 3 23.07 14.68 0.69
C ALA D 3 23.74 15.30 -0.52
N PHE D 4 25.07 15.22 -0.56
CA PHE D 4 25.83 15.84 -1.65
C PHE D 4 26.10 14.84 -2.77
N LEU D 5 26.43 15.38 -3.94
CA LEU D 5 26.61 14.57 -5.14
C LEU D 5 27.69 13.51 -4.95
N GLY D 6 27.34 12.26 -5.19
CA GLY D 6 28.29 11.16 -5.07
C GLY D 6 28.27 10.42 -3.75
N GLU D 7 27.80 11.08 -2.69
CA GLU D 7 27.89 10.49 -1.35
C GLU D 7 26.92 9.34 -1.15
N ARG D 8 27.26 8.44 -0.22
CA ARG D 8 26.37 7.35 0.16
C ARG D 8 25.31 7.88 1.12
N VAL D 9 24.05 7.50 0.89
CA VAL D 9 22.96 8.01 1.73
C VAL D 9 21.96 6.90 2.03
N THR D 10 21.33 6.99 3.21
CA THR D 10 20.41 5.95 3.66
C THR D 10 19.06 6.53 4.11
N LEU D 11 17.99 6.15 3.42
CA LEU D 11 16.64 6.48 3.85
C LEU D 11 16.11 5.31 4.68
N THR D 12 15.27 5.60 5.67
CA THR D 12 14.81 4.56 6.58
C THR D 12 13.30 4.45 6.73
N SER D 13 12.87 3.24 7.04
CA SER D 13 11.48 2.95 7.37
C SER D 13 11.52 1.82 8.40
N TYR D 14 10.39 1.52 9.02
CA TYR D 14 10.36 0.53 10.09
C TYR D 14 8.96 -0.02 10.29
N TRP D 15 8.87 -1.16 10.97
CA TRP D 15 7.58 -1.72 11.37
C TRP D 15 7.25 -1.34 12.80
N ARG D 16 6.02 -0.87 12.99
CA ARG D 16 5.58 -0.37 14.29
C ARG D 16 5.86 -1.41 15.39
N ARG D 17 5.37 -2.63 15.19
CA ARG D 17 5.63 -3.71 16.15
C ARG D 17 7.08 -4.18 16.06
N VAL D 18 7.80 -4.11 17.18
CA VAL D 18 9.23 -4.41 17.20
C VAL D 18 9.49 -5.91 17.09
N SER D 19 8.47 -6.72 17.34
CA SER D 19 8.61 -8.17 17.33
C SER D 19 9.00 -8.70 15.96
N LEU D 20 8.59 -8.00 14.91
CA LEU D 20 8.68 -8.53 13.55
C LEU D 20 9.69 -7.80 12.69
N GLY D 21 10.40 -8.55 11.85
CA GLY D 21 11.36 -7.97 10.92
C GLY D 21 11.37 -8.61 9.55
N PRO D 22 11.91 -9.85 9.47
CA PRO D 22 11.97 -10.60 8.21
C PRO D 22 10.60 -10.87 7.59
N GLU D 23 9.60 -11.04 8.45
CA GLU D 23 8.26 -11.43 8.02
C GLU D 23 7.62 -10.39 7.09
N ILE D 24 8.02 -9.14 7.27
CA ILE D 24 7.44 -8.03 6.52
C ILE D 24 7.89 -8.03 5.07
N GLU D 25 6.94 -7.92 4.14
CA GLU D 25 7.28 -7.76 2.74
C GLU D 25 7.53 -6.29 2.43
N VAL D 26 8.81 -5.91 2.39
CA VAL D 26 9.19 -4.53 2.12
C VAL D 26 9.41 -4.32 0.63
N SER D 27 9.07 -3.12 0.16
CA SER D 27 9.28 -2.75 -1.23
C SER D 27 9.43 -1.24 -1.39
N TRP D 28 10.53 -0.81 -2.01
CA TRP D 28 10.82 0.61 -2.19
C TRP D 28 10.51 1.10 -3.60
N PHE D 29 10.17 2.38 -3.71
CA PHE D 29 9.77 2.98 -4.98
C PHE D 29 10.34 4.38 -5.22
N LYS D 30 10.54 4.71 -6.49
CA LYS D 30 10.95 6.04 -6.92
C LYS D 30 9.76 6.78 -7.49
N LEU D 31 9.42 7.91 -6.89
CA LEU D 31 8.26 8.66 -7.35
C LEU D 31 8.66 9.60 -8.48
N GLY D 32 8.45 9.14 -9.71
CA GLY D 32 8.62 10.00 -10.87
C GLY D 32 7.49 11.01 -10.98
N PRO D 33 7.63 11.97 -11.90
CA PRO D 33 6.61 13.00 -12.05
C PRO D 33 5.24 12.40 -12.37
N GLY D 34 4.16 13.05 -11.96
CA GLY D 34 2.83 12.48 -12.13
C GLY D 34 2.50 11.42 -11.11
N GLU D 35 3.17 11.47 -9.96
CA GLU D 35 2.97 10.49 -8.90
C GLU D 35 3.17 9.07 -9.41
N GLU D 36 4.02 8.92 -10.42
CA GLU D 36 4.32 7.60 -10.95
C GLU D 36 5.15 6.82 -9.95
N GLN D 37 4.99 5.50 -9.93
CA GLN D 37 5.71 4.68 -8.97
C GLN D 37 6.60 3.70 -9.71
N VAL D 38 7.92 3.88 -9.57
CA VAL D 38 8.88 2.97 -10.17
C VAL D 38 9.49 2.05 -9.10
N LEU D 39 9.31 0.75 -9.30
CA LEU D 39 9.82 -0.24 -8.36
C LEU D 39 11.34 -0.26 -8.35
N ILE D 40 11.93 -0.01 -7.18
CA ILE D 40 13.38 -0.06 -7.03
C ILE D 40 13.82 -1.47 -6.67
N GLY D 41 13.25 -2.02 -5.61
CA GLY D 41 13.61 -3.36 -5.17
C GLY D 41 12.70 -3.87 -4.07
N ARG D 42 12.81 -5.17 -3.79
CA ARG D 42 11.96 -5.83 -2.80
C ARG D 42 12.78 -6.64 -1.80
N MET D 43 12.18 -6.89 -0.64
CA MET D 43 12.83 -7.69 0.38
C MET D 43 11.79 -8.51 1.15
N HIS D 44 12.13 -9.75 1.46
CA HIS D 44 11.26 -10.61 2.27
C HIS D 44 12.03 -11.80 2.82
N HIS D 45 11.98 -11.97 4.14
CA HIS D 45 12.73 -13.02 4.82
C HIS D 45 14.21 -12.92 4.48
N ASP D 46 14.71 -11.69 4.44
CA ASP D 46 16.11 -11.41 4.14
C ASP D 46 16.51 -11.86 2.72
N VAL D 47 15.52 -12.03 1.85
CA VAL D 47 15.77 -12.25 0.44
C VAL D 47 15.55 -10.95 -0.31
N ILE D 48 16.64 -10.35 -0.80
CA ILE D 48 16.55 -9.06 -1.47
C ILE D 48 16.72 -9.21 -2.96
N PHE D 49 16.01 -8.38 -3.72
CA PHE D 49 16.14 -8.35 -5.17
C PHE D 49 15.89 -6.94 -5.69
N ILE D 50 16.94 -6.32 -6.22
CA ILE D 50 16.83 -5.00 -6.81
C ILE D 50 16.55 -5.16 -8.30
N GLU D 51 15.63 -4.36 -8.83
CA GLU D 51 15.36 -4.37 -10.25
C GLU D 51 16.61 -3.95 -11.02
N TRP D 52 16.85 -4.59 -12.15
CA TRP D 52 18.11 -4.44 -12.87
C TRP D 52 18.49 -2.99 -13.21
N PRO D 53 17.51 -2.17 -13.56
CA PRO D 53 17.80 -0.74 -13.82
C PRO D 53 18.53 -0.06 -12.66
N PHE D 54 18.09 -0.33 -11.44
CA PHE D 54 18.67 0.32 -10.26
C PHE D 54 19.79 -0.51 -9.63
N ARG D 55 20.03 -1.70 -10.16
CA ARG D 55 21.07 -2.56 -9.62
C ARG D 55 22.40 -1.83 -9.61
N GLY D 56 23.07 -1.86 -8.45
CA GLY D 56 24.36 -1.21 -8.32
C GLY D 56 24.29 0.23 -7.84
N PHE D 57 23.15 0.87 -8.07
CA PHE D 57 22.94 2.23 -7.58
C PHE D 57 22.19 2.23 -6.25
N PHE D 58 21.29 1.26 -6.09
CA PHE D 58 20.52 1.12 -4.87
C PHE D 58 20.69 -0.26 -4.25
N ASP D 59 20.54 -0.33 -2.94
CA ASP D 59 20.52 -1.61 -2.24
C ASP D 59 19.56 -1.53 -1.06
N ILE D 60 19.07 -2.69 -0.63
CA ILE D 60 18.20 -2.76 0.53
C ILE D 60 18.81 -3.71 1.54
N HIS D 61 18.79 -3.34 2.81
CA HIS D 61 19.17 -4.25 3.88
C HIS D 61 18.40 -3.98 5.16
N ARG D 62 18.46 -4.92 6.10
CA ARG D 62 17.61 -4.86 7.29
C ARG D 62 18.39 -4.98 8.59
N SER D 63 17.79 -4.44 9.66
CA SER D 63 18.27 -4.70 11.02
C SER D 63 17.08 -4.65 11.98
N ALA D 64 16.69 -5.80 12.51
CA ALA D 64 15.56 -5.86 13.43
C ALA D 64 14.24 -5.43 12.77
N ASN D 65 13.61 -4.39 13.30
CA ASN D 65 12.38 -3.86 12.73
C ASN D 65 12.62 -2.77 11.70
N THR D 66 13.89 -2.41 11.52
CA THR D 66 14.24 -1.30 10.65
C THR D 66 14.59 -1.76 9.24
N PHE D 67 14.22 -0.97 8.25
CA PHE D 67 14.52 -1.28 6.86
C PHE D 67 15.24 -0.10 6.23
N PHE D 68 16.37 -0.37 5.59
CA PHE D 68 17.17 0.70 5.01
C PHE D 68 17.21 0.60 3.49
N LEU D 69 16.98 1.74 2.83
CA LEU D 69 17.24 1.87 1.40
C LEU D 69 18.51 2.69 1.21
N VAL D 70 19.55 2.03 0.70
CA VAL D 70 20.86 2.66 0.55
C VAL D 70 21.17 3.04 -0.89
N VAL D 71 21.32 4.35 -1.14
CA VAL D 71 21.85 4.82 -2.41
C VAL D 71 23.37 4.78 -2.33
N THR D 72 23.98 3.92 -3.13
CA THR D 72 25.42 3.72 -3.07
C THR D 72 26.15 5.02 -3.39
N ALA D 73 25.70 5.69 -4.45
CA ALA D 73 26.24 6.98 -4.83
C ALA D 73 25.14 7.84 -5.44
N ALA D 74 24.87 8.98 -4.82
CA ALA D 74 23.75 9.82 -5.25
C ALA D 74 24.15 10.65 -6.47
N ASN D 75 23.30 10.61 -7.49
CA ASN D 75 23.41 11.51 -8.63
C ASN D 75 22.14 12.34 -8.79
N ILE D 76 22.20 13.38 -9.60
CA ILE D 76 21.13 14.37 -9.62
C ILE D 76 19.76 13.75 -9.89
N SER D 77 19.72 12.73 -10.72
CA SER D 77 18.48 12.04 -11.06
C SER D 77 17.72 11.55 -9.82
N HIS D 78 18.47 11.21 -8.78
CA HIS D 78 17.89 10.63 -7.57
C HIS D 78 17.08 11.62 -6.74
N ASP D 79 17.35 12.92 -6.88
CA ASP D 79 16.60 13.93 -6.14
C ASP D 79 15.10 13.78 -6.43
N GLY D 80 14.31 13.71 -5.36
CA GLY D 80 12.88 13.54 -5.48
C GLY D 80 12.30 12.83 -4.27
N ASN D 81 11.14 12.20 -4.46
CA ASN D 81 10.45 11.53 -3.37
C ASN D 81 10.53 10.01 -3.50
N TYR D 82 10.74 9.33 -2.38
CA TYR D 82 10.78 7.87 -2.38
C TYR D 82 9.72 7.30 -1.43
N LEU D 83 9.22 6.12 -1.75
CA LEU D 83 8.12 5.53 -0.99
C LEU D 83 8.44 4.09 -0.58
N CYS D 84 8.21 3.80 0.70
CA CYS D 84 8.39 2.45 1.21
C CYS D 84 7.05 1.84 1.62
N ARG D 85 6.70 0.72 0.98
CA ARG D 85 5.49 -0.01 1.33
C ARG D 85 5.85 -1.32 2.02
N MET D 86 5.29 -1.49 3.21
CA MET D 86 5.57 -2.65 4.06
C MET D 86 4.27 -3.41 4.32
N LYS D 87 4.31 -4.71 4.06
CA LYS D 87 3.09 -5.52 4.10
C LYS D 87 3.22 -6.76 4.97
N LEU D 88 2.21 -6.96 5.80
CA LEU D 88 2.06 -8.18 6.57
C LEU D 88 0.66 -8.75 6.34
N GLY D 89 0.57 -9.80 5.53
CA GLY D 89 -0.70 -10.41 5.22
C GLY D 89 -1.59 -9.53 4.36
N GLU D 90 -2.71 -9.07 4.93
CA GLU D 90 -3.61 -8.15 4.23
C GLU D 90 -3.28 -6.69 4.53
N THR D 91 -2.71 -6.46 5.71
CA THR D 91 -2.38 -5.11 6.17
C THR D 91 -1.07 -4.60 5.56
N GLU D 92 -1.04 -3.30 5.23
CA GLU D 92 0.16 -2.67 4.69
C GLU D 92 0.28 -1.21 5.14
N VAL D 93 1.51 -0.77 5.37
CA VAL D 93 1.75 0.62 5.75
C VAL D 93 2.69 1.28 4.75
N THR D 94 2.47 2.56 4.49
CA THR D 94 3.30 3.32 3.56
C THR D 94 4.01 4.48 4.24
N LYS D 95 5.33 4.55 4.05
CA LYS D 95 6.12 5.68 4.53
C LYS D 95 6.76 6.41 3.35
N GLN D 96 6.83 7.73 3.46
CA GLN D 96 7.38 8.55 2.39
C GLN D 96 8.59 9.34 2.88
N GLU D 97 9.63 9.41 2.05
CA GLU D 97 10.83 10.18 2.37
C GLU D 97 11.22 11.05 1.19
N HIS D 98 11.80 12.22 1.47
CA HIS D 98 12.26 13.11 0.40
C HIS D 98 13.77 13.30 0.43
N LEU D 99 14.44 12.83 -0.62
CA LEU D 99 15.87 12.99 -0.76
C LEU D 99 16.21 14.21 -1.62
N SER D 100 16.87 15.19 -1.03
CA SER D 100 17.39 16.32 -1.78
C SER D 100 18.87 16.10 -2.07
N VAL D 101 19.22 15.96 -3.33
CA VAL D 101 20.63 15.91 -3.73
C VAL D 101 21.12 17.33 -3.98
N VAL D 102 22.39 17.57 -3.67
CA VAL D 102 22.99 18.88 -3.88
C VAL D 102 24.35 18.76 -4.55
N LYS D 103 24.63 19.65 -5.50
CA LYS D 103 25.96 19.75 -6.07
C LYS D 103 26.62 21.05 -5.60
N PRO D 104 27.72 20.93 -4.84
CA PRO D 104 28.42 22.12 -4.34
C PRO D 104 28.72 23.08 -5.48
N LEU D 105 28.32 24.33 -5.35
CA LEU D 105 28.45 25.28 -6.44
C LEU D 105 29.92 25.42 -6.84
N THR D 106 30.13 25.70 -8.12
CA THR D 106 31.48 25.92 -8.65
C THR D 106 31.52 27.27 -9.35
N LEU D 107 32.06 28.27 -8.67
CA LEU D 107 32.17 29.61 -9.25
C LEU D 107 33.51 29.76 -9.96
N SER D 108 33.50 30.38 -11.13
CA SER D 108 34.72 30.56 -11.90
C SER D 108 34.71 31.91 -12.60
N VAL D 109 35.83 32.62 -12.51
CA VAL D 109 35.95 33.93 -13.13
C VAL D 109 37.14 33.97 -14.09
N HIS D 110 36.94 34.62 -15.22
CA HIS D 110 38.00 34.76 -16.21
C HIS D 110 37.66 35.89 -17.19
N SER D 111 38.69 36.59 -17.64
CA SER D 111 38.51 37.79 -18.45
C SER D 111 39.20 37.74 -19.81
N GLU D 112 38.81 38.64 -20.70
CA GLU D 112 39.48 38.80 -21.98
C GLU D 112 39.26 40.24 -22.44
N ARG D 113 40.27 40.81 -23.10
CA ARG D 113 40.17 42.16 -23.64
C ARG D 113 39.72 42.17 -25.10
N SER D 114 38.93 43.17 -25.44
CA SER D 114 38.44 43.34 -26.81
C SER D 114 39.59 43.38 -27.80
N GLN D 115 39.34 42.85 -29.00
CA GLN D 115 40.35 42.83 -30.06
C GLN D 115 40.04 43.85 -31.15
N PHE D 116 38.94 44.58 -30.99
CA PHE D 116 38.53 45.56 -31.98
C PHE D 116 37.39 46.39 -31.40
N PRO D 117 37.37 47.71 -31.67
CA PRO D 117 38.35 48.45 -32.47
C PRO D 117 39.65 48.72 -31.74
N ASP D 118 39.69 48.46 -30.45
CA ASP D 118 40.90 48.65 -29.65
C ASP D 118 40.99 47.59 -28.56
N PHE D 119 41.99 47.73 -27.69
CA PHE D 119 42.19 46.79 -26.60
C PHE D 119 41.92 47.45 -25.26
N SER D 120 40.89 48.29 -25.22
CA SER D 120 40.58 49.08 -24.03
C SER D 120 39.40 48.51 -23.24
N VAL D 121 38.54 47.74 -23.89
CA VAL D 121 37.36 47.18 -23.23
C VAL D 121 37.66 45.80 -22.66
N LEU D 122 37.77 45.74 -21.34
CA LEU D 122 38.00 44.48 -20.64
C LEU D 122 36.69 43.87 -20.18
N THR D 123 36.37 42.69 -20.71
CA THR D 123 35.15 41.99 -20.33
C THR D 123 35.44 40.79 -19.42
N VAL D 124 34.90 40.83 -18.20
CA VAL D 124 35.05 39.72 -17.25
C VAL D 124 33.83 38.81 -17.28
N THR D 125 34.05 37.53 -16.99
CA THR D 125 32.99 36.53 -17.04
C THR D 125 32.90 35.77 -15.72
N CYS D 126 31.70 35.70 -15.15
CA CYS D 126 31.49 34.97 -13.91
C CYS D 126 30.56 33.78 -14.18
N THR D 127 31.00 32.58 -13.81
CA THR D 127 30.28 31.35 -14.13
C THR D 127 30.05 30.46 -12.91
N VAL D 128 28.79 30.09 -12.64
CA VAL D 128 28.47 29.20 -11.54
C VAL D 128 27.76 27.90 -11.96
N ASN D 129 28.37 26.77 -11.62
CA ASN D 129 27.77 25.46 -11.84
C ASN D 129 27.36 24.79 -10.54
N ALA D 130 26.06 24.64 -10.32
CA ALA D 130 25.56 24.06 -9.08
C ALA D 130 24.27 23.27 -9.29
N PHE D 131 23.65 22.88 -8.18
CA PHE D 131 22.35 22.25 -8.19
C PHE D 131 21.81 22.28 -6.76
N PRO D 132 20.50 22.54 -6.59
CA PRO D 132 19.49 22.64 -7.64
C PRO D 132 19.22 24.05 -8.18
N HIS D 133 19.65 25.08 -7.46
CA HIS D 133 19.32 26.45 -7.85
C HIS D 133 20.53 27.40 -7.84
N PRO D 134 21.31 27.38 -8.93
CA PRO D 134 22.45 28.30 -9.10
C PRO D 134 22.01 29.73 -9.40
N HIS D 135 22.81 30.71 -8.98
CA HIS D 135 22.51 32.12 -9.22
C HIS D 135 23.78 32.96 -9.25
N VAL D 136 23.92 33.78 -10.28
CA VAL D 136 25.09 34.64 -10.43
C VAL D 136 24.68 36.10 -10.57
N GLN D 137 25.47 37.01 -9.99
CA GLN D 137 25.19 38.43 -10.09
C GLN D 137 26.44 39.29 -9.94
N TRP D 138 26.58 40.29 -10.82
CA TRP D 138 27.68 41.24 -10.75
C TRP D 138 27.28 42.40 -9.83
N LEU D 139 28.25 42.92 -9.08
CA LEU D 139 27.97 43.99 -8.13
C LEU D 139 28.19 45.40 -8.70
N MET D 140 28.08 45.53 -10.01
CA MET D 140 28.21 46.82 -10.67
C MET D 140 29.49 47.55 -10.25
N VAL D 155 20.93 29.92 -19.23
CA VAL D 155 21.04 28.73 -18.39
C VAL D 155 21.20 27.47 -19.23
N MET D 156 22.27 26.73 -18.98
CA MET D 156 22.54 25.46 -19.67
C MET D 156 22.47 24.27 -18.71
N LYS D 157 22.04 23.13 -19.23
CA LYS D 157 22.02 21.90 -18.44
C LYS D 157 23.20 21.01 -18.80
N GLU D 158 23.92 20.53 -17.77
CA GLU D 158 25.10 19.70 -17.98
C GLU D 158 24.78 18.21 -18.08
N LYS D 159 25.76 17.44 -18.53
CA LYS D 159 25.62 16.00 -18.67
C LYS D 159 25.49 15.31 -17.32
N ASP D 160 26.09 15.90 -16.30
CA ASP D 160 25.97 15.38 -14.94
C ASP D 160 24.57 15.61 -14.37
N GLY D 161 23.78 16.41 -15.08
CA GLY D 161 22.42 16.69 -14.66
C GLY D 161 22.35 17.99 -13.87
N SER D 162 23.51 18.61 -13.66
CA SER D 162 23.59 19.88 -12.95
C SER D 162 23.21 21.05 -13.86
N LEU D 163 23.21 22.26 -13.31
CA LEU D 163 22.89 23.46 -14.07
C LEU D 163 23.98 24.52 -14.05
N SER D 164 24.39 24.99 -15.22
CA SER D 164 25.37 26.06 -15.32
C SER D 164 24.73 27.37 -15.80
N VAL D 165 25.07 28.48 -15.14
CA VAL D 165 24.58 29.79 -15.54
C VAL D 165 25.71 30.82 -15.40
N ALA D 166 25.76 31.80 -16.29
CA ALA D 166 26.88 32.74 -16.32
C ALA D 166 26.47 34.16 -16.75
N VAL D 167 27.20 35.16 -16.25
CA VAL D 167 26.97 36.55 -16.60
C VAL D 167 28.25 37.29 -16.96
N ASP D 168 28.15 38.23 -17.90
CA ASP D 168 29.31 38.95 -18.40
C ASP D 168 29.21 40.45 -18.09
N LEU D 169 30.36 41.08 -17.87
CA LEU D 169 30.41 42.50 -17.57
C LEU D 169 31.49 43.21 -18.39
N SER D 170 31.12 44.29 -19.08
CA SER D 170 32.05 45.04 -19.90
C SER D 170 32.57 46.27 -19.15
N LEU D 171 33.89 46.49 -19.20
CA LEU D 171 34.51 47.63 -18.52
C LEU D 171 35.39 48.46 -19.47
N PRO D 172 34.91 49.65 -19.85
CA PRO D 172 35.72 50.60 -20.63
C PRO D 172 36.83 51.24 -19.80
N LYS D 173 37.96 51.55 -20.43
CA LYS D 173 39.07 52.22 -19.74
C LYS D 173 38.65 53.62 -19.30
N PRO D 174 39.02 54.02 -18.08
CA PRO D 174 39.84 53.25 -17.13
C PRO D 174 39.07 52.12 -16.44
N TRP D 175 39.72 50.98 -16.26
CA TRP D 175 39.08 49.84 -15.63
C TRP D 175 38.87 50.12 -14.14
N HIS D 176 37.61 50.18 -13.72
CA HIS D 176 37.28 50.49 -12.34
C HIS D 176 37.39 49.24 -11.47
N LEU D 177 38.61 48.71 -11.37
CA LEU D 177 38.86 47.52 -10.56
C LEU D 177 39.17 47.93 -9.12
N PRO D 178 39.01 46.98 -8.18
CA PRO D 178 38.52 45.61 -8.38
C PRO D 178 37.03 45.54 -8.68
N VAL D 179 36.59 44.40 -9.22
CA VAL D 179 35.18 44.15 -9.48
C VAL D 179 34.77 42.79 -8.92
N THR D 180 33.56 42.71 -8.37
CA THR D 180 33.12 41.52 -7.65
C THR D 180 31.81 40.92 -8.18
N CYS D 181 31.78 39.60 -8.31
CA CYS D 181 30.54 38.89 -8.66
C CYS D 181 30.14 37.92 -7.55
N VAL D 182 28.84 37.88 -7.26
CA VAL D 182 28.30 36.98 -6.25
C VAL D 182 27.62 35.78 -6.87
N GLY D 183 28.11 34.58 -6.53
CA GLY D 183 27.45 33.35 -6.94
C GLY D 183 26.89 32.64 -5.71
N LYS D 184 25.78 31.92 -5.88
CA LYS D 184 25.19 31.22 -4.75
C LYS D 184 24.25 30.08 -5.17
N ASN D 185 24.13 29.09 -4.29
CA ASN D 185 23.24 27.96 -4.50
C ASN D 185 22.28 27.87 -3.32
N ASP D 186 21.12 28.52 -3.45
CA ASP D 186 20.20 28.71 -2.33
C ASP D 186 20.91 29.37 -1.14
N LYS D 187 21.21 28.58 -0.13
CA LYS D 187 21.78 29.10 1.11
C LYS D 187 23.30 29.13 1.05
N GLU D 188 23.88 28.24 0.24
CA GLU D 188 25.31 28.28 -0.05
C GLU D 188 25.66 29.55 -0.80
N GLU D 189 26.86 30.08 -0.58
CA GLU D 189 27.27 31.32 -1.24
C GLU D 189 28.80 31.45 -1.33
N ALA D 190 29.26 32.09 -2.40
CA ALA D 190 30.69 32.30 -2.63
C ALA D 190 30.93 33.49 -3.58
N HIS D 191 32.11 34.09 -3.49
CA HIS D 191 32.42 35.29 -4.27
C HIS D 191 33.64 35.12 -5.18
N GLY D 192 33.66 35.87 -6.28
CA GLY D 192 34.81 35.93 -7.16
C GLY D 192 35.14 37.39 -7.44
N VAL D 193 36.43 37.74 -7.35
CA VAL D 193 36.86 39.12 -7.57
C VAL D 193 38.04 39.24 -8.54
N TYR D 194 37.83 39.94 -9.66
CA TYR D 194 38.94 40.26 -10.55
C TYR D 194 39.64 41.53 -10.06
N VAL D 195 40.94 41.43 -9.78
CA VAL D 195 41.66 42.53 -9.14
C VAL D 195 42.46 43.39 -10.13
N SER D 196 43.30 42.75 -10.94
CA SER D 196 44.16 43.48 -11.86
C SER D 196 44.44 42.67 -13.13
N GLY D 197 44.60 43.36 -14.25
CA GLY D 197 44.99 42.69 -15.48
C GLY D 197 46.50 42.49 -15.53
N TYR D 198 46.96 41.87 -16.60
CA TYR D 198 48.38 41.61 -16.79
C TYR D 198 49.18 42.85 -17.17
N LEU D 199 48.53 43.81 -17.82
CA LEU D 199 49.24 44.94 -18.42
C LEU D 199 48.84 46.33 -17.97
N SER D 200 47.58 46.70 -18.17
CA SER D 200 47.09 48.02 -17.78
C SER D 200 47.79 49.12 -18.58
N SER E 8 35.00 -37.86 38.81
CA SER E 8 34.37 -37.98 40.12
C SER E 8 32.91 -38.43 39.98
N GLU E 9 32.45 -39.21 40.95
CA GLU E 9 31.07 -39.69 40.99
C GLU E 9 30.06 -38.56 41.25
N HIS E 10 30.53 -37.49 41.90
CA HIS E 10 29.66 -36.36 42.23
C HIS E 10 29.10 -35.65 41.00
N CYS E 11 29.73 -35.85 39.84
CA CYS E 11 29.25 -35.27 38.59
C CYS E 11 27.78 -35.62 38.31
N SER E 12 27.34 -36.73 38.88
CA SER E 12 25.95 -37.18 38.70
C SER E 12 24.94 -36.12 39.11
N HIS E 13 25.23 -35.40 40.19
CA HIS E 13 24.26 -34.48 40.77
C HIS E 13 24.73 -33.03 40.83
N MET E 14 25.81 -32.70 40.11
CA MET E 14 26.35 -31.35 40.14
C MET E 14 25.33 -30.34 39.62
N ILE E 15 24.61 -30.72 38.56
CA ILE E 15 23.58 -29.86 38.00
C ILE E 15 22.24 -30.11 38.68
N GLY E 16 21.68 -29.04 39.23
CA GLY E 16 20.40 -29.09 39.93
C GLY E 16 19.31 -28.36 39.16
N ASN E 17 18.06 -28.63 39.53
CA ASN E 17 16.94 -27.96 38.87
C ASN E 17 16.88 -26.47 39.20
N GLY E 18 17.56 -26.07 40.27
CA GLY E 18 17.71 -24.66 40.61
C GLY E 18 18.41 -23.88 39.51
N HIS E 19 19.41 -24.50 38.90
CA HIS E 19 20.17 -23.89 37.82
C HIS E 19 19.29 -23.77 36.57
N LEU E 20 18.56 -24.83 36.27
CA LEU E 20 17.66 -24.85 35.13
C LEU E 20 16.52 -23.86 35.36
N LYS E 21 16.13 -23.68 36.62
CA LYS E 21 15.08 -22.74 36.98
C LYS E 21 15.50 -21.29 36.76
N VAL E 22 16.64 -20.89 37.33
CA VAL E 22 17.18 -19.56 37.10
C VAL E 22 17.36 -19.30 35.61
N LEU E 23 17.78 -20.34 34.90
CA LEU E 23 17.97 -20.26 33.45
C LEU E 23 16.67 -20.02 32.69
N GLN E 24 15.62 -20.76 33.05
CA GLN E 24 14.33 -20.62 32.38
C GLN E 24 13.73 -19.25 32.67
N GLN E 25 13.86 -18.82 33.92
CA GLN E 25 13.42 -17.48 34.32
C GLN E 25 14.12 -16.41 33.48
N LEU E 26 15.44 -16.51 33.40
CA LEU E 26 16.24 -15.61 32.59
C LEU E 26 15.70 -15.51 31.17
N ILE E 27 15.37 -16.67 30.58
CA ILE E 27 14.81 -16.71 29.23
C ILE E 27 13.50 -15.95 29.11
N ASP E 28 12.58 -16.21 30.03
CA ASP E 28 11.24 -15.62 29.96
C ASP E 28 11.25 -14.11 30.15
N SER E 29 12.20 -13.63 30.95
CA SER E 29 12.29 -12.20 31.26
C SER E 29 12.81 -11.37 30.10
N GLN E 30 13.34 -12.02 29.07
CA GLN E 30 13.89 -11.33 27.91
C GLN E 30 12.80 -10.82 26.96
N MET E 31 13.01 -9.60 26.46
CA MET E 31 12.07 -8.95 25.57
C MET E 31 12.21 -9.51 24.15
N GLU E 32 11.08 -9.79 23.52
CA GLU E 32 11.06 -10.37 22.17
C GLU E 32 11.32 -9.31 21.09
N THR E 33 12.31 -9.56 20.25
CA THR E 33 12.68 -8.63 19.19
C THR E 33 13.04 -9.35 17.89
N SER E 34 13.23 -8.57 16.84
CA SER E 34 13.59 -9.11 15.52
C SER E 34 15.10 -9.22 15.33
N CYS E 35 15.86 -8.49 16.14
CA CYS E 35 17.29 -8.32 15.90
C CYS E 35 18.06 -9.62 16.08
N GLN E 36 18.97 -9.89 15.15
CA GLN E 36 19.72 -11.14 15.14
C GLN E 36 21.20 -10.89 15.45
N ILE E 37 21.78 -11.76 16.26
CA ILE E 37 23.19 -11.66 16.64
C ILE E 37 24.01 -12.84 16.13
N ALA E 38 25.32 -12.68 16.08
CA ALA E 38 26.21 -13.71 15.55
C ALA E 38 27.01 -14.40 16.68
N PHE E 39 27.07 -15.73 16.63
CA PHE E 39 27.79 -16.51 17.64
C PHE E 39 28.20 -17.88 17.11
N GLU E 40 29.28 -18.44 17.64
CA GLU E 40 29.74 -19.77 17.25
C GLU E 40 29.06 -20.87 18.08
N PHE E 41 28.60 -21.91 17.40
CA PHE E 41 28.03 -23.07 18.08
C PHE E 41 28.20 -24.34 17.24
N VAL E 42 27.86 -25.48 17.84
CA VAL E 42 28.04 -26.78 17.19
C VAL E 42 27.12 -26.96 15.98
N ASP E 43 27.72 -27.34 14.86
CA ASP E 43 26.95 -27.65 13.65
C ASP E 43 26.39 -29.07 13.73
N GLN E 44 25.07 -29.18 13.92
CA GLN E 44 24.41 -30.47 13.98
C GLN E 44 24.58 -31.29 12.70
N GLU E 45 24.71 -30.60 11.57
CA GLU E 45 24.80 -31.27 10.28
C GLU E 45 26.05 -32.15 10.16
N GLN E 46 27.12 -31.75 10.84
CA GLN E 46 28.39 -32.47 10.78
C GLN E 46 28.65 -33.33 12.01
N LEU E 47 27.91 -33.08 13.09
CA LEU E 47 28.10 -33.79 14.35
C LEU E 47 26.76 -34.15 14.98
N ASP E 48 26.36 -35.41 14.85
CA ASP E 48 25.06 -35.86 15.31
C ASP E 48 25.11 -36.73 16.57
N ASP E 49 26.25 -37.35 16.84
CA ASP E 49 26.41 -38.18 18.02
C ASP E 49 26.10 -37.38 19.28
N PRO E 50 25.03 -37.76 19.99
CA PRO E 50 24.57 -37.02 21.18
C PRO E 50 25.70 -36.75 22.18
N VAL E 51 26.44 -37.78 22.56
CA VAL E 51 27.48 -37.65 23.57
C VAL E 51 28.56 -36.66 23.12
N CYS E 52 29.11 -36.88 21.94
CA CYS E 52 30.16 -36.02 21.40
C CYS E 52 29.65 -34.62 21.09
N TYR E 53 28.39 -34.52 20.69
CA TYR E 53 27.78 -33.22 20.44
C TYR E 53 27.79 -32.35 21.69
N LEU E 54 27.31 -32.92 22.80
CA LEU E 54 27.29 -32.21 24.07
C LEU E 54 28.70 -31.87 24.57
N LYS E 55 29.62 -32.83 24.44
CA LYS E 55 30.99 -32.62 24.89
C LYS E 55 31.58 -31.40 24.21
N LYS E 56 31.39 -31.33 22.90
CA LYS E 56 31.86 -30.19 22.13
C LYS E 56 31.11 -28.93 22.54
N ALA E 57 29.80 -29.05 22.74
CA ALA E 57 28.97 -27.91 23.08
C ALA E 57 29.41 -27.26 24.40
N PHE E 58 29.83 -28.09 25.35
CA PHE E 58 30.20 -27.61 26.69
C PHE E 58 31.13 -26.40 26.68
N PHE E 59 32.24 -26.51 25.95
CA PHE E 59 33.25 -25.46 25.95
C PHE E 59 32.72 -24.21 25.27
N LEU E 60 31.97 -24.40 24.20
CA LEU E 60 31.37 -23.28 23.48
C LEU E 60 30.40 -22.56 24.41
N VAL E 61 29.69 -23.33 25.23
CA VAL E 61 28.78 -22.77 26.21
C VAL E 61 29.53 -21.97 27.26
N GLN E 62 30.68 -22.47 27.68
CA GLN E 62 31.55 -21.74 28.59
C GLN E 62 31.86 -20.36 28.02
N ASP E 63 32.40 -20.33 26.80
CA ASP E 63 32.76 -19.08 26.15
C ASP E 63 31.58 -18.13 25.97
N ILE E 64 30.47 -18.65 25.47
CA ILE E 64 29.27 -17.82 25.27
C ILE E 64 28.82 -17.22 26.59
N ILE E 65 28.76 -18.03 27.64
CA ILE E 65 28.37 -17.55 28.95
C ILE E 65 29.29 -16.41 29.39
N ASP E 66 30.59 -16.60 29.20
CA ASP E 66 31.58 -15.61 29.63
C ASP E 66 31.45 -14.26 28.92
N GLU E 67 31.36 -14.29 27.59
CA GLU E 67 31.52 -13.07 26.79
C GLU E 67 30.21 -12.54 26.20
N THR E 68 29.17 -13.38 26.17
CA THR E 68 27.93 -13.02 25.47
C THR E 68 26.81 -12.65 26.44
N MET E 69 26.58 -13.49 27.43
CA MET E 69 25.47 -13.27 28.35
C MET E 69 25.86 -12.23 29.39
N ARG E 70 25.77 -10.97 28.99
CA ARG E 70 26.17 -9.85 29.84
C ARG E 70 24.96 -9.13 30.43
N PHE E 71 25.00 -8.92 31.74
CA PHE E 71 23.94 -8.20 32.45
C PHE E 71 24.54 -7.17 33.39
N LYS E 72 23.73 -6.18 33.77
CA LYS E 72 24.18 -5.16 34.72
C LYS E 72 24.61 -5.86 36.00
N ASP E 73 25.72 -5.40 36.57
CA ASP E 73 26.30 -6.01 37.77
C ASP E 73 25.28 -6.17 38.89
N ASN E 74 25.33 -7.30 39.58
CA ASN E 74 24.49 -7.53 40.75
C ASN E 74 23.00 -7.64 40.43
N THR E 75 22.66 -7.78 39.15
CA THR E 75 21.28 -8.04 38.75
C THR E 75 20.94 -9.52 38.92
N PRO E 76 19.66 -9.83 39.25
CA PRO E 76 19.27 -11.24 39.41
C PRO E 76 19.78 -12.14 38.31
N ASN E 77 19.63 -11.71 37.06
CA ASN E 77 20.12 -12.48 35.93
C ASN E 77 21.64 -12.52 35.91
N ALA E 78 22.26 -11.41 36.32
CA ALA E 78 23.72 -11.35 36.44
C ALA E 78 24.21 -12.42 37.40
N ASN E 79 23.50 -12.58 38.52
CA ASN E 79 23.85 -13.57 39.51
C ASN E 79 23.57 -14.98 39.01
N ALA E 80 22.48 -15.14 38.27
CA ALA E 80 22.16 -16.40 37.61
C ALA E 80 23.32 -16.84 36.73
N THR E 81 23.81 -15.91 35.91
CA THR E 81 24.94 -16.18 35.03
C THR E 81 26.20 -16.52 35.81
N GLU E 82 26.37 -15.88 36.95
CA GLU E 82 27.50 -16.18 37.83
C GLU E 82 27.40 -17.62 38.31
N ARG E 83 26.23 -17.99 38.82
CA ARG E 83 25.98 -19.35 39.28
C ARG E 83 26.29 -20.36 38.17
N LEU E 84 25.81 -20.08 36.96
CA LEU E 84 26.03 -20.97 35.83
C LEU E 84 27.51 -21.05 35.46
N GLN E 85 28.20 -19.93 35.56
CA GLN E 85 29.63 -19.89 35.27
C GLN E 85 30.37 -20.76 36.30
N GLU E 86 30.02 -20.59 37.57
CA GLU E 86 30.61 -21.42 38.62
C GLU E 86 30.31 -22.89 38.35
N LEU E 87 29.06 -23.19 38.07
CA LEU E 87 28.65 -24.54 37.73
C LEU E 87 29.50 -25.09 36.59
N SER E 88 29.70 -24.27 35.56
CA SER E 88 30.53 -24.66 34.42
C SER E 88 31.95 -24.99 34.86
N ASN E 89 32.49 -24.17 35.74
CA ASN E 89 33.85 -24.39 36.26
C ASN E 89 33.97 -25.72 37.00
N ASN E 90 32.95 -26.05 37.79
CA ASN E 90 32.92 -27.32 38.50
C ASN E 90 32.76 -28.51 37.56
N LEU E 91 32.00 -28.32 36.48
CA LEU E 91 31.77 -29.39 35.52
C LEU E 91 32.99 -29.74 34.67
N ASN E 92 33.92 -28.80 34.55
CA ASN E 92 35.14 -29.02 33.78
C ASN E 92 35.84 -30.34 34.12
N SER E 93 35.79 -30.71 35.39
CA SER E 93 36.48 -31.90 35.87
C SER E 93 35.76 -33.19 35.44
N CYS E 94 34.57 -33.04 34.87
CA CYS E 94 33.76 -34.19 34.47
C CYS E 94 33.92 -34.49 32.98
N PHE E 95 34.51 -33.55 32.25
CA PHE E 95 34.81 -33.76 30.83
C PHE E 95 36.30 -33.98 30.66
N THR E 96 36.67 -35.04 29.94
CA THR E 96 38.07 -35.34 29.68
C THR E 96 38.53 -34.63 28.41
N LYS E 97 39.81 -34.28 28.36
CA LYS E 97 40.38 -33.62 27.20
C LYS E 97 40.50 -34.58 26.01
N ASP E 98 40.22 -34.07 24.81
CA ASP E 98 40.32 -34.87 23.60
C ASP E 98 41.55 -34.44 22.79
N TYR E 99 41.39 -33.42 21.96
CA TYR E 99 42.50 -32.83 21.23
C TYR E 99 42.23 -31.36 20.96
N GLU E 100 43.30 -30.60 20.72
CA GLU E 100 43.18 -29.16 20.52
C GLU E 100 42.95 -28.85 19.05
N GLU E 101 43.33 -29.78 18.19
CA GLU E 101 43.10 -29.65 16.76
C GLU E 101 41.61 -29.40 16.48
N GLN E 102 40.77 -30.13 17.20
CA GLN E 102 39.34 -30.18 16.88
C GLN E 102 38.55 -28.98 17.41
N ASN E 103 39.11 -28.21 18.32
CA ASN E 103 38.43 -27.01 18.81
C ASN E 103 38.25 -26.00 17.70
N LYS E 104 37.00 -25.58 17.49
CA LYS E 104 36.61 -24.74 16.34
C LYS E 104 36.39 -25.57 15.07
N ALA E 105 36.40 -26.89 15.22
CA ALA E 105 35.99 -27.80 14.15
C ALA E 105 34.64 -28.38 14.56
N CYS E 106 33.77 -28.67 13.59
CA CYS E 106 32.40 -29.06 13.90
C CYS E 106 31.66 -27.84 14.44
N VAL E 107 32.19 -26.66 14.13
CA VAL E 107 31.68 -25.41 14.67
C VAL E 107 31.25 -24.48 13.52
N ARG E 108 30.11 -23.83 13.70
CA ARG E 108 29.55 -22.96 12.68
C ARG E 108 29.19 -21.60 13.24
N THR E 109 28.99 -20.62 12.34
CA THR E 109 28.51 -19.31 12.74
C THR E 109 26.99 -19.27 12.67
N PHE E 110 26.35 -18.82 13.75
CA PHE E 110 24.90 -18.72 13.79
C PHE E 110 24.46 -17.26 13.87
N HIS E 111 23.47 -16.90 13.06
CA HIS E 111 22.87 -15.57 13.12
C HIS E 111 21.41 -15.68 13.53
N GLU E 112 21.15 -15.60 14.83
CA GLU E 112 19.82 -15.88 15.34
C GLU E 112 19.43 -14.94 16.47
N THR E 113 18.17 -15.04 16.90
CA THR E 113 17.66 -14.20 17.97
C THR E 113 18.28 -14.64 19.29
N PRO E 114 18.45 -13.69 20.22
CA PRO E 114 18.98 -14.03 21.55
C PRO E 114 18.19 -15.18 22.20
N LEU E 115 16.88 -15.17 22.03
CA LEU E 115 16.02 -16.19 22.63
C LEU E 115 16.42 -17.58 22.13
N GLN E 116 16.67 -17.70 20.83
CA GLN E 116 17.04 -18.97 20.23
C GLN E 116 18.39 -19.45 20.77
N LEU E 117 19.33 -18.52 20.97
CA LEU E 117 20.61 -18.85 21.56
C LEU E 117 20.42 -19.41 22.96
N LEU E 118 19.65 -18.69 23.77
CA LEU E 118 19.39 -19.11 25.13
C LEU E 118 18.68 -20.46 25.19
N GLU E 119 17.83 -20.73 24.19
CA GLU E 119 17.18 -22.02 24.08
C GLU E 119 18.22 -23.13 23.88
N LYS E 120 19.20 -22.88 23.03
CA LYS E 120 20.27 -23.83 22.81
C LYS E 120 21.01 -24.12 24.11
N ILE E 121 21.32 -23.07 24.86
CA ILE E 121 21.98 -23.22 26.15
C ILE E 121 21.15 -24.09 27.08
N LYS E 122 19.88 -23.73 27.23
CA LYS E 122 18.96 -24.49 28.08
C LYS E 122 18.96 -25.96 27.69
N ASN E 123 18.77 -26.23 26.39
CA ASN E 123 18.78 -27.60 25.88
C ASN E 123 20.07 -28.33 26.26
N PHE E 124 21.21 -27.66 26.11
CA PHE E 124 22.50 -28.24 26.49
C PHE E 124 22.48 -28.73 27.94
N PHE E 125 22.20 -27.82 28.86
CA PHE E 125 22.22 -28.14 30.29
C PHE E 125 21.23 -29.25 30.62
N ASN E 126 20.06 -29.22 30.00
CA ASN E 126 19.04 -30.24 30.25
C ASN E 126 19.52 -31.64 29.85
N GLU E 127 19.91 -31.80 28.59
CA GLU E 127 20.33 -33.11 28.10
C GLU E 127 21.60 -33.59 28.80
N THR E 128 22.54 -32.68 29.04
CA THR E 128 23.74 -32.98 29.80
C THR E 128 23.39 -33.51 31.19
N LYS E 129 22.45 -32.83 31.84
CA LYS E 129 22.00 -33.23 33.18
C LYS E 129 21.48 -34.67 33.15
N ASN E 130 20.57 -34.95 32.22
CA ASN E 130 20.01 -36.29 32.08
C ASN E 130 21.09 -37.35 31.90
N LEU E 131 21.96 -37.16 30.92
CA LEU E 131 23.02 -38.12 30.61
C LEU E 131 23.99 -38.35 31.78
N LEU E 132 24.28 -37.29 32.53
CA LEU E 132 25.14 -37.42 33.71
C LEU E 132 24.46 -38.29 34.77
N GLU E 133 23.16 -38.09 34.95
CA GLU E 133 22.39 -38.90 35.88
C GLU E 133 22.35 -40.37 35.47
N LYS E 134 22.24 -40.63 34.17
CA LYS E 134 22.29 -42.00 33.68
C LYS E 134 23.66 -42.63 33.90
N ASP E 135 24.71 -41.93 33.51
CA ASP E 135 26.08 -42.41 33.64
C ASP E 135 27.05 -41.24 33.83
N TRP E 136 27.43 -40.97 35.07
CA TRP E 136 28.36 -39.87 35.35
C TRP E 136 29.73 -40.01 34.67
N ASN E 137 29.98 -41.16 34.05
CA ASN E 137 31.22 -41.36 33.28
C ASN E 137 31.03 -41.28 31.77
N ILE E 138 29.84 -40.88 31.33
CA ILE E 138 29.53 -40.82 29.91
C ILE E 138 30.49 -39.92 29.13
N PHE E 139 30.91 -38.83 29.76
CA PHE E 139 31.73 -37.82 29.08
C PHE E 139 33.23 -38.07 29.19
N THR E 140 33.61 -39.29 29.57
CA THR E 140 35.00 -39.72 29.46
C THR E 140 35.27 -40.20 28.03
N LYS E 141 34.20 -40.34 27.24
CA LYS E 141 34.30 -40.89 25.90
C LYS E 141 35.33 -40.18 25.02
N ASN E 142 36.02 -40.95 24.20
CA ASN E 142 36.94 -40.41 23.20
C ASN E 142 36.17 -40.10 21.93
N CYS E 143 36.10 -38.82 21.56
CA CYS E 143 35.32 -38.40 20.40
C CYS E 143 36.20 -37.95 19.24
N ASN E 144 37.48 -38.32 19.28
CA ASN E 144 38.43 -37.95 18.23
C ASN E 144 37.92 -38.29 16.84
N ASN E 145 37.26 -39.44 16.70
CA ASN E 145 36.69 -39.85 15.43
C ASN E 145 35.53 -38.97 15.01
N SER E 146 34.54 -38.85 15.89
CA SER E 146 33.37 -38.02 15.63
C SER E 146 33.75 -36.61 15.22
N PHE E 147 34.73 -36.04 15.92
CA PHE E 147 35.23 -34.72 15.59
C PHE E 147 35.93 -34.70 14.23
N ALA E 148 36.77 -35.69 14.00
CA ALA E 148 37.52 -35.78 12.75
C ALA E 148 36.61 -35.89 11.53
N LYS E 149 35.43 -36.46 11.72
CA LYS E 149 34.47 -36.64 10.63
C LYS E 149 34.08 -35.32 9.98
N CYS E 150 34.15 -34.24 10.76
CA CYS E 150 33.74 -32.93 10.29
C CYS E 150 34.71 -32.39 9.24
N SER E 151 34.19 -31.68 8.26
CA SER E 151 35.00 -31.14 7.18
C SER E 151 34.72 -29.65 6.98
N GLU F 9 -7.31 15.48 41.55
CA GLU F 9 -6.31 15.69 42.57
C GLU F 9 -5.52 14.43 42.86
N HIS F 10 -6.12 13.28 42.59
CA HIS F 10 -5.49 11.99 42.84
C HIS F 10 -4.25 11.78 41.96
N CYS F 11 -4.15 12.57 40.89
CA CYS F 11 -3.00 12.50 39.99
C CYS F 11 -1.68 12.68 40.73
N SER F 12 -1.73 13.35 41.88
CA SER F 12 -0.53 13.59 42.68
C SER F 12 0.18 12.29 43.05
N HIS F 13 -0.60 11.26 43.35
CA HIS F 13 -0.06 10.02 43.88
C HIS F 13 -0.39 8.80 43.01
N MET F 14 -0.84 9.04 41.78
CA MET F 14 -1.22 7.94 40.89
C MET F 14 -0.05 7.02 40.59
N ILE F 15 1.12 7.61 40.37
CA ILE F 15 2.33 6.84 40.12
C ILE F 15 3.03 6.47 41.41
N GLY F 16 3.25 5.18 41.61
CA GLY F 16 3.92 4.73 42.83
C GLY F 16 5.28 4.18 42.52
N ASN F 17 6.11 4.08 43.56
CA ASN F 17 7.46 3.55 43.44
C ASN F 17 7.48 2.06 43.16
N GLY F 18 6.36 1.40 43.43
CA GLY F 18 6.21 0.00 43.07
C GLY F 18 6.34 -0.12 41.56
N HIS F 19 5.81 0.88 40.85
CA HIS F 19 5.88 0.91 39.40
C HIS F 19 7.29 1.17 38.89
N LEU F 20 7.98 2.14 39.48
CA LEU F 20 9.35 2.46 39.08
C LEU F 20 10.30 1.31 39.40
N LYS F 21 10.03 0.60 40.49
CA LYS F 21 10.84 -0.55 40.88
C LYS F 21 10.67 -1.68 39.88
N VAL F 22 9.41 -2.04 39.61
CA VAL F 22 9.12 -3.06 38.61
C VAL F 22 9.72 -2.69 37.26
N LEU F 23 9.70 -1.41 36.95
CA LEU F 23 10.27 -0.91 35.70
C LEU F 23 11.79 -1.12 35.68
N GLN F 24 12.45 -0.78 36.77
CA GLN F 24 13.90 -0.90 36.87
C GLN F 24 14.34 -2.37 36.86
N GLN F 25 13.61 -3.22 37.56
CA GLN F 25 13.88 -4.65 37.53
C GLN F 25 13.79 -5.12 36.08
N LEU F 26 12.69 -4.76 35.43
CA LEU F 26 12.51 -5.08 34.01
C LEU F 26 13.73 -4.64 33.20
N ILE F 27 14.21 -3.44 33.45
CA ILE F 27 15.39 -2.92 32.75
C ILE F 27 16.63 -3.78 32.98
N ASP F 28 16.91 -4.09 34.24
CA ASP F 28 18.13 -4.80 34.60
C ASP F 28 18.14 -6.22 34.05
N SER F 29 16.96 -6.83 33.94
CA SER F 29 16.86 -8.21 33.48
C SER F 29 17.12 -8.37 31.98
N GLN F 30 17.15 -7.25 31.25
CA GLN F 30 17.38 -7.30 29.81
C GLN F 30 18.86 -7.51 29.49
N MET F 31 19.14 -8.36 28.51
CA MET F 31 20.52 -8.64 28.12
C MET F 31 21.08 -7.51 27.27
N GLU F 32 22.31 -7.10 27.56
CA GLU F 32 22.94 -6.01 26.84
C GLU F 32 23.47 -6.49 25.50
N THR F 33 23.04 -5.82 24.43
CA THR F 33 23.43 -6.19 23.08
C THR F 33 23.72 -4.96 22.23
N SER F 34 24.23 -5.19 21.03
CA SER F 34 24.54 -4.11 20.11
C SER F 34 23.37 -3.76 19.21
N CYS F 35 22.40 -4.67 19.09
CA CYS F 35 21.36 -4.53 18.08
C CYS F 35 20.47 -3.32 18.36
N GLN F 36 20.19 -2.56 17.31
CA GLN F 36 19.43 -1.33 17.43
C GLN F 36 18.06 -1.44 16.76
N ILE F 37 17.05 -0.88 17.42
CA ILE F 37 15.68 -0.89 16.90
C ILE F 37 15.21 0.53 16.60
N ALA F 38 14.16 0.65 15.80
CA ALA F 38 13.64 1.96 15.40
C ALA F 38 12.32 2.29 16.09
N PHE F 39 12.21 3.51 16.59
CA PHE F 39 10.99 3.96 17.28
C PHE F 39 10.89 5.49 17.26
N GLU F 40 9.66 6.00 17.32
CA GLU F 40 9.43 7.44 17.35
C GLU F 40 9.46 7.97 18.78
N PHE F 41 10.18 9.08 18.98
CA PHE F 41 10.20 9.72 20.29
C PHE F 41 10.47 11.23 20.17
N VAL F 42 10.36 11.93 21.30
CA VAL F 42 10.52 13.38 21.34
C VAL F 42 11.95 13.82 21.04
N ASP F 43 12.09 14.75 20.10
CA ASP F 43 13.38 15.35 19.76
C ASP F 43 13.73 16.45 20.76
N GLN F 44 14.73 16.18 21.60
CA GLN F 44 15.18 17.16 22.59
C GLN F 44 15.70 18.44 21.96
N GLU F 45 16.25 18.33 20.76
CA GLU F 45 16.85 19.48 20.08
C GLU F 45 15.81 20.56 19.77
N GLN F 46 14.58 20.15 19.53
CA GLN F 46 13.52 21.09 19.18
C GLN F 46 12.57 21.39 20.33
N LEU F 47 12.60 20.57 21.37
CA LEU F 47 11.68 20.74 22.49
C LEU F 47 12.41 20.51 23.82
N ASP F 48 12.75 21.61 24.50
CA ASP F 48 13.56 21.53 25.71
C ASP F 48 12.75 21.80 26.99
N ASP F 49 11.63 22.51 26.85
CA ASP F 49 10.78 22.81 27.99
C ASP F 49 10.35 21.52 28.69
N PRO F 50 10.81 21.32 29.93
CA PRO F 50 10.53 20.07 30.66
C PRO F 50 9.05 19.67 30.67
N VAL F 51 8.18 20.59 31.03
CA VAL F 51 6.76 20.29 31.16
C VAL F 51 6.16 19.84 29.83
N CYS F 52 6.37 20.65 28.80
CA CYS F 52 5.84 20.35 27.48
C CYS F 52 6.51 19.11 26.87
N TYR F 53 7.79 18.92 27.19
CA TYR F 53 8.51 17.73 26.75
C TYR F 53 7.84 16.47 27.27
N LEU F 54 7.58 16.44 28.57
CA LEU F 54 6.92 15.31 29.20
C LEU F 54 5.50 15.14 28.68
N LYS F 55 4.81 16.27 28.53
CA LYS F 55 3.44 16.29 28.05
C LYS F 55 3.34 15.60 26.69
N LYS F 56 4.23 15.97 25.78
CA LYS F 56 4.29 15.34 24.46
C LYS F 56 4.69 13.87 24.55
N ALA F 57 5.66 13.59 25.42
CA ALA F 57 6.21 12.25 25.58
C ALA F 57 5.18 11.24 26.03
N PHE F 58 4.25 11.68 26.89
CA PHE F 58 3.26 10.79 27.48
C PHE F 58 2.58 9.89 26.45
N PHE F 59 2.07 10.49 25.39
CA PHE F 59 1.32 9.73 24.39
C PHE F 59 2.22 8.76 23.62
N LEU F 60 3.43 9.20 23.31
CA LEU F 60 4.39 8.34 22.62
C LEU F 60 4.75 7.13 23.48
N VAL F 61 4.84 7.34 24.79
CA VAL F 61 5.12 6.26 25.73
C VAL F 61 3.97 5.26 25.76
N GLN F 62 2.75 5.76 25.71
CA GLN F 62 1.58 4.90 25.61
C GLN F 62 1.73 3.94 24.43
N ASP F 63 1.96 4.49 23.24
CA ASP F 63 2.10 3.68 22.04
C ASP F 63 3.25 2.68 22.12
N ILE F 64 4.43 3.12 22.56
CA ILE F 64 5.58 2.23 22.68
C ILE F 64 5.27 1.08 23.63
N ILE F 65 4.68 1.39 24.78
CA ILE F 65 4.30 0.37 25.74
C ILE F 65 3.38 -0.66 25.09
N ASP F 66 2.40 -0.16 24.34
CA ASP F 66 1.41 -1.01 23.71
C ASP F 66 2.01 -1.99 22.68
N GLU F 67 2.83 -1.47 21.79
CA GLU F 67 3.25 -2.22 20.60
C GLU F 67 4.69 -2.73 20.66
N THR F 68 5.50 -2.18 21.56
CA THR F 68 6.93 -2.48 21.59
C THR F 68 7.35 -3.41 22.71
N MET F 69 6.91 -3.11 23.93
CA MET F 69 7.33 -3.87 25.09
C MET F 69 6.56 -5.18 25.22
N ARG F 70 6.98 -6.17 24.44
CA ARG F 70 6.30 -7.46 24.39
C ARG F 70 7.05 -8.55 25.15
N PHE F 71 6.34 -9.27 26.00
CA PHE F 71 6.91 -10.38 26.75
C PHE F 71 5.98 -11.59 26.68
N LYS F 72 6.54 -12.77 26.91
CA LYS F 72 5.76 -14.00 26.94
C LYS F 72 4.65 -13.90 27.98
N ASP F 73 3.46 -14.38 27.66
CA ASP F 73 2.31 -14.27 28.54
C ASP F 73 2.59 -14.79 29.95
N ASN F 74 2.07 -14.05 30.94
CA ASN F 74 2.14 -14.41 32.36
C ASN F 74 3.54 -14.39 32.96
N THR F 75 4.50 -13.81 32.25
CA THR F 75 5.83 -13.60 32.82
C THR F 75 5.79 -12.34 33.68
N PRO F 76 6.59 -12.30 34.74
CA PRO F 76 6.66 -11.14 35.65
C PRO F 76 6.72 -9.82 34.90
N ASN F 77 7.57 -9.73 33.88
CA ASN F 77 7.67 -8.51 33.08
C ASN F 77 6.43 -8.24 32.25
N ALA F 78 5.78 -9.30 31.76
CA ALA F 78 4.53 -9.15 31.03
C ALA F 78 3.50 -8.47 31.93
N ASN F 79 3.45 -8.90 33.18
CA ASN F 79 2.53 -8.33 34.15
C ASN F 79 2.94 -6.91 34.51
N ALA F 80 4.26 -6.69 34.58
CA ALA F 80 4.80 -5.36 34.79
C ALA F 80 4.29 -4.39 33.72
N THR F 81 4.40 -4.83 32.47
CA THR F 81 3.92 -4.02 31.34
C THR F 81 2.41 -3.78 31.43
N GLU F 82 1.67 -4.77 31.94
CA GLU F 82 0.23 -4.62 32.14
C GLU F 82 -0.06 -3.52 33.16
N ARG F 83 0.60 -3.60 34.31
CA ARG F 83 0.46 -2.60 35.36
C ARG F 83 0.74 -1.19 34.81
N LEU F 84 1.83 -1.07 34.06
CA LEU F 84 2.23 0.22 33.50
C LEU F 84 1.20 0.72 32.48
N GLN F 85 0.64 -0.19 31.70
CA GLN F 85 -0.38 0.18 30.72
C GLN F 85 -1.62 0.72 31.43
N GLU F 86 -2.06 0.02 32.48
CA GLU F 86 -3.18 0.47 33.28
C GLU F 86 -2.89 1.85 33.85
N LEU F 87 -1.70 2.00 34.44
CA LEU F 87 -1.27 3.28 34.98
C LEU F 87 -1.41 4.37 33.92
N SER F 88 -0.96 4.09 32.70
CA SER F 88 -1.07 5.03 31.60
C SER F 88 -2.53 5.41 31.34
N ASN F 89 -3.40 4.42 31.36
CA ASN F 89 -4.83 4.65 31.15
C ASN F 89 -5.46 5.56 32.21
N ASN F 90 -5.07 5.36 33.47
CA ASN F 90 -5.54 6.21 34.56
C ASN F 90 -4.97 7.62 34.45
N LEU F 91 -3.75 7.71 33.93
CA LEU F 91 -3.07 8.99 33.77
C LEU F 91 -3.70 9.84 32.66
N ASN F 92 -4.42 9.21 31.74
CA ASN F 92 -5.07 9.95 30.66
C ASN F 92 -5.84 11.17 31.16
N SER F 93 -6.44 11.04 32.34
CA SER F 93 -7.27 12.11 32.90
C SER F 93 -6.47 13.27 33.47
N CYS F 94 -5.15 13.13 33.54
CA CYS F 94 -4.29 14.16 34.13
C CYS F 94 -3.64 15.06 33.08
N PHE F 95 -3.69 14.65 31.82
CA PHE F 95 -3.17 15.47 30.73
C PHE F 95 -4.31 16.06 29.91
N THR F 96 -4.26 17.36 29.69
CA THR F 96 -5.27 18.07 28.90
C THR F 96 -4.90 18.06 27.42
N LYS F 97 -5.91 18.08 26.54
CA LYS F 97 -5.67 18.09 25.11
C LYS F 97 -5.13 19.45 24.66
N ASP F 98 -4.19 19.43 23.72
CA ASP F 98 -3.62 20.66 23.17
C ASP F 98 -4.12 20.93 21.77
N TYR F 99 -3.47 20.34 20.77
CA TYR F 99 -3.93 20.42 19.39
C TYR F 99 -3.50 19.18 18.60
N GLU F 100 -4.21 18.92 17.50
CA GLU F 100 -3.96 17.74 16.68
C GLU F 100 -2.92 18.07 15.62
N GLU F 101 -2.76 19.36 15.36
CA GLU F 101 -1.74 19.84 14.42
C GLU F 101 -0.37 19.31 14.84
N GLN F 102 -0.12 19.35 16.15
CA GLN F 102 1.22 19.13 16.68
C GLN F 102 1.60 17.66 16.81
N ASN F 103 0.63 16.75 16.72
CA ASN F 103 0.93 15.33 16.75
C ASN F 103 1.77 14.94 15.55
N LYS F 104 2.92 14.32 15.81
CA LYS F 104 3.93 14.05 14.80
C LYS F 104 4.83 15.25 14.53
N ALA F 105 4.69 16.29 15.35
CA ALA F 105 5.63 17.40 15.35
C ALA F 105 6.48 17.35 16.61
N CYS F 106 7.73 17.77 16.48
CA CYS F 106 8.73 17.64 17.54
C CYS F 106 9.11 16.17 17.73
N VAL F 107 8.85 15.35 16.72
CA VAL F 107 9.08 13.92 16.85
C VAL F 107 10.04 13.44 15.77
N ARG F 108 10.98 12.58 16.16
CA ARG F 108 12.00 12.08 15.26
C ARG F 108 12.05 10.57 15.36
N THR F 109 12.70 9.94 14.39
CA THR F 109 12.94 8.52 14.43
C THR F 109 14.26 8.24 15.12
N PHE F 110 14.24 7.31 16.09
CA PHE F 110 15.44 6.95 16.84
C PHE F 110 15.84 5.52 16.52
N HIS F 111 17.14 5.32 16.28
CA HIS F 111 17.69 3.99 16.07
C HIS F 111 18.68 3.68 17.19
N GLU F 112 18.17 3.05 18.25
CA GLU F 112 18.97 2.86 19.46
C GLU F 112 18.74 1.49 20.07
N THR F 113 19.52 1.18 21.10
CA THR F 113 19.42 -0.09 21.80
C THR F 113 18.14 -0.14 22.62
N PRO F 114 17.56 -1.36 22.78
CA PRO F 114 16.37 -1.47 23.63
C PRO F 114 16.60 -0.86 25.01
N LEU F 115 17.80 -1.05 25.56
CA LEU F 115 18.11 -0.55 26.89
C LEU F 115 17.94 0.97 26.93
N GLN F 116 18.41 1.65 25.90
CA GLN F 116 18.31 3.09 25.84
C GLN F 116 16.85 3.53 25.76
N LEU F 117 16.04 2.79 25.01
CA LEU F 117 14.61 3.09 24.94
C LEU F 117 13.98 2.96 26.33
N LEU F 118 14.22 1.84 27.00
CA LEU F 118 13.66 1.62 28.34
C LEU F 118 14.12 2.69 29.33
N GLU F 119 15.35 3.16 29.16
CA GLU F 119 15.86 4.25 29.99
C GLU F 119 15.03 5.52 29.77
N LYS F 120 14.71 5.79 28.51
CA LYS F 120 13.88 6.95 28.18
C LYS F 120 12.52 6.84 28.88
N ILE F 121 11.92 5.66 28.85
CA ILE F 121 10.66 5.43 29.55
C ILE F 121 10.82 5.70 31.05
N LYS F 122 11.85 5.11 31.65
CA LYS F 122 12.10 5.31 33.07
C LYS F 122 12.19 6.78 33.44
N ASN F 123 13.02 7.53 32.70
CA ASN F 123 13.17 8.95 32.93
C ASN F 123 11.82 9.65 32.87
N PHE F 124 11.01 9.31 31.87
CA PHE F 124 9.68 9.88 31.76
C PHE F 124 8.86 9.69 33.03
N PHE F 125 8.69 8.43 33.44
CA PHE F 125 7.87 8.12 34.61
C PHE F 125 8.40 8.79 35.87
N ASN F 126 9.72 8.79 36.04
CA ASN F 126 10.34 9.39 37.21
C ASN F 126 10.05 10.90 37.29
N GLU F 127 10.44 11.63 36.25
CA GLU F 127 10.26 13.07 36.23
C GLU F 127 8.79 13.46 36.24
N THR F 128 7.97 12.71 35.51
CA THR F 128 6.52 12.91 35.54
C THR F 128 6.01 12.77 36.97
N LYS F 129 6.47 11.73 37.65
CA LYS F 129 6.09 11.49 39.04
C LYS F 129 6.43 12.67 39.94
N ASN F 130 7.68 13.11 39.87
CA ASN F 130 8.14 14.26 40.65
C ASN F 130 7.29 15.50 40.44
N LEU F 131 7.13 15.91 39.17
CA LEU F 131 6.37 17.11 38.84
C LEU F 131 4.91 17.03 39.27
N LEU F 132 4.31 15.84 39.19
CA LEU F 132 2.95 15.64 39.66
C LEU F 132 2.85 15.84 41.17
N GLU F 133 3.84 15.32 41.89
CA GLU F 133 3.89 15.49 43.34
C GLU F 133 4.04 16.97 43.73
N LYS F 134 4.86 17.70 42.97
CA LYS F 134 5.02 19.13 43.20
C LYS F 134 3.73 19.89 42.90
N ASP F 135 3.15 19.61 41.73
CA ASP F 135 1.92 20.28 41.31
C ASP F 135 1.07 19.39 40.39
N TRP F 136 0.08 18.72 40.97
CA TRP F 136 -0.81 17.85 40.23
C TRP F 136 -1.63 18.52 39.10
N ASN F 137 -1.57 19.85 39.02
CA ASN F 137 -2.21 20.57 37.91
C ASN F 137 -1.20 21.05 36.87
N ILE F 138 0.05 20.61 37.01
CA ILE F 138 1.12 21.06 36.11
C ILE F 138 0.85 20.77 34.64
N PHE F 139 0.24 19.62 34.35
CA PHE F 139 0.05 19.21 32.96
C PHE F 139 -1.25 19.69 32.30
N THR F 140 -1.90 20.67 32.91
CA THR F 140 -2.99 21.39 32.27
C THR F 140 -2.42 22.50 31.38
N LYS F 141 -1.13 22.73 31.52
CA LYS F 141 -0.42 23.82 30.85
C LYS F 141 -0.66 23.80 29.33
N ASN F 142 -0.78 24.99 28.75
CA ASN F 142 -0.87 25.12 27.30
C ASN F 142 0.49 25.16 26.64
N CYS F 143 0.78 24.15 25.83
CA CYS F 143 2.08 24.02 25.19
C CYS F 143 2.06 24.27 23.68
N ASN F 144 0.98 24.86 23.17
CA ASN F 144 0.88 25.12 21.74
C ASN F 144 2.09 25.88 21.19
N ASN F 145 2.60 26.82 21.97
CA ASN F 145 3.78 27.59 21.55
C ASN F 145 5.02 26.70 21.52
N SER F 146 5.30 26.03 22.63
CA SER F 146 6.47 25.16 22.70
C SER F 146 6.45 24.15 21.56
N PHE F 147 5.28 23.59 21.27
CA PHE F 147 5.14 22.66 20.14
C PHE F 147 5.36 23.34 18.79
N ALA F 148 4.75 24.51 18.59
CA ALA F 148 4.88 25.22 17.33
C ALA F 148 6.33 25.62 17.00
N LYS F 149 7.12 25.83 18.04
CA LYS F 149 8.52 26.23 17.87
C LYS F 149 9.32 25.18 17.08
N CYS F 150 8.89 23.93 17.15
CA CYS F 150 9.63 22.84 16.51
C CYS F 150 9.51 22.92 14.99
N SER G 8 -58.16 20.98 19.90
CA SER G 8 -58.50 20.38 21.18
C SER G 8 -57.39 20.62 22.21
N GLU G 9 -57.81 20.78 23.47
CA GLU G 9 -56.89 20.97 24.58
C GLU G 9 -56.06 19.71 24.88
N HIS G 10 -56.60 18.55 24.52
CA HIS G 10 -55.94 17.28 24.77
C HIS G 10 -54.61 17.12 24.02
N CYS G 11 -54.41 17.93 23.00
CA CYS G 11 -53.15 17.93 22.23
C CYS G 11 -51.93 18.12 23.13
N SER G 12 -52.14 18.76 24.28
CA SER G 12 -51.06 19.02 25.22
C SER G 12 -50.33 17.76 25.66
N HIS G 13 -51.08 16.68 25.85
CA HIS G 13 -50.53 15.47 26.43
C HIS G 13 -50.67 14.26 25.52
N MET G 14 -50.98 14.50 24.25
CA MET G 14 -51.18 13.41 23.30
C MET G 14 -49.90 12.59 23.13
N ILE G 15 -48.76 13.27 23.08
CA ILE G 15 -47.47 12.60 22.96
C ILE G 15 -46.91 12.25 24.34
N GLY G 16 -46.62 10.97 24.54
CA GLY G 16 -46.09 10.49 25.80
C GLY G 16 -44.65 10.03 25.67
N ASN G 17 -43.97 9.90 26.80
CA ASN G 17 -42.58 9.45 26.81
C ASN G 17 -42.46 7.99 26.39
N GLY G 18 -43.55 7.26 26.46
CA GLY G 18 -43.59 5.89 25.95
C GLY G 18 -43.27 5.87 24.47
N HIS G 19 -43.77 6.87 23.75
CA HIS G 19 -43.52 6.98 22.31
C HIS G 19 -42.07 7.31 22.03
N LEU G 20 -41.54 8.26 22.80
CA LEU G 20 -40.14 8.67 22.65
C LEU G 20 -39.21 7.53 23.05
N LYS G 21 -39.65 6.74 24.01
CA LYS G 21 -38.87 5.58 24.46
C LYS G 21 -38.78 4.50 23.40
N VAL G 22 -39.92 4.07 22.87
CA VAL G 22 -39.94 3.09 21.79
C VAL G 22 -39.14 3.59 20.59
N LEU G 23 -39.21 4.89 20.34
CA LEU G 23 -38.47 5.50 19.25
C LEU G 23 -36.97 5.41 19.47
N GLN G 24 -36.53 5.72 20.69
CA GLN G 24 -35.11 5.68 21.01
C GLN G 24 -34.59 4.24 20.98
N GLN G 25 -35.38 3.31 21.51
CA GLN G 25 -35.05 1.90 21.43
C GLN G 25 -34.87 1.50 19.97
N LEU G 26 -35.86 1.84 19.16
CA LEU G 26 -35.81 1.59 17.72
C LEU G 26 -34.50 2.09 17.12
N ILE G 27 -34.11 3.30 17.48
CA ILE G 27 -32.86 3.90 17.00
C ILE G 27 -31.64 3.06 17.39
N ASP G 28 -31.56 2.69 18.67
CA ASP G 28 -30.38 2.00 19.18
C ASP G 28 -30.23 0.62 18.56
N SER G 29 -31.34 -0.01 18.22
CA SER G 29 -31.32 -1.36 17.68
C SER G 29 -30.82 -1.44 16.23
N GLN G 30 -30.70 -0.28 15.57
CA GLN G 30 -30.26 -0.25 14.18
C GLN G 30 -28.74 -0.43 14.06
N MET G 31 -28.32 -1.22 13.09
CA MET G 31 -26.91 -1.51 12.87
C MET G 31 -26.22 -0.35 12.13
N GLU G 32 -25.03 0.03 12.58
CA GLU G 32 -24.29 1.14 11.98
C GLU G 32 -23.60 0.72 10.69
N THR G 33 -23.87 1.47 9.61
CA THR G 33 -23.29 1.18 8.30
C THR G 33 -22.93 2.49 7.59
N SER G 34 -22.26 2.37 6.45
CA SER G 34 -21.86 3.54 5.68
C SER G 34 -22.92 3.95 4.69
N CYS G 35 -23.82 3.04 4.36
CA CYS G 35 -24.74 3.26 3.25
C CYS G 35 -25.71 4.39 3.52
N GLN G 36 -25.88 5.25 2.52
CA GLN G 36 -26.71 6.44 2.63
C GLN G 36 -27.96 6.33 1.76
N ILE G 37 -29.09 6.79 2.29
CA ILE G 37 -30.35 6.74 1.56
C ILE G 37 -30.86 8.15 1.28
N ALA G 38 -31.77 8.26 0.32
CA ALA G 38 -32.31 9.55 -0.10
C ALA G 38 -33.75 9.75 0.39
N PHE G 39 -34.03 10.93 0.92
CA PHE G 39 -35.36 11.25 1.43
C PHE G 39 -35.60 12.76 1.47
N GLU G 40 -36.85 13.15 1.35
CA GLU G 40 -37.24 14.56 1.41
C GLU G 40 -37.47 15.01 2.84
N PHE G 41 -36.92 16.17 3.19
CA PHE G 41 -37.14 16.75 4.51
C PHE G 41 -37.02 18.27 4.47
N VAL G 42 -37.35 18.93 5.58
CA VAL G 42 -37.35 20.38 5.65
C VAL G 42 -35.95 20.97 5.55
N ASP G 43 -35.79 21.92 4.65
CA ASP G 43 -34.52 22.64 4.52
C ASP G 43 -34.43 23.73 5.57
N GLN G 44 -33.58 23.50 6.57
CA GLN G 44 -33.35 24.46 7.64
C GLN G 44 -32.83 25.80 7.13
N GLU G 45 -32.09 25.76 6.03
CA GLU G 45 -31.47 26.97 5.47
C GLU G 45 -32.51 27.99 5.03
N GLN G 46 -33.66 27.51 4.57
CA GLN G 46 -34.72 28.38 4.08
C GLN G 46 -35.85 28.59 5.08
N LEU G 47 -35.90 27.74 6.10
CA LEU G 47 -36.98 27.80 7.08
C LEU G 47 -36.42 27.60 8.49
N ASP G 48 -36.28 28.70 9.22
CA ASP G 48 -35.66 28.68 10.54
C ASP G 48 -36.65 28.85 11.69
N ASP G 49 -37.81 29.44 11.40
CA ASP G 49 -38.82 29.63 12.42
C ASP G 49 -39.20 28.29 13.05
N PRO G 50 -38.88 28.11 14.35
CA PRO G 50 -39.13 26.84 15.03
C PRO G 50 -40.54 26.30 14.82
N VAL G 51 -41.54 27.14 15.08
CA VAL G 51 -42.93 26.72 15.00
C VAL G 51 -43.28 26.24 13.60
N CYS G 52 -43.02 27.09 12.61
CA CYS G 52 -43.33 26.77 11.22
C CYS G 52 -42.47 25.61 10.70
N TYR G 53 -41.24 25.51 11.19
CA TYR G 53 -40.36 24.40 10.83
C TYR G 53 -41.00 23.07 11.22
N LEU G 54 -41.44 22.99 12.47
CA LEU G 54 -42.09 21.78 12.98
C LEU G 54 -43.40 21.56 12.21
N LYS G 55 -44.13 22.63 11.96
CA LYS G 55 -45.39 22.54 11.23
C LYS G 55 -45.20 21.86 9.89
N LYS G 56 -44.21 22.32 9.14
CA LYS G 56 -43.89 21.72 7.85
C LYS G 56 -43.40 20.28 8.01
N ALA G 57 -42.56 20.07 9.02
CA ALA G 57 -41.95 18.76 9.26
C ALA G 57 -42.98 17.68 9.52
N PHE G 58 -44.05 18.02 10.22
CA PHE G 58 -45.06 17.05 10.64
C PHE G 58 -45.52 16.15 9.50
N PHE G 59 -45.93 16.75 8.38
CA PHE G 59 -46.48 16.00 7.26
C PHE G 59 -45.40 15.16 6.58
N LEU G 60 -44.19 15.70 6.50
CA LEU G 60 -43.08 14.95 5.91
C LEU G 60 -42.77 13.74 6.77
N VAL G 61 -42.92 13.89 8.09
CA VAL G 61 -42.72 12.78 9.00
C VAL G 61 -43.80 11.72 8.80
N GLN G 62 -45.03 12.18 8.57
CA GLN G 62 -46.12 11.26 8.21
C GLN G 62 -45.75 10.38 7.03
N ASP G 63 -45.38 11.02 5.92
CA ASP G 63 -45.03 10.30 4.70
C ASP G 63 -43.85 9.34 4.90
N ILE G 64 -42.79 9.83 5.53
CA ILE G 64 -41.62 9.00 5.80
C ILE G 64 -41.96 7.76 6.63
N ILE G 65 -42.74 7.96 7.70
CA ILE G 65 -43.17 6.86 8.54
C ILE G 65 -43.90 5.81 7.71
N ASP G 66 -44.81 6.26 6.85
CA ASP G 66 -45.64 5.36 6.05
C ASP G 66 -44.83 4.50 5.07
N GLU G 67 -43.94 5.14 4.31
CA GLU G 67 -43.32 4.49 3.15
C GLU G 67 -41.85 4.09 3.36
N THR G 68 -41.21 4.65 4.37
CA THR G 68 -39.77 4.46 4.56
C THR G 68 -39.43 3.51 5.70
N MET G 69 -40.04 3.73 6.85
CA MET G 69 -39.73 2.94 8.03
C MET G 69 -40.45 1.60 7.99
N ARG G 70 -39.88 0.67 7.22
CA ARG G 70 -40.49 -0.64 7.03
C ARG G 70 -39.78 -1.72 7.86
N PHE G 71 -40.55 -2.49 8.59
CA PHE G 71 -40.04 -3.59 9.39
C PHE G 71 -40.89 -4.83 9.16
N LYS G 72 -40.34 -6.01 9.45
CA LYS G 72 -41.12 -7.24 9.34
C LYS G 72 -42.37 -7.13 10.21
N ASP G 73 -43.49 -7.60 9.68
CA ASP G 73 -44.77 -7.51 10.35
C ASP G 73 -44.71 -8.07 11.77
N ASN G 74 -45.35 -7.40 12.72
CA ASN G 74 -45.44 -7.88 14.09
C ASN G 74 -44.11 -7.91 14.84
N THR G 75 -43.09 -7.26 14.29
CA THR G 75 -41.82 -7.10 14.99
C THR G 75 -41.94 -5.93 15.98
N PRO G 76 -41.22 -6.01 17.11
CA PRO G 76 -41.29 -4.92 18.09
C PRO G 76 -41.19 -3.53 17.46
N ASN G 77 -40.25 -3.34 16.55
CA ASN G 77 -40.11 -2.07 15.87
C ASN G 77 -41.28 -1.79 14.92
N ALA G 78 -41.79 -2.85 14.31
CA ALA G 78 -42.96 -2.74 13.44
C ALA G 78 -44.12 -2.18 14.25
N ASN G 79 -44.28 -2.67 15.48
CA ASN G 79 -45.36 -2.21 16.34
C ASN G 79 -45.10 -0.79 16.81
N ALA G 80 -43.84 -0.47 17.07
CA ALA G 80 -43.44 0.89 17.40
C ALA G 80 -43.89 1.85 16.30
N THR G 81 -43.57 1.49 15.05
CA THR G 81 -43.96 2.29 13.91
C THR G 81 -45.47 2.41 13.78
N GLU G 82 -46.18 1.34 14.12
CA GLU G 82 -47.64 1.39 14.10
C GLU G 82 -48.13 2.40 15.12
N ARG G 83 -47.63 2.29 16.35
CA ARG G 83 -47.98 3.23 17.41
C ARG G 83 -47.71 4.67 16.97
N LEU G 84 -46.55 4.90 16.38
CA LEU G 84 -46.17 6.25 15.94
C LEU G 84 -47.07 6.74 14.82
N GLN G 85 -47.45 5.82 13.93
CA GLN G 85 -48.34 6.16 12.84
C GLN G 85 -49.70 6.56 13.39
N GLU G 86 -50.21 5.76 14.33
CA GLU G 86 -51.47 6.06 15.00
C GLU G 86 -51.41 7.42 15.69
N LEU G 87 -50.35 7.64 16.47
CA LEU G 87 -50.13 8.90 17.15
C LEU G 87 -50.19 10.06 16.16
N SER G 88 -49.54 9.88 15.02
CA SER G 88 -49.53 10.89 13.97
C SER G 88 -50.94 11.19 13.46
N ASN G 89 -51.73 10.13 13.27
CA ASN G 89 -53.11 10.29 12.81
C ASN G 89 -53.94 11.10 13.81
N ASN G 90 -53.72 10.85 15.09
CA ASN G 90 -54.40 11.59 16.14
C ASN G 90 -53.93 13.05 16.21
N LEU G 91 -52.65 13.27 15.92
CA LEU G 91 -52.09 14.62 15.96
C LEU G 91 -52.56 15.52 14.83
N ASN G 92 -53.03 14.93 13.73
CA ASN G 92 -53.53 15.72 12.60
C ASN G 92 -54.52 16.80 13.01
N SER G 93 -55.34 16.51 14.02
CA SER G 93 -56.38 17.44 14.44
C SER G 93 -55.82 18.62 15.23
N CYS G 94 -54.52 18.56 15.54
CA CYS G 94 -53.87 19.60 16.34
C CYS G 94 -53.12 20.59 15.44
N PHE G 95 -52.93 20.22 14.19
CA PHE G 95 -52.31 21.11 13.22
C PHE G 95 -53.36 21.64 12.24
N THR G 96 -53.39 22.95 12.06
CA THR G 96 -54.34 23.56 11.13
C THR G 96 -53.77 23.62 9.72
N LYS G 97 -54.64 23.56 8.73
CA LYS G 97 -54.23 23.61 7.33
C LYS G 97 -53.77 25.02 6.96
N ASP G 98 -52.73 25.10 6.15
CA ASP G 98 -52.21 26.39 5.68
C ASP G 98 -52.56 26.59 4.21
N TYR G 99 -51.72 26.07 3.33
CA TYR G 99 -52.00 26.09 1.90
C TYR G 99 -51.33 24.90 1.22
N GLU G 100 -51.85 24.51 0.07
CA GLU G 100 -51.35 23.34 -0.64
C GLU G 100 -50.20 23.75 -1.58
N GLU G 101 -50.16 25.04 -1.91
CA GLU G 101 -49.08 25.58 -2.72
C GLU G 101 -47.73 25.27 -2.09
N GLN G 102 -47.68 25.40 -0.77
CA GLN G 102 -46.41 25.38 -0.06
C GLN G 102 -45.89 23.97 0.22
N ASN G 103 -46.74 22.96 0.06
CA ASN G 103 -46.30 21.58 0.22
C ASN G 103 -45.27 21.18 -0.83
N LYS G 104 -44.13 20.69 -0.38
CA LYS G 104 -42.96 20.43 -1.23
C LYS G 104 -42.15 21.71 -1.50
N ALA G 105 -42.50 22.78 -0.80
CA ALA G 105 -41.70 24.00 -0.78
C ALA G 105 -41.03 24.08 0.59
N CYS G 106 -39.82 24.63 0.65
CA CYS G 106 -39.03 24.59 1.89
C CYS G 106 -38.54 23.16 2.14
N VAL G 107 -38.51 22.37 1.07
CA VAL G 107 -38.19 20.95 1.16
C VAL G 107 -36.98 20.64 0.29
N ARG G 108 -36.10 19.81 0.82
CA ARG G 108 -34.85 19.45 0.15
C ARG G 108 -34.66 17.94 0.10
N THR G 109 -33.75 17.49 -0.77
CA THR G 109 -33.39 16.08 -0.81
C THR G 109 -32.19 15.83 0.11
N PHE G 110 -32.31 14.84 0.98
CA PHE G 110 -31.22 14.53 1.89
C PHE G 110 -30.64 13.15 1.57
N HIS G 111 -29.32 13.06 1.52
CA HIS G 111 -28.65 11.78 1.34
C HIS G 111 -27.80 11.48 2.56
N GLU G 112 -28.40 10.76 3.51
CA GLU G 112 -27.78 10.56 4.81
C GLU G 112 -28.00 9.14 5.32
N THR G 113 -27.37 8.81 6.43
CA THR G 113 -27.48 7.48 7.04
C THR G 113 -28.86 7.32 7.65
N PRO G 114 -29.37 6.08 7.67
CA PRO G 114 -30.67 5.82 8.31
C PRO G 114 -30.73 6.38 9.74
N LEU G 115 -29.62 6.24 10.47
CA LEU G 115 -29.53 6.71 11.84
C LEU G 115 -29.80 8.21 11.91
N GLN G 116 -29.19 8.94 10.98
CA GLN G 116 -29.33 10.38 10.92
C GLN G 116 -30.76 10.78 10.62
N LEU G 117 -31.42 10.02 9.75
CA LEU G 117 -32.83 10.24 9.45
C LEU G 117 -33.65 10.08 10.72
N LEU G 118 -33.44 8.96 11.40
CA LEU G 118 -34.15 8.65 12.64
C LEU G 118 -33.93 9.69 13.73
N GLU G 119 -32.73 10.27 13.77
CA GLU G 119 -32.44 11.36 14.71
C GLU G 119 -33.33 12.56 14.44
N LYS G 120 -33.48 12.91 13.16
CA LYS G 120 -34.35 14.01 12.77
C LYS G 120 -35.77 13.77 13.22
N ILE G 121 -36.26 12.56 13.03
CA ILE G 121 -37.59 12.18 13.47
C ILE G 121 -37.71 12.37 14.99
N LYS G 122 -36.76 11.81 15.73
CA LYS G 122 -36.75 11.94 17.18
C LYS G 122 -36.82 13.40 17.60
N ASN G 123 -35.93 14.22 17.04
CA ASN G 123 -35.92 15.65 17.33
C ASN G 123 -37.28 16.29 17.09
N PHE G 124 -37.92 15.94 15.98
CA PHE G 124 -39.25 16.44 15.67
C PHE G 124 -40.21 16.16 16.82
N PHE G 125 -40.35 14.88 17.17
CA PHE G 125 -41.29 14.47 18.20
C PHE G 125 -40.97 15.14 19.54
N ASN G 126 -39.68 15.25 19.88
CA ASN G 126 -39.27 15.87 21.14
C ASN G 126 -39.69 17.34 21.24
N GLU G 127 -39.24 18.14 20.29
CA GLU G 127 -39.53 19.56 20.29
C GLU G 127 -41.02 19.84 20.15
N THR G 128 -41.67 19.06 19.28
CA THR G 128 -43.12 19.15 19.13
C THR G 128 -43.82 18.90 20.46
N LYS G 129 -43.37 17.87 21.17
CA LYS G 129 -43.94 17.53 22.48
C LYS G 129 -43.82 18.71 23.44
N ASN G 130 -42.61 19.26 23.56
CA ASN G 130 -42.39 20.40 24.43
C ASN G 130 -43.31 21.58 24.11
N LEU G 131 -43.31 22.00 22.84
CA LEU G 131 -44.11 23.14 22.43
C LEU G 131 -45.61 22.92 22.65
N LEU G 132 -46.09 21.68 22.47
CA LEU G 132 -47.49 21.38 22.75
C LEU G 132 -47.80 21.54 24.23
N GLU G 133 -46.88 21.08 25.08
CA GLU G 133 -47.05 21.23 26.53
C GLU G 133 -47.06 22.70 26.95
N LYS G 134 -46.21 23.52 26.33
CA LYS G 134 -46.20 24.95 26.62
C LYS G 134 -47.51 25.62 26.18
N ASP G 135 -47.92 25.36 24.94
CA ASP G 135 -49.14 25.95 24.39
C ASP G 135 -49.74 25.00 23.35
N TRP G 136 -50.74 24.22 23.76
CA TRP G 136 -51.40 23.29 22.85
C TRP G 136 -52.04 23.96 21.63
N ASN G 137 -52.06 25.28 21.61
CA ASN G 137 -52.55 26.02 20.45
C ASN G 137 -51.44 26.62 19.58
N ILE G 138 -50.20 26.26 19.88
CA ILE G 138 -49.06 26.82 19.16
C ILE G 138 -49.13 26.55 17.65
N PHE G 139 -49.63 25.38 17.28
CA PHE G 139 -49.65 24.96 15.87
C PHE G 139 -50.90 25.38 15.11
N THR G 140 -51.65 26.33 15.66
CA THR G 140 -52.70 26.99 14.91
C THR G 140 -52.12 28.12 14.06
N LYS G 141 -50.85 28.44 14.29
CA LYS G 141 -50.20 29.56 13.63
C LYS G 141 -50.30 29.52 12.11
N ASN G 142 -50.48 30.68 11.50
CA ASN G 142 -50.46 30.82 10.05
C ASN G 142 -49.02 31.02 9.60
N CYS G 143 -48.49 30.07 8.85
CA CYS G 143 -47.09 30.11 8.43
C CYS G 143 -46.96 30.40 6.93
N ASN G 144 -48.03 30.89 6.31
CA ASN G 144 -48.03 31.18 4.89
C ASN G 144 -46.83 32.03 4.46
N ASN G 145 -46.47 32.99 5.31
CA ASN G 145 -45.33 33.85 5.04
C ASN G 145 -44.01 33.09 5.12
N SER G 146 -43.80 32.42 6.25
CA SER G 146 -42.58 31.64 6.48
C SER G 146 -42.32 30.65 5.35
N PHE G 147 -43.39 29.99 4.90
CA PHE G 147 -43.34 29.05 3.79
C PHE G 147 -42.99 29.78 2.49
N ALA G 148 -43.62 30.94 2.30
CA ALA G 148 -43.42 31.76 1.12
C ALA G 148 -41.96 32.19 0.97
N LYS G 149 -41.24 32.26 2.09
CA LYS G 149 -39.84 32.68 2.07
C LYS G 149 -38.96 31.81 1.17
N CYS G 150 -39.34 30.55 1.00
CA CYS G 150 -38.54 29.62 0.22
C CYS G 150 -38.57 29.96 -1.26
N GLU H 9 -16.32 -32.82 24.76
CA GLU H 9 -17.66 -33.40 24.66
C GLU H 9 -18.73 -32.35 24.88
N HIS H 10 -18.39 -31.30 25.61
CA HIS H 10 -19.32 -30.22 25.91
C HIS H 10 -19.77 -29.45 24.66
N CYS H 11 -19.02 -29.59 23.58
CA CYS H 11 -19.36 -28.95 22.31
C CYS H 11 -20.78 -29.29 21.84
N SER H 12 -21.29 -30.43 22.27
CA SER H 12 -22.63 -30.87 21.90
C SER H 12 -23.71 -29.84 22.24
N HIS H 13 -23.56 -29.19 23.39
CA HIS H 13 -24.59 -28.31 23.93
C HIS H 13 -24.11 -26.88 24.13
N MET H 14 -22.96 -26.53 23.55
CA MET H 14 -22.40 -25.19 23.72
C MET H 14 -23.34 -24.12 23.20
N ILE H 15 -23.96 -24.39 22.05
CA ILE H 15 -24.93 -23.47 21.46
C ILE H 15 -26.32 -23.72 21.99
N GLY H 16 -26.94 -22.70 22.56
CA GLY H 16 -28.28 -22.79 23.12
C GLY H 16 -29.27 -22.00 22.31
N ASN H 17 -30.56 -22.29 22.51
CA ASN H 17 -31.62 -21.57 21.79
C ASN H 17 -31.72 -20.12 22.21
N GLY H 18 -31.17 -19.79 23.38
CA GLY H 18 -31.09 -18.42 23.83
C GLY H 18 -30.29 -17.59 22.84
N HIS H 19 -29.23 -18.20 22.31
CA HIS H 19 -28.37 -17.53 21.34
C HIS H 19 -29.08 -17.32 20.00
N LEU H 20 -29.77 -18.36 19.52
CA LEU H 20 -30.50 -18.27 18.25
C LEU H 20 -31.67 -17.29 18.34
N LYS H 21 -32.27 -17.21 19.52
CA LYS H 21 -33.38 -16.28 19.76
C LYS H 21 -32.90 -14.83 19.73
N VAL H 22 -31.87 -14.54 20.51
CA VAL H 22 -31.27 -13.21 20.53
C VAL H 22 -30.83 -12.81 19.12
N LEU H 23 -30.33 -13.79 18.36
CA LEU H 23 -29.91 -13.55 16.98
C LEU H 23 -31.09 -13.18 16.08
N GLN H 24 -32.19 -13.92 16.21
CA GLN H 24 -33.39 -13.69 15.40
C GLN H 24 -34.03 -12.34 15.73
N GLN H 25 -34.10 -12.01 17.02
CA GLN H 25 -34.59 -10.71 17.44
C GLN H 25 -33.76 -9.61 16.79
N LEU H 26 -32.44 -9.74 16.91
CA LEU H 26 -31.51 -8.83 16.29
C LEU H 26 -31.83 -8.65 14.81
N ILE H 27 -32.08 -9.76 14.11
CA ILE H 27 -32.42 -9.72 12.70
C ILE H 27 -33.70 -8.93 12.43
N ASP H 28 -34.75 -9.24 13.19
CA ASP H 28 -36.06 -8.65 12.97
C ASP H 28 -36.08 -7.15 13.25
N SER H 29 -35.25 -6.71 14.18
CA SER H 29 -35.21 -5.31 14.59
C SER H 29 -34.54 -4.40 13.55
N GLN H 30 -33.88 -5.00 12.56
CA GLN H 30 -33.19 -4.25 11.52
C GLN H 30 -34.16 -3.70 10.47
N MET H 31 -33.93 -2.45 10.06
CA MET H 31 -34.76 -1.78 9.07
C MET H 31 -34.43 -2.27 7.67
N GLU H 32 -35.46 -2.52 6.88
CA GLU H 32 -35.29 -3.03 5.52
C GLU H 32 -34.92 -1.90 4.57
N THR H 33 -33.81 -2.07 3.85
CA THR H 33 -33.32 -1.04 2.93
C THR H 33 -32.78 -1.66 1.66
N SER H 34 -32.44 -0.82 0.69
CA SER H 34 -31.90 -1.28 -0.58
C SER H 34 -30.39 -1.36 -0.55
N CYS H 35 -29.78 -0.69 0.41
CA CYS H 35 -28.32 -0.50 0.40
C CYS H 35 -27.57 -1.81 0.62
N GLN H 36 -26.53 -2.02 -0.19
CA GLN H 36 -25.76 -3.26 -0.17
C GLN H 36 -24.34 -3.05 0.35
N ILE H 37 -23.87 -4.00 1.16
CA ILE H 37 -22.52 -3.93 1.71
C ILE H 37 -21.67 -5.10 1.21
N ALA H 38 -20.35 -4.96 1.31
CA ALA H 38 -19.42 -5.98 0.83
C ALA H 38 -18.75 -6.76 1.95
N PHE H 39 -18.69 -8.09 1.80
CA PHE H 39 -18.09 -8.96 2.79
C PHE H 39 -17.65 -10.30 2.20
N GLU H 40 -16.63 -10.93 2.79
CA GLU H 40 -16.16 -12.23 2.34
C GLU H 40 -16.93 -13.36 2.99
N PHE H 41 -17.35 -14.34 2.18
CA PHE H 41 -18.02 -15.51 2.72
C PHE H 41 -17.79 -16.73 1.82
N VAL H 42 -18.22 -17.89 2.29
CA VAL H 42 -18.02 -19.15 1.58
C VAL H 42 -18.82 -19.23 0.28
N ASP H 43 -18.13 -19.56 -0.81
CA ASP H 43 -18.78 -19.77 -2.10
C ASP H 43 -19.37 -21.17 -2.16
N GLN H 44 -20.69 -21.27 -2.11
CA GLN H 44 -21.38 -22.55 -2.19
C GLN H 44 -21.09 -23.28 -3.50
N GLU H 45 -20.84 -22.52 -4.57
CA GLU H 45 -20.63 -23.10 -5.89
C GLU H 45 -19.39 -23.99 -5.93
N GLN H 46 -18.38 -23.65 -5.13
CA GLN H 46 -17.14 -24.42 -5.12
C GLN H 46 -17.02 -25.37 -3.91
N LEU H 47 -17.86 -25.16 -2.90
CA LEU H 47 -17.81 -25.97 -1.69
C LEU H 47 -19.23 -26.31 -1.22
N ASP H 48 -19.66 -27.54 -1.49
CA ASP H 48 -21.02 -27.96 -1.19
C ASP H 48 -21.12 -28.89 0.01
N ASP H 49 -20.01 -29.56 0.34
CA ASP H 49 -20.00 -30.47 1.48
C ASP H 49 -20.41 -29.73 2.74
N PRO H 50 -21.55 -30.11 3.33
CA PRO H 50 -22.11 -29.43 4.51
C PRO H 50 -21.08 -29.25 5.63
N VAL H 51 -20.40 -30.34 6.00
CA VAL H 51 -19.48 -30.29 7.12
C VAL H 51 -18.33 -29.31 6.86
N CYS H 52 -17.66 -29.47 5.73
CA CYS H 52 -16.54 -28.60 5.37
C CYS H 52 -16.99 -27.17 5.11
N TYR H 53 -18.19 -27.02 4.57
CA TYR H 53 -18.76 -25.69 4.36
C TYR H 53 -18.86 -24.93 5.68
N LEU H 54 -19.44 -25.57 6.68
CA LEU H 54 -19.61 -24.98 7.99
C LEU H 54 -18.26 -24.71 8.65
N LYS H 55 -17.33 -25.66 8.53
CA LYS H 55 -16.00 -25.51 9.13
C LYS H 55 -15.33 -24.25 8.61
N LYS H 56 -15.36 -24.07 7.30
CA LYS H 56 -14.80 -22.90 6.66
C LYS H 56 -15.57 -21.65 7.08
N ALA H 57 -16.89 -21.77 7.13
CA ALA H 57 -17.75 -20.66 7.46
C ALA H 57 -17.46 -20.11 8.86
N PHE H 58 -17.16 -21.01 9.79
CA PHE H 58 -16.95 -20.65 11.19
C PHE H 58 -16.01 -19.46 11.38
N PHE H 59 -14.84 -19.52 10.78
CA PHE H 59 -13.83 -18.48 10.96
C PHE H 59 -14.24 -17.15 10.32
N LEU H 60 -14.88 -17.24 9.15
CA LEU H 60 -15.37 -16.06 8.47
C LEU H 60 -16.44 -15.38 9.31
N VAL H 61 -17.25 -16.18 9.99
CA VAL H 61 -18.28 -15.65 10.89
C VAL H 61 -17.66 -14.93 12.08
N GLN H 62 -16.57 -15.48 12.61
CA GLN H 62 -15.82 -14.82 13.66
C GLN H 62 -15.44 -13.41 13.26
N ASP H 63 -14.74 -13.29 12.12
CA ASP H 63 -14.29 -12.01 11.62
C ASP H 63 -15.45 -11.04 11.37
N ILE H 64 -16.50 -11.52 10.70
CA ILE H 64 -17.65 -10.68 10.43
C ILE H 64 -18.26 -10.15 11.72
N ILE H 65 -18.44 -11.02 12.71
CA ILE H 65 -18.97 -10.62 14.00
C ILE H 65 -18.09 -9.52 14.59
N ASP H 66 -16.78 -9.73 14.53
CA ASP H 66 -15.81 -8.80 15.11
C ASP H 66 -15.86 -7.42 14.45
N GLU H 67 -15.82 -7.39 13.12
CA GLU H 67 -15.56 -6.15 12.39
C GLU H 67 -16.79 -5.56 11.71
N THR H 68 -17.85 -6.35 11.56
CA THR H 68 -19.01 -5.92 10.79
C THR H 68 -20.23 -5.55 11.64
N MET H 69 -20.59 -6.43 12.57
CA MET H 69 -21.79 -6.24 13.37
C MET H 69 -21.57 -5.26 14.51
N ARG H 70 -21.63 -3.97 14.19
CA ARG H 70 -21.39 -2.90 15.17
C ARG H 70 -22.68 -2.24 15.62
N PHE H 71 -22.84 -2.12 16.94
CA PHE H 71 -23.99 -1.46 17.53
C PHE H 71 -23.52 -0.49 18.61
N LYS H 72 -24.36 0.48 18.94
CA LYS H 72 -24.08 1.43 20.00
C LYS H 72 -23.82 0.68 21.31
N ASP H 73 -22.82 1.13 22.06
CA ASP H 73 -22.43 0.46 23.29
C ASP H 73 -23.60 0.25 24.25
N ASN H 74 -23.63 -0.92 24.87
CA ASN H 74 -24.62 -1.25 25.90
C ASN H 74 -26.06 -1.37 25.41
N THR H 75 -26.26 -1.42 24.09
CA THR H 75 -27.57 -1.69 23.51
C THR H 75 -27.82 -3.19 23.52
N PRO H 76 -29.10 -3.59 23.66
CA PRO H 76 -29.46 -5.02 23.67
C PRO H 76 -28.76 -5.81 22.58
N ASN H 77 -28.75 -5.28 21.36
CA ASN H 77 -28.07 -5.94 20.25
C ASN H 77 -26.55 -5.95 20.41
N ALA H 78 -25.99 -4.90 20.99
CA ALA H 78 -24.55 -4.87 21.27
C ALA H 78 -24.16 -6.02 22.19
N ASN H 79 -24.99 -6.25 23.20
CA ASN H 79 -24.75 -7.33 24.16
C ASN H 79 -24.99 -8.68 23.50
N ALA H 80 -25.98 -8.74 22.62
CA ALA H 80 -26.23 -9.93 21.82
C ALA H 80 -24.95 -10.31 21.07
N THR H 81 -24.36 -9.32 20.41
CA THR H 81 -23.12 -9.51 19.66
C THR H 81 -21.98 -9.95 20.59
N GLU H 82 -21.97 -9.42 21.80
CA GLU H 82 -20.98 -9.83 22.80
C GLU H 82 -21.15 -11.31 23.14
N ARG H 83 -22.38 -11.70 23.46
CA ARG H 83 -22.69 -13.09 23.75
C ARG H 83 -22.23 -14.01 22.62
N LEU H 84 -22.54 -13.62 21.38
CA LEU H 84 -22.18 -14.41 20.21
C LEU H 84 -20.66 -14.49 20.03
N GLN H 85 -19.96 -13.40 20.34
CA GLN H 85 -18.50 -13.38 20.24
C GLN H 85 -17.88 -14.35 21.24
N GLU H 86 -18.36 -14.31 22.48
CA GLU H 86 -17.92 -15.23 23.51
C GLU H 86 -18.17 -16.67 23.09
N LEU H 87 -19.38 -16.94 22.65
CA LEU H 87 -19.75 -18.27 22.16
C LEU H 87 -18.76 -18.74 21.10
N SER H 88 -18.41 -17.85 20.17
CA SER H 88 -17.45 -18.16 19.12
C SER H 88 -16.09 -18.54 19.71
N ASN H 89 -15.65 -17.78 20.71
CA ASN H 89 -14.37 -18.04 21.38
C ASN H 89 -14.34 -19.42 22.04
N ASN H 90 -15.44 -19.80 22.67
CA ASN H 90 -15.56 -21.13 23.28
C ASN H 90 -15.60 -22.22 22.23
N LEU H 91 -16.18 -21.89 21.08
CA LEU H 91 -16.30 -22.84 19.96
C LEU H 91 -14.95 -23.13 19.31
N ASN H 92 -13.98 -22.24 19.48
CA ASN H 92 -12.65 -22.45 18.90
C ASN H 92 -12.11 -23.85 19.17
N SER H 93 -12.41 -24.38 20.36
CA SER H 93 -11.89 -25.68 20.78
C SER H 93 -12.58 -26.87 20.11
N CYS H 94 -13.67 -26.61 19.38
CA CYS H 94 -14.43 -27.69 18.74
C CYS H 94 -14.07 -27.89 17.28
N PHE H 95 -13.37 -26.93 16.69
CA PHE H 95 -12.89 -27.05 15.32
C PHE H 95 -11.38 -27.29 15.28
N THR H 96 -10.97 -28.32 14.54
CA THR H 96 -9.55 -28.65 14.40
C THR H 96 -8.93 -27.89 13.23
N LYS H 97 -7.64 -27.57 13.33
CA LYS H 97 -6.93 -26.86 12.26
C LYS H 97 -6.71 -27.77 11.05
N ASP H 98 -6.84 -27.20 9.85
CA ASP H 98 -6.61 -27.94 8.61
C ASP H 98 -5.29 -27.52 7.95
N TYR H 99 -5.34 -26.47 7.14
CA TYR H 99 -4.14 -25.89 6.54
C TYR H 99 -4.30 -24.40 6.28
N GLU H 100 -3.17 -23.71 6.16
CA GLU H 100 -3.17 -22.27 5.99
C GLU H 100 -3.24 -21.91 4.51
N GLU H 101 -2.86 -22.86 3.67
CA GLU H 101 -2.95 -22.68 2.22
C GLU H 101 -4.38 -22.32 1.83
N GLN H 102 -5.34 -22.97 2.46
CA GLN H 102 -6.74 -22.91 2.04
C GLN H 102 -7.47 -21.67 2.53
N ASN H 103 -6.90 -20.95 3.49
CA ASN H 103 -7.51 -19.71 3.95
C ASN H 103 -7.54 -18.69 2.83
N LYS H 104 -8.73 -18.16 2.56
CA LYS H 104 -8.97 -17.30 1.39
C LYS H 104 -9.17 -18.12 0.11
N ALA H 105 -9.28 -19.44 0.27
CA ALA H 105 -9.70 -20.30 -0.83
C ALA H 105 -11.12 -20.78 -0.55
N CYS H 106 -11.90 -20.95 -1.62
CA CYS H 106 -13.32 -21.24 -1.53
C CYS H 106 -14.08 -20.02 -1.02
N VAL H 107 -13.46 -18.85 -1.14
CA VAL H 107 -14.05 -17.62 -0.58
C VAL H 107 -14.26 -16.57 -1.66
N ARG H 108 -15.40 -15.90 -1.62
CA ARG H 108 -15.76 -14.91 -2.62
C ARG H 108 -16.21 -13.63 -1.93
N THR H 109 -16.26 -12.54 -2.68
CA THR H 109 -16.81 -11.29 -2.20
C THR H 109 -18.31 -11.22 -2.49
N PHE H 110 -19.08 -10.87 -1.48
CA PHE H 110 -20.53 -10.77 -1.60
C PHE H 110 -20.96 -9.32 -1.44
N HIS H 111 -21.84 -8.85 -2.33
CA HIS H 111 -22.42 -7.51 -2.21
C HIS H 111 -23.92 -7.64 -2.01
N GLU H 112 -24.33 -7.66 -0.75
CA GLU H 112 -25.71 -7.97 -0.40
C GLU H 112 -26.22 -7.11 0.74
N THR H 113 -27.52 -7.23 1.03
CA THR H 113 -28.15 -6.48 2.09
C THR H 113 -27.69 -6.97 3.46
N PRO H 114 -27.64 -6.07 4.44
CA PRO H 114 -27.29 -6.51 5.80
C PRO H 114 -28.15 -7.67 6.26
N LEU H 115 -29.44 -7.63 5.93
CA LEU H 115 -30.37 -8.67 6.35
C LEU H 115 -29.93 -10.02 5.82
N GLN H 116 -29.52 -10.05 4.56
CA GLN H 116 -29.06 -11.28 3.93
C GLN H 116 -27.81 -11.82 4.60
N LEU H 117 -26.90 -10.93 4.99
CA LEU H 117 -25.70 -11.33 5.71
C LEU H 117 -26.10 -12.00 7.03
N LEU H 118 -26.96 -11.32 7.81
CA LEU H 118 -27.41 -11.86 9.10
C LEU H 118 -28.13 -13.19 8.91
N GLU H 119 -28.83 -13.36 7.79
CA GLU H 119 -29.47 -14.63 7.47
C GLU H 119 -28.42 -15.73 7.34
N LYS H 120 -27.32 -15.41 6.64
CA LYS H 120 -26.22 -16.35 6.49
C LYS H 120 -25.67 -16.78 7.85
N ILE H 121 -25.47 -15.81 8.75
CA ILE H 121 -24.99 -16.10 10.10
C ILE H 121 -25.97 -17.02 10.84
N LYS H 122 -27.25 -16.66 10.83
CA LYS H 122 -28.26 -17.49 11.49
C LYS H 122 -28.20 -18.92 11.00
N ASN H 123 -28.20 -19.09 9.68
CA ASN H 123 -28.13 -20.42 9.08
C ASN H 123 -26.90 -21.19 9.58
N PHE H 124 -25.76 -20.52 9.62
CA PHE H 124 -24.54 -21.12 10.13
C PHE H 124 -24.75 -21.69 11.55
N PHE H 125 -25.15 -20.82 12.47
CA PHE H 125 -25.30 -21.21 13.88
C PHE H 125 -26.34 -22.33 14.04
N ASN H 126 -27.42 -22.24 13.30
CA ASN H 126 -28.47 -23.24 13.36
C ASN H 126 -27.96 -24.62 12.93
N GLU H 127 -27.44 -24.70 11.72
CA GLU H 127 -26.96 -25.97 11.18
C GLU H 127 -25.76 -26.51 11.97
N THR H 128 -24.86 -25.62 12.36
CA THR H 128 -23.75 -26.00 13.22
C THR H 128 -24.25 -26.63 14.52
N LYS H 129 -25.26 -26.00 15.12
CA LYS H 129 -25.86 -26.49 16.35
C LYS H 129 -26.39 -27.92 16.17
N ASN H 130 -27.19 -28.11 15.12
CA ASN H 130 -27.76 -29.42 14.83
C ASN H 130 -26.70 -30.52 14.69
N LEU H 131 -25.71 -30.28 13.82
CA LEU H 131 -24.67 -31.26 13.58
C LEU H 131 -23.84 -31.57 14.84
N LEU H 132 -23.62 -30.57 15.68
CA LEU H 132 -22.92 -30.79 16.94
C LEU H 132 -23.72 -31.69 17.87
N GLU H 133 -25.03 -31.47 17.93
CA GLU H 133 -25.91 -32.31 18.73
C GLU H 133 -25.92 -33.75 18.21
N LYS H 134 -25.92 -33.92 16.89
CA LYS H 134 -25.85 -35.24 16.29
C LYS H 134 -24.51 -35.92 16.58
N ASP H 135 -23.42 -35.18 16.35
CA ASP H 135 -22.08 -35.72 16.58
C ASP H 135 -21.11 -34.60 16.93
N TRP H 136 -20.86 -34.41 18.22
CA TRP H 136 -19.93 -33.39 18.71
C TRP H 136 -18.48 -33.54 18.24
N ASN H 137 -18.16 -34.64 17.57
CA ASN H 137 -16.84 -34.81 16.96
C ASN H 137 -16.84 -34.61 15.45
N ILE H 138 -17.97 -34.16 14.90
CA ILE H 138 -18.12 -34.00 13.46
C ILE H 138 -17.07 -33.05 12.84
N PHE H 139 -16.72 -31.99 13.56
CA PHE H 139 -15.83 -30.96 13.02
C PHE H 139 -14.34 -31.22 13.27
N THR H 140 -14.00 -32.45 13.62
CA THR H 140 -12.61 -32.88 13.61
C THR H 140 -12.20 -33.29 12.20
N LYS H 141 -13.18 -33.37 11.31
CA LYS H 141 -12.96 -33.86 9.94
C LYS H 141 -11.86 -33.13 9.20
N ASN H 142 -11.10 -33.89 8.41
CA ASN H 142 -10.09 -33.33 7.52
C ASN H 142 -10.72 -32.91 6.20
N CYS H 143 -10.72 -31.62 5.92
CA CYS H 143 -11.36 -31.10 4.71
C CYS H 143 -10.37 -30.61 3.67
N ASN H 144 -9.10 -31.00 3.81
CA ASN H 144 -8.07 -30.56 2.87
C ASN H 144 -8.47 -30.82 1.42
N ASN H 145 -9.12 -31.95 1.17
CA ASN H 145 -9.57 -32.27 -0.18
C ASN H 145 -10.69 -31.34 -0.62
N SER H 146 -11.74 -31.26 0.19
CA SER H 146 -12.88 -30.41 -0.14
C SER H 146 -12.44 -28.97 -0.42
N PHE H 147 -11.51 -28.48 0.38
CA PHE H 147 -10.96 -27.14 0.17
C PHE H 147 -10.13 -27.05 -1.12
N ALA H 148 -9.27 -28.04 -1.35
CA ALA H 148 -8.42 -28.04 -2.54
C ALA H 148 -9.21 -28.07 -3.83
N LYS H 149 -10.40 -28.67 -3.79
CA LYS H 149 -11.25 -28.79 -4.97
C LYS H 149 -11.62 -27.42 -5.53
N CYS H 150 -11.65 -26.42 -4.66
CA CYS H 150 -12.06 -25.07 -5.05
C CYS H 150 -11.02 -24.42 -5.96
C1 NAG I . 33.12 -7.21 -12.42
C2 NAG I . 32.90 -6.25 -13.58
C3 NAG I . 34.06 -5.27 -13.72
C4 NAG I . 34.43 -4.64 -12.39
C5 NAG I . 34.46 -5.66 -11.26
C6 NAG I . 34.60 -4.95 -9.92
C7 NAG I . 33.44 -8.00 -15.21
C8 NAG I . 33.19 -8.54 -16.59
N2 NAG I . 32.69 -6.96 -14.84
O3 NAG I . 33.72 -4.26 -14.65
O4 NAG I . 35.72 -4.03 -12.48
O5 NAG I . 33.30 -6.45 -11.25
O6 NAG I . 35.10 -5.84 -8.95
O7 NAG I . 34.29 -8.51 -14.48
C1 NAG I . 35.64 -2.60 -12.28
C2 NAG I . 36.99 -1.96 -12.54
C3 NAG I . 36.93 -0.45 -12.36
C4 NAG I . 35.75 0.17 -13.11
C5 NAG I . 34.48 -0.61 -12.81
C6 NAG I . 33.30 -0.13 -13.65
C7 NAG I . 37.74 -2.79 -10.37
C8 NAG I . 38.61 -3.81 -9.72
N2 NAG I . 38.00 -2.51 -11.65
O3 NAG I . 38.14 0.13 -12.81
O4 NAG I . 35.62 1.52 -12.72
O5 NAG I . 34.66 -1.99 -13.09
O6 NAG I . 33.30 -0.78 -14.90
O7 NAG I . 36.84 -2.24 -9.74
C1 BMA I . 35.78 2.41 -13.85
C2 BMA I . 34.51 3.27 -14.00
C3 BMA I . 34.61 4.12 -15.25
C4 BMA I . 35.90 4.95 -15.20
C5 BMA I . 37.10 4.03 -14.93
C6 BMA I . 38.38 4.85 -14.80
O2 BMA I . 34.37 4.09 -12.86
O3 BMA I . 33.50 4.98 -15.33
O4 BMA I . 36.05 5.63 -16.42
O5 BMA I . 36.89 3.28 -13.75
O6 BMA I . 39.46 3.99 -14.57
C1 NAG J . -18.91 17.59 -25.38
C2 NAG J . -17.92 17.20 -26.49
C3 NAG J . -18.59 16.47 -27.65
C4 NAG J . -19.52 15.36 -27.18
C5 NAG J . -20.42 15.90 -26.08
C6 NAG J . -21.32 14.80 -25.52
C7 NAG J . -15.98 18.30 -27.47
C8 NAG J . -15.40 19.56 -28.04
N2 NAG J . -17.22 18.38 -26.99
O3 NAG J . -17.62 15.93 -28.53
O4 NAG J . -20.31 14.92 -28.28
O5 NAG J . -19.66 16.46 -25.01
O6 NAG J . -22.20 15.37 -24.59
O7 NAG J . -15.32 17.26 -27.47
C1 NAG J . -19.88 13.66 -28.85
C2 NAG J . -21.03 13.10 -29.70
C3 NAG J . -20.65 11.83 -30.46
C4 NAG J . -19.28 11.91 -31.13
C5 NAG J . -18.26 12.52 -30.16
C6 NAG J . -16.93 12.74 -30.89
C7 NAG J . -23.19 13.74 -28.79
C8 NAG J . -24.34 13.38 -27.89
N2 NAG J . -22.18 12.87 -28.85
O3 NAG J . -21.64 11.59 -31.45
O4 NAG J . -18.86 10.61 -31.53
O5 NAG J . -18.71 13.75 -29.64
O6 NAG J . -15.99 13.27 -29.98
O7 NAG J . -23.21 14.80 -29.42
C1 BMA J . -18.43 10.54 -32.92
C2 BMA J . -17.19 9.64 -33.03
C3 BMA J . -16.73 9.46 -34.48
C4 BMA J . -17.91 9.06 -35.34
C5 BMA J . -19.04 10.06 -35.14
C6 BMA J . -20.23 9.73 -36.05
O2 BMA J . -17.51 8.36 -32.50
O3 BMA J . -15.68 8.50 -34.57
O4 BMA J . -17.55 9.01 -36.70
O5 BMA J . -19.45 10.07 -33.78
O6 BMA J . -21.23 10.71 -35.94
C1 MAN J . -14.40 9.15 -34.73
C2 MAN J . -13.94 9.16 -36.19
C3 MAN J . -13.62 7.75 -36.65
C4 MAN J . -12.56 7.17 -35.73
C5 MAN J . -13.02 7.25 -34.28
C6 MAN J . -11.90 6.78 -33.37
O2 MAN J . -12.77 9.95 -36.32
O3 MAN J . -13.14 7.76 -37.98
O4 MAN J . -12.29 5.83 -36.08
O5 MAN J . -13.37 8.58 -33.94
O6 MAN J . -12.35 6.75 -32.02
C1 NAG K . -7.98 2.10 -25.39
C2 NAG K . -8.37 3.48 -25.92
C3 NAG K . -7.22 4.48 -25.84
C4 NAG K . -6.57 4.47 -24.46
C5 NAG K . -6.29 3.03 -24.01
C6 NAG K . -5.74 3.06 -22.59
C7 NAG K . -8.40 2.63 -28.22
C8 NAG K . -9.14 2.63 -29.53
N2 NAG K . -8.91 3.42 -27.27
O3 NAG K . -7.69 5.78 -26.12
O4 NAG K . -5.37 5.20 -24.46
O5 NAG K . -7.46 2.23 -24.09
O6 NAG K . -5.44 1.75 -22.14
O7 NAG K . -7.41 1.93 -28.07
C1 NAG K . -5.62 6.61 -24.24
C2 NAG K . -4.31 7.32 -23.86
C3 NAG K . -4.48 8.83 -23.74
C4 NAG K . -5.27 9.41 -24.90
C5 NAG K . -6.54 8.61 -25.15
C6 NAG K . -7.29 9.13 -26.37
C7 NAG K . -2.47 6.71 -22.39
C8 NAG K . -2.05 6.25 -21.03
N2 NAG K . -3.78 6.78 -22.63
O3 NAG K . -3.22 9.45 -23.66
O4 NAG K . -5.59 10.76 -24.62
O5 NAG K . -6.22 7.25 -25.36
O6 NAG K . -6.60 8.80 -27.55
O7 NAG K . -1.63 7.00 -23.24
C1 BMA K . -5.09 11.62 -25.67
C2 BMA K . -6.09 12.77 -25.89
C3 BMA K . -5.63 13.68 -27.02
C4 BMA K . -4.16 14.05 -26.85
C5 BMA K . -3.31 12.82 -26.57
C6 BMA K . -1.84 13.18 -26.35
O2 BMA K . -6.21 13.52 -24.70
O3 BMA K . -6.42 14.85 -27.03
O4 BMA K . -3.70 14.68 -28.03
O5 BMA K . -3.81 12.16 -25.43
O6 BMA K . -1.09 12.00 -26.17
C1 NAG L . 22.15 8.23 -12.04
C2 NAG L . 22.88 7.83 -13.34
C3 NAG L . 22.03 7.00 -14.30
C4 NAG L . 21.24 5.92 -13.58
C5 NAG L . 20.56 6.51 -12.35
C6 NAG L . 19.77 5.44 -11.60
C7 NAG L . 24.63 9.22 -14.31
C8 NAG L . 24.97 10.47 -15.07
N2 NAG L . 23.34 9.02 -14.02
O3 NAG L . 22.85 6.41 -15.27
O4 NAG L . 20.25 5.40 -14.44
O5 NAG L . 21.51 7.09 -11.49
O6 NAG L . 18.75 6.06 -10.85
O7 NAG L . 25.51 8.43 -14.00
C1 NAG L . 20.62 4.15 -15.09
C2 NAG L . 19.35 3.55 -15.69
C3 NAG L . 19.61 2.29 -16.50
C4 NAG L . 20.84 2.38 -17.39
C5 NAG L . 21.99 3.08 -16.68
C6 NAG L . 23.12 3.38 -17.67
C7 NAG L . 17.31 4.00 -14.46
C8 NAG L . 16.30 3.49 -13.47
N2 NAG L . 18.40 3.27 -14.63
O3 NAG L . 18.48 2.01 -17.30
O4 NAG L . 21.22 1.06 -17.73
O5 NAG L . 21.59 4.30 -16.09
O6 NAG L . 22.69 4.36 -18.59
O7 NAG L . 17.09 5.05 -15.07
C1 BMA L . 21.28 0.84 -19.16
C2 BMA L . 22.63 0.18 -19.47
C3 BMA L . 22.74 -0.29 -20.91
C4 BMA L . 21.49 -1.05 -21.33
C5 BMA L . 20.26 -0.22 -21.02
C6 BMA L . 19.00 -0.95 -21.47
O2 BMA L . 22.84 -0.91 -18.60
O3 BMA L . 23.86 -1.15 -21.03
O4 BMA L . 21.55 -1.33 -22.71
O5 BMA L . 20.22 0.02 -19.62
O6 BMA L . 17.88 -0.10 -21.36
#